data_4I8V
#
_entry.id   4I8V
#
_cell.length_a   65.003
_cell.length_b   195.491
_cell.length_c   235.855
_cell.angle_alpha   90.00
_cell.angle_beta   90.00
_cell.angle_gamma   90.00
#
_symmetry.space_group_name_H-M   'P 21 21 21'
#
loop_
_entity.id
_entity.type
_entity.pdbx_description
1 polymer 'Cytochrome P450 1A1'
2 non-polymer 'PROTOPORPHYRIN IX CONTAINING FE'
3 non-polymer 2-PHENYL-4H-BENZO[H]CHROMEN-4-ONE
4 non-polymer 'NITRATE ION'
5 water water
#
_entity_poly.entity_id   1
_entity_poly.type   'polypeptide(L)'
_entity_poly.pdbx_seq_one_letter_code
;MAKKTSSKGLKNPPGPWGWPLIGHMLTLGKNPHLALSRMSQQYGDVLQIRIGSTPVVVLSGLDTIRQALVRQGDDFKGRP
DLYTFTLISNGQSMSFSPDSGPVWAARRRLAQNGLKSFSIASDPASSTSCYLEEHVSKEAEVLISTLQELMAGPGHFNPY
RYVVVSVTNVICAICFGRRYDHNHQELLSLVNLNNNFGEVVGSGNPADFIPILRYLPNPSLNAFKDLNEKFYSFMQKMVK
EHYKTFEKGHIRDITDSLIEHCQEKQLDENANVQLSDEKIINIVLDLFGAGFDTVTTAISWSLMYLVMNPRVQRKIQEEL
DTVIGRSRRPRLSDRSHLPYMEAFILETFRHSSFVPFTIPHSTTRDTSLKGFYIPKGRCVFVNQWQINHDQKLWVNPSEF
LPERFLTPDGAIDKVLSEKVIIFGMGKRKCIGETIARWEVFLFLAILLQRVEFSVPLGVKVDMTPIYGLTMKHACCEHFQ
MQLRSHHHHHH
;
_entity_poly.pdbx_strand_id   A,B,C,D
#
# COMPACT_ATOMS: atom_id res chain seq x y z
N GLY A 9 -1.30 18.40 23.92
CA GLY A 9 -1.08 19.78 23.38
C GLY A 9 -2.35 20.53 22.98
N LEU A 10 -3.39 20.48 23.84
CA LEU A 10 -4.66 21.23 23.64
C LEU A 10 -5.09 21.98 24.93
N LYS A 11 -5.47 23.23 24.75
CA LYS A 11 -5.83 24.09 25.89
C LYS A 11 -7.37 24.21 26.00
N ASN A 12 -7.82 24.78 27.09
CA ASN A 12 -9.19 25.23 27.24
C ASN A 12 -9.42 26.57 26.61
N PRO A 13 -10.59 26.81 26.08
CA PRO A 13 -10.84 28.11 25.52
C PRO A 13 -10.69 29.23 26.56
N PRO A 14 -10.07 30.31 26.17
CA PRO A 14 -9.93 31.45 27.06
C PRO A 14 -11.28 32.16 27.29
N GLY A 15 -11.37 32.95 28.34
CA GLY A 15 -12.48 33.86 28.50
C GLY A 15 -12.38 34.59 29.80
N PRO A 16 -13.25 35.57 30.02
CA PRO A 16 -13.11 36.35 31.20
C PRO A 16 -13.52 35.61 32.44
N TRP A 17 -13.27 36.24 33.56
CA TRP A 17 -13.58 35.74 34.86
C TRP A 17 -15.09 35.91 35.06
N GLY A 18 -15.69 35.02 35.83
CA GLY A 18 -17.08 35.22 36.15
C GLY A 18 -17.44 34.97 37.57
N TRP A 19 -18.52 35.61 38.00
CA TRP A 19 -19.09 35.34 39.32
C TRP A 19 -19.22 33.86 39.56
N PRO A 20 -18.91 33.43 40.77
CA PRO A 20 -18.89 32.00 40.98
C PRO A 20 -20.25 31.33 40.88
N LEU A 21 -21.32 32.01 41.25
CA LEU A 21 -22.63 31.40 41.09
C LEU A 21 -23.42 31.72 39.80
N ILE A 22 -23.33 32.93 39.27
CA ILE A 22 -24.09 33.28 38.08
C ILE A 22 -23.24 33.46 36.83
N GLY A 23 -21.93 33.33 36.96
CA GLY A 23 -21.06 33.46 35.78
C GLY A 23 -21.16 34.80 35.11
N HIS A 24 -21.42 34.83 33.81
CA HIS A 24 -21.32 36.03 33.01
C HIS A 24 -22.64 36.57 32.63
N MET A 25 -23.66 36.08 33.33
CA MET A 25 -25.07 36.43 33.10
C MET A 25 -25.28 37.92 33.01
N LEU A 26 -24.67 38.65 33.94
CA LEU A 26 -24.88 40.10 33.91
C LEU A 26 -24.11 40.74 32.79
N THR A 27 -22.95 40.24 32.43
CA THR A 27 -22.24 40.77 31.24
C THR A 27 -23.05 40.54 29.93
N LEU A 28 -23.68 39.39 29.76
CA LEU A 28 -24.52 39.23 28.57
C LEU A 28 -25.56 40.31 28.49
N GLY A 29 -26.17 40.59 29.62
CA GLY A 29 -27.09 41.70 29.69
C GLY A 29 -28.28 41.47 28.79
N LYS A 30 -28.82 42.56 28.26
CA LYS A 30 -30.03 42.48 27.52
C LYS A 30 -29.73 42.27 26.02
N ASN A 31 -28.48 42.50 25.62
CA ASN A 31 -28.02 42.33 24.26
C ASN A 31 -26.76 41.46 24.11
N PRO A 32 -26.88 40.19 24.37
CA PRO A 32 -25.79 39.25 24.36
C PRO A 32 -24.96 39.24 23.10
N HIS A 33 -25.59 39.54 21.98
CA HIS A 33 -24.88 39.59 20.74
C HIS A 33 -23.85 40.74 20.76
N LEU A 34 -24.28 41.89 21.26
CA LEU A 34 -23.30 43.01 21.44
C LEU A 34 -22.23 42.67 22.48
N ALA A 35 -22.63 42.24 23.66
CA ALA A 35 -21.63 41.91 24.68
C ALA A 35 -20.62 40.86 24.20
N LEU A 36 -21.10 39.80 23.58
CA LEU A 36 -20.20 38.73 23.14
C LEU A 36 -19.39 39.14 21.95
N SER A 37 -19.87 40.09 21.13
CA SER A 37 -18.99 40.55 20.05
C SER A 37 -17.76 41.27 20.64
N ARG A 38 -17.99 42.12 21.64
CA ARG A 38 -16.91 42.87 22.31
C ARG A 38 -15.99 41.85 22.89
N MET A 39 -16.57 40.90 23.55
CA MET A 39 -15.77 39.90 24.22
C MET A 39 -14.89 39.16 23.21
N SER A 40 -15.33 38.96 21.98
CA SER A 40 -14.47 38.22 21.04
C SER A 40 -13.29 39.05 20.51
N GLN A 41 -13.48 40.36 20.46
CA GLN A 41 -12.37 41.25 20.21
C GLN A 41 -11.23 40.99 21.15
N GLN A 42 -11.49 40.71 22.40
CA GLN A 42 -10.39 40.44 23.32
C GLN A 42 -9.89 39.01 23.30
N TYR A 43 -10.79 38.06 23.22
CA TYR A 43 -10.41 36.66 23.46
C TYR A 43 -10.42 35.81 22.20
N GLY A 44 -10.95 36.30 21.09
CA GLY A 44 -10.89 35.53 19.89
C GLY A 44 -12.13 34.74 19.50
N ASP A 45 -11.92 33.79 18.62
CA ASP A 45 -12.99 33.19 17.83
C ASP A 45 -13.66 32.08 18.62
N VAL A 46 -12.96 31.56 19.63
CA VAL A 46 -13.40 30.47 20.44
C VAL A 46 -13.20 30.86 21.89
N LEU A 47 -14.27 31.21 22.57
CA LEU A 47 -14.12 31.67 23.94
C LEU A 47 -15.16 30.98 24.81
N GLN A 48 -15.06 31.12 26.12
CA GLN A 48 -15.88 30.38 27.05
C GLN A 48 -16.44 31.29 28.13
N ILE A 49 -17.69 31.11 28.45
CA ILE A 49 -18.33 31.84 29.51
C ILE A 49 -19.09 30.82 30.31
N ARG A 50 -19.85 31.30 31.28
CA ARG A 50 -20.65 30.50 32.14
C ARG A 50 -21.92 31.31 32.34
N ILE A 51 -23.07 30.65 32.25
CA ILE A 51 -24.31 31.24 32.61
C ILE A 51 -24.82 30.38 33.73
N GLY A 52 -24.96 30.95 34.92
CA GLY A 52 -25.22 30.15 36.10
C GLY A 52 -24.04 29.23 36.30
N SER A 53 -24.30 27.95 36.40
CA SER A 53 -23.19 27.06 36.48
C SER A 53 -22.90 26.38 35.15
N THR A 54 -23.41 26.87 34.03
CA THR A 54 -23.26 26.09 32.81
C THR A 54 -22.26 26.72 31.89
N PRO A 55 -21.21 25.98 31.55
CA PRO A 55 -20.26 26.53 30.64
C PRO A 55 -20.88 26.61 29.30
N VAL A 56 -20.58 27.66 28.57
CA VAL A 56 -20.97 27.75 27.22
C VAL A 56 -19.77 28.19 26.43
N VAL A 57 -19.51 27.57 25.29
CA VAL A 57 -18.46 28.05 24.39
C VAL A 57 -19.12 28.89 23.36
N VAL A 58 -18.50 30.01 23.02
CA VAL A 58 -19.05 30.96 22.05
C VAL A 58 -18.12 31.15 20.85
N LEU A 59 -18.68 31.08 19.63
CA LEU A 59 -17.88 31.07 18.42
C LEU A 59 -18.22 32.24 17.54
N SER A 60 -17.19 32.76 16.88
CA SER A 60 -17.27 33.85 15.96
C SER A 60 -16.19 33.70 14.91
N GLY A 61 -16.22 34.56 13.93
CA GLY A 61 -15.30 34.44 12.82
C GLY A 61 -15.86 33.54 11.75
N LEU A 62 -15.88 34.05 10.51
CA LEU A 62 -16.31 33.26 9.36
C LEU A 62 -15.63 31.93 9.32
N ASP A 63 -14.33 31.93 9.40
CA ASP A 63 -13.64 30.70 9.13
C ASP A 63 -13.73 29.79 10.29
N THR A 64 -13.71 30.33 11.50
CA THR A 64 -13.82 29.48 12.64
C THR A 64 -15.20 28.81 12.62
N ILE A 65 -16.22 29.59 12.31
CA ILE A 65 -17.52 29.02 12.32
C ILE A 65 -17.70 28.00 11.20
N ARG A 66 -17.05 28.22 10.07
CA ARG A 66 -17.10 27.28 8.98
C ARG A 66 -16.34 26.05 9.36
N GLN A 67 -15.22 26.25 9.98
CA GLN A 67 -14.47 25.12 10.43
C GLN A 67 -15.32 24.17 11.30
N ALA A 68 -16.18 24.71 12.15
CA ALA A 68 -16.83 23.88 13.17
C ALA A 68 -18.12 23.28 12.66
N LEU A 69 -18.95 24.15 12.12
CA LEU A 69 -20.22 23.74 11.64
C LEU A 69 -20.16 22.93 10.38
N VAL A 70 -19.20 23.20 9.51
CA VAL A 70 -19.12 22.51 8.21
C VAL A 70 -18.04 21.44 8.23
N ARG A 71 -16.78 21.84 8.34
CA ARG A 71 -15.68 20.88 8.32
C ARG A 71 -15.78 19.86 9.47
N GLN A 72 -16.32 20.25 10.62
CA GLN A 72 -16.54 19.30 11.70
C GLN A 72 -18.00 19.26 12.07
N GLY A 73 -18.86 19.39 11.07
CA GLY A 73 -20.31 19.32 11.28
C GLY A 73 -20.78 18.36 12.34
N ASP A 74 -20.36 17.12 12.25
CA ASP A 74 -20.93 16.13 13.12
C ASP A 74 -20.62 16.35 14.57
N ASP A 75 -19.48 16.96 14.82
CA ASP A 75 -19.07 17.34 16.18
C ASP A 75 -20.00 18.37 16.82
N PHE A 76 -20.47 19.32 16.02
CA PHE A 76 -21.18 20.44 16.50
C PHE A 76 -22.64 20.50 16.12
N LYS A 77 -23.24 19.41 15.67
CA LYS A 77 -24.66 19.48 15.26
C LYS A 77 -25.66 19.25 16.38
N GLY A 78 -25.20 19.11 17.59
CA GLY A 78 -26.13 18.84 18.67
C GLY A 78 -27.01 20.02 19.07
N ARG A 79 -27.99 19.77 19.94
CA ARG A 79 -28.64 20.85 20.65
C ARG A 79 -28.54 20.56 22.13
N PRO A 80 -28.31 21.58 22.92
CA PRO A 80 -28.24 21.39 24.30
C PRO A 80 -29.66 21.15 24.83
N ASP A 81 -29.76 20.44 25.92
CA ASP A 81 -30.97 20.03 26.58
C ASP A 81 -31.57 21.13 27.40
N LEU A 82 -31.99 22.22 26.83
CA LEU A 82 -32.46 23.33 27.67
C LEU A 82 -33.92 23.22 28.05
N TYR A 83 -34.28 23.79 29.21
CA TYR A 83 -35.64 23.71 29.69
C TYR A 83 -36.65 24.24 28.72
N THR A 84 -36.37 25.43 28.20
CA THR A 84 -37.30 26.10 27.36
C THR A 84 -37.60 25.29 26.08
N PHE A 85 -36.63 24.55 25.58
CA PHE A 85 -36.83 23.75 24.40
C PHE A 85 -37.79 22.63 24.69
N THR A 86 -37.82 22.13 25.91
CA THR A 86 -38.78 21.08 26.27
C THR A 86 -40.20 21.54 26.17
N LEU A 87 -40.46 22.85 26.03
CA LEU A 87 -41.84 23.33 25.82
C LEU A 87 -42.29 23.47 24.38
N ILE A 88 -41.39 23.22 23.44
CA ILE A 88 -41.75 23.35 22.05
C ILE A 88 -42.09 22.00 21.49
N SER A 89 -43.08 21.96 20.58
CA SER A 89 -43.65 20.80 19.92
C SER A 89 -43.73 19.66 20.90
N ASN A 90 -44.36 19.95 22.00
CA ASN A 90 -44.56 18.96 23.01
C ASN A 90 -43.34 18.19 23.40
N GLY A 91 -42.19 18.87 23.52
CA GLY A 91 -40.93 18.20 23.88
C GLY A 91 -40.29 17.33 22.76
N GLN A 92 -40.87 17.38 21.58
CA GLN A 92 -40.48 16.50 20.51
C GLN A 92 -40.21 17.26 19.22
N SER A 93 -39.67 18.47 19.33
CA SER A 93 -39.36 19.34 18.18
C SER A 93 -38.21 18.83 17.37
N MET A 94 -38.37 18.82 16.06
CA MET A 94 -37.24 18.44 15.21
C MET A 94 -36.02 19.38 15.41
N SER A 95 -36.30 20.67 15.53
CA SER A 95 -35.37 21.71 15.47
C SER A 95 -34.74 22.00 16.82
N PHE A 96 -35.52 21.84 17.88
CA PHE A 96 -35.07 22.23 19.21
C PHE A 96 -34.79 21.05 20.21
N SER A 97 -35.24 19.84 19.96
CA SER A 97 -34.97 18.74 20.91
C SER A 97 -33.50 18.37 20.92
N PRO A 98 -33.05 17.68 21.98
CA PRO A 98 -31.64 17.23 22.10
C PRO A 98 -31.26 16.15 21.10
N ASP A 99 -32.20 15.62 20.34
CA ASP A 99 -31.94 14.57 19.42
C ASP A 99 -31.27 15.13 18.16
N SER A 100 -30.02 14.74 17.93
CA SER A 100 -29.33 15.06 16.68
C SER A 100 -28.75 13.79 16.02
N GLY A 101 -29.39 12.65 16.31
CA GLY A 101 -29.08 11.41 15.67
C GLY A 101 -29.92 11.03 14.43
N PRO A 102 -30.04 9.73 14.22
CA PRO A 102 -30.60 9.35 12.93
C PRO A 102 -32.07 9.60 12.83
N VAL A 103 -32.77 9.60 13.95
CA VAL A 103 -34.14 10.04 13.93
C VAL A 103 -34.28 11.50 13.41
N TRP A 104 -33.52 12.39 14.02
CA TRP A 104 -33.40 13.77 13.54
C TRP A 104 -33.08 13.83 12.09
N ALA A 105 -32.07 13.12 11.67
CA ALA A 105 -31.66 13.26 10.23
C ALA A 105 -32.79 12.80 9.35
N ALA A 106 -33.49 11.76 9.78
CA ALA A 106 -34.63 11.34 8.94
C ALA A 106 -35.70 12.39 8.91
N ARG A 107 -36.02 12.97 10.08
CA ARG A 107 -37.04 14.03 10.07
C ARG A 107 -36.63 15.20 9.19
N ARG A 108 -35.35 15.56 9.27
CA ARG A 108 -34.80 16.62 8.45
C ARG A 108 -35.04 16.36 6.97
N ARG A 109 -34.83 15.12 6.54
CA ARG A 109 -35.02 14.76 5.12
C ARG A 109 -36.49 14.88 4.70
N LEU A 110 -37.42 14.45 5.54
CA LEU A 110 -38.81 14.61 5.20
C LEU A 110 -39.21 16.06 5.08
N ALA A 111 -38.62 16.91 5.90
CA ALA A 111 -39.05 18.30 5.90
C ALA A 111 -38.53 18.88 4.59
N GLN A 112 -37.29 18.59 4.25
CA GLN A 112 -36.74 19.09 2.99
C GLN A 112 -37.57 18.64 1.81
N ASN A 113 -37.90 17.35 1.71
CA ASN A 113 -38.75 16.91 0.61
C ASN A 113 -40.10 17.59 0.66
N GLY A 114 -40.70 17.68 1.84
CA GLY A 114 -41.94 18.43 1.95
C GLY A 114 -41.83 19.81 1.33
N LEU A 115 -40.78 20.51 1.70
CA LEU A 115 -40.61 21.87 1.25
C LEU A 115 -40.47 22.00 -0.21
N LYS A 116 -39.56 21.21 -0.76
CA LYS A 116 -39.24 21.29 -2.16
C LYS A 116 -40.55 21.00 -2.93
N SER A 117 -41.25 19.95 -2.48
CA SER A 117 -42.35 19.43 -3.25
C SER A 117 -43.49 20.40 -3.26
N PHE A 118 -43.59 21.29 -2.27
CA PHE A 118 -44.75 22.12 -2.19
C PHE A 118 -44.50 23.59 -2.29
N SER A 119 -43.31 23.93 -2.77
CA SER A 119 -42.94 25.30 -2.92
C SER A 119 -42.26 25.58 -4.26
N ILE A 120 -41.20 24.84 -4.49
CA ILE A 120 -40.30 25.05 -5.61
C ILE A 120 -40.81 24.30 -6.85
N ALA A 121 -41.46 23.18 -6.64
CA ALA A 121 -42.15 22.45 -7.70
C ALA A 121 -43.22 23.26 -8.38
N SER A 122 -43.40 22.92 -9.66
CA SER A 122 -44.45 23.46 -10.53
C SER A 122 -45.82 23.26 -9.91
N ASP A 123 -46.58 24.35 -9.81
CA ASP A 123 -47.99 24.28 -9.42
C ASP A 123 -48.68 23.58 -10.63
N PRO A 124 -49.48 22.54 -10.37
CA PRO A 124 -50.20 21.95 -11.50
C PRO A 124 -51.04 22.98 -12.25
N ALA A 125 -51.81 23.77 -11.48
CA ALA A 125 -52.65 24.89 -11.98
C ALA A 125 -51.92 26.00 -12.78
N SER A 126 -50.59 25.92 -12.88
CA SER A 126 -49.83 26.88 -13.68
C SER A 126 -48.68 26.17 -14.37
N SER A 127 -48.65 26.22 -15.70
CA SER A 127 -47.48 25.76 -16.43
C SER A 127 -46.26 26.64 -16.04
N THR A 128 -46.40 27.94 -16.27
CA THR A 128 -45.30 28.90 -16.14
C THR A 128 -44.52 28.87 -14.81
N SER A 129 -45.23 28.71 -13.68
CA SER A 129 -44.69 29.10 -12.37
C SER A 129 -44.92 28.10 -11.22
N CYS A 130 -44.05 28.19 -10.20
CA CYS A 130 -44.04 27.29 -9.06
C CYS A 130 -45.07 27.69 -8.00
N TYR A 131 -45.30 26.79 -7.07
CA TYR A 131 -46.28 27.05 -6.02
C TYR A 131 -45.94 28.30 -5.30
N LEU A 132 -44.67 28.40 -4.88
CA LEU A 132 -44.28 29.56 -4.04
C LEU A 132 -44.61 30.90 -4.74
N GLU A 133 -44.16 31.04 -5.98
CA GLU A 133 -44.51 32.21 -6.76
C GLU A 133 -46.01 32.35 -6.91
N GLU A 134 -46.73 31.23 -7.00
CA GLU A 134 -48.14 31.36 -7.07
C GLU A 134 -48.66 31.97 -5.78
N HIS A 135 -48.32 31.41 -4.61
CA HIS A 135 -48.94 31.90 -3.39
C HIS A 135 -48.49 33.29 -3.07
N VAL A 136 -47.21 33.60 -3.31
CA VAL A 136 -46.72 34.97 -3.00
C VAL A 136 -47.39 36.04 -3.85
N SER A 137 -47.57 35.74 -5.13
CA SER A 137 -48.34 36.67 -6.01
C SER A 137 -49.72 36.90 -5.51
N LYS A 138 -50.43 35.84 -5.18
CA LYS A 138 -51.77 36.04 -4.67
C LYS A 138 -51.76 36.95 -3.45
N GLU A 139 -50.84 36.71 -2.51
CA GLU A 139 -50.93 37.39 -1.23
C GLU A 139 -50.38 38.79 -1.34
N ALA A 140 -49.42 38.97 -2.25
CA ALA A 140 -48.95 40.31 -2.54
C ALA A 140 -50.13 41.23 -2.91
N GLU A 141 -50.96 40.82 -3.89
CA GLU A 141 -52.12 41.62 -4.30
C GLU A 141 -53.04 41.86 -3.11
N VAL A 142 -53.51 40.79 -2.47
CA VAL A 142 -54.44 41.01 -1.38
C VAL A 142 -53.91 42.02 -0.39
N LEU A 143 -52.58 41.99 -0.21
CA LEU A 143 -51.96 42.87 0.76
C LEU A 143 -52.06 44.33 0.27
N ILE A 144 -51.61 44.58 -0.95
CA ILE A 144 -51.80 45.90 -1.58
C ILE A 144 -53.22 46.42 -1.34
N SER A 145 -54.23 45.70 -1.86
CA SER A 145 -55.66 45.99 -1.58
C SER A 145 -55.93 46.37 -0.17
N THR A 146 -55.48 45.54 0.74
CA THR A 146 -55.78 45.72 2.14
C THR A 146 -55.24 47.03 2.66
N LEU A 147 -54.05 47.41 2.17
CA LEU A 147 -53.36 48.60 2.70
C LEU A 147 -54.06 49.86 2.20
N GLN A 148 -54.41 49.86 0.91
CA GLN A 148 -55.38 50.80 0.37
C GLN A 148 -56.56 50.96 1.30
N GLU A 149 -57.27 49.89 1.64
CA GLU A 149 -58.46 50.10 2.48
C GLU A 149 -58.12 50.94 3.69
N LEU A 150 -56.92 50.80 4.20
CA LEU A 150 -56.54 51.55 5.40
C LEU A 150 -56.12 52.98 5.13
N MET A 151 -55.53 53.26 3.97
CA MET A 151 -55.14 54.63 3.60
C MET A 151 -56.41 55.47 3.35
N ALA A 152 -57.33 54.92 2.58
CA ALA A 152 -58.66 55.46 2.45
C ALA A 152 -59.40 55.54 3.79
N GLY A 153 -59.04 54.72 4.76
CA GLY A 153 -59.63 54.82 6.13
C GLY A 153 -58.82 55.76 7.03
N PRO A 154 -58.12 55.23 8.06
CA PRO A 154 -57.29 56.04 8.98
C PRO A 154 -56.07 56.81 8.41
N GLY A 155 -55.56 56.43 7.24
CA GLY A 155 -54.50 57.19 6.56
C GLY A 155 -53.11 56.79 6.97
N HIS A 156 -53.02 55.88 7.93
CA HIS A 156 -51.76 55.33 8.39
C HIS A 156 -51.96 53.87 8.78
N PHE A 157 -50.86 53.13 8.97
CA PHE A 157 -50.97 51.78 9.50
C PHE A 157 -49.72 51.28 10.15
N ASN A 158 -49.94 50.29 11.01
CA ASN A 158 -48.87 49.43 11.47
C ASN A 158 -48.70 48.29 10.50
N PRO A 159 -47.58 48.26 9.81
CA PRO A 159 -47.52 47.30 8.69
C PRO A 159 -47.49 45.83 9.16
N TYR A 160 -46.92 45.58 10.34
CA TYR A 160 -46.66 44.21 10.85
C TYR A 160 -47.96 43.39 10.92
N ARG A 161 -48.96 44.00 11.50
CA ARG A 161 -50.27 43.41 11.55
C ARG A 161 -50.65 42.77 10.22
N TYR A 162 -50.30 43.40 9.11
CA TYR A 162 -50.78 42.94 7.79
C TYR A 162 -49.79 42.08 7.06
N VAL A 163 -48.53 42.39 7.21
CA VAL A 163 -47.53 41.54 6.65
C VAL A 163 -47.59 40.15 7.24
N VAL A 164 -47.88 40.06 8.53
CA VAL A 164 -47.73 38.81 9.21
C VAL A 164 -48.76 37.80 8.68
N VAL A 165 -49.96 38.30 8.44
CA VAL A 165 -51.00 37.49 7.81
C VAL A 165 -50.65 37.11 6.38
N SER A 166 -50.09 38.03 5.60
CA SER A 166 -49.80 37.69 4.22
C SER A 166 -48.75 36.60 4.10
N VAL A 167 -47.77 36.69 4.98
CA VAL A 167 -46.62 35.81 4.97
C VAL A 167 -47.04 34.50 5.57
N THR A 168 -47.84 34.60 6.63
CA THR A 168 -48.35 33.39 7.21
C THR A 168 -49.18 32.63 6.18
N ASN A 169 -50.00 33.33 5.41
CA ASN A 169 -50.78 32.64 4.38
C ASN A 169 -49.96 31.83 3.38
N VAL A 170 -48.77 32.28 3.05
CA VAL A 170 -47.91 31.54 2.08
C VAL A 170 -47.49 30.19 2.66
N ILE A 171 -46.95 30.23 3.88
CA ILE A 171 -46.36 29.05 4.47
C ILE A 171 -47.52 28.21 4.96
N CYS A 172 -48.63 28.85 5.26
CA CYS A 172 -49.85 28.12 5.61
C CYS A 172 -50.37 27.29 4.42
N ALA A 173 -50.38 27.91 3.24
CA ALA A 173 -50.79 27.22 2.00
C ALA A 173 -49.95 26.00 1.72
N ILE A 174 -48.65 26.17 1.87
CA ILE A 174 -47.71 25.09 1.68
C ILE A 174 -47.87 23.89 2.66
N CYS A 175 -48.23 24.19 3.92
CA CYS A 175 -48.24 23.18 4.98
C CYS A 175 -49.63 22.59 5.21
N PHE A 176 -50.61 23.45 5.07
CA PHE A 176 -51.94 23.09 5.40
C PHE A 176 -52.98 23.32 4.30
N GLY A 177 -52.57 23.76 3.12
CA GLY A 177 -53.47 24.05 2.04
C GLY A 177 -54.59 25.03 2.31
N ARG A 178 -54.40 25.93 3.24
CA ARG A 178 -55.45 26.86 3.62
C ARG A 178 -54.82 28.24 3.57
N ARG A 179 -55.68 29.25 3.63
CA ARG A 179 -55.28 30.63 3.87
C ARG A 179 -56.37 31.36 4.67
N TYR A 180 -56.08 32.56 5.10
CA TYR A 180 -56.96 33.22 6.04
C TYR A 180 -57.11 34.68 5.65
N ASP A 181 -58.32 35.18 5.89
CA ASP A 181 -58.64 36.58 5.72
C ASP A 181 -57.77 37.39 6.71
N HIS A 182 -57.40 38.61 6.33
CA HIS A 182 -56.66 39.53 7.20
C HIS A 182 -57.33 39.90 8.52
N ASN A 183 -58.57 39.46 8.76
CA ASN A 183 -59.20 39.73 10.06
C ASN A 183 -59.60 38.50 10.85
N HIS A 184 -59.16 37.32 10.39
CA HIS A 184 -59.50 36.08 11.04
C HIS A 184 -58.92 36.10 12.47
N GLN A 185 -59.77 35.89 13.46
CA GLN A 185 -59.38 36.11 14.86
C GLN A 185 -58.47 35.00 15.39
N GLU A 186 -58.76 33.76 15.00
CA GLU A 186 -58.04 32.58 15.49
C GLU A 186 -56.60 32.65 15.02
N LEU A 187 -56.41 33.04 13.76
CA LEU A 187 -55.07 33.22 13.20
C LEU A 187 -54.30 34.36 13.89
N LEU A 188 -54.96 35.50 14.03
CA LEU A 188 -54.32 36.65 14.65
C LEU A 188 -53.93 36.32 16.07
N SER A 189 -54.78 35.50 16.71
CA SER A 189 -54.48 34.97 18.04
C SER A 189 -53.25 34.07 18.07
N LEU A 190 -52.91 33.51 16.91
CA LEU A 190 -51.78 32.60 16.82
C LEU A 190 -50.47 33.32 16.55
N VAL A 191 -50.44 34.14 15.50
CA VAL A 191 -49.21 34.74 15.01
C VAL A 191 -49.07 36.23 15.32
N ASN A 192 -50.07 36.83 15.96
CA ASN A 192 -50.00 38.26 16.31
C ASN A 192 -50.54 38.58 17.70
N LEU A 193 -50.31 37.72 18.65
CA LEU A 193 -50.91 37.92 19.94
C LEU A 193 -50.01 37.31 20.96
N ASN A 194 -49.21 38.16 21.61
CA ASN A 194 -48.21 37.71 22.59
C ASN A 194 -47.32 36.59 22.00
N ASN A 195 -46.81 36.88 20.80
CA ASN A 195 -45.75 36.07 20.18
C ASN A 195 -44.35 36.46 20.71
N ASN A 196 -44.09 36.06 21.94
CA ASN A 196 -42.77 36.20 22.48
C ASN A 196 -41.96 34.95 22.21
N PHE A 197 -42.26 34.19 21.15
CA PHE A 197 -41.47 32.93 20.93
C PHE A 197 -39.97 33.20 20.85
N GLY A 198 -39.60 34.13 20.02
CA GLY A 198 -38.23 34.47 19.85
C GLY A 198 -37.57 35.02 21.07
N GLU A 199 -38.35 35.71 21.90
CA GLU A 199 -37.77 36.45 23.04
C GLU A 199 -37.29 35.44 24.02
N VAL A 200 -38.07 34.39 24.26
CA VAL A 200 -37.65 33.47 25.26
C VAL A 200 -36.66 32.47 24.75
N VAL A 201 -36.60 32.24 23.48
CA VAL A 201 -35.83 31.15 22.94
C VAL A 201 -34.47 31.60 22.45
N GLY A 202 -34.24 32.88 22.51
CA GLY A 202 -32.87 33.44 22.32
C GLY A 202 -31.72 32.96 23.21
N SER A 203 -30.58 32.79 22.58
CA SER A 203 -29.42 32.34 23.29
C SER A 203 -29.23 33.22 24.48
N GLY A 204 -29.03 32.59 25.62
CA GLY A 204 -28.76 33.26 26.89
C GLY A 204 -29.93 33.45 27.84
N ASN A 205 -31.09 32.97 27.49
CA ASN A 205 -32.21 33.13 28.39
C ASN A 205 -31.85 32.51 29.73
N PRO A 206 -31.77 33.34 30.79
CA PRO A 206 -31.48 32.95 32.15
C PRO A 206 -32.30 31.82 32.66
N ALA A 207 -33.58 31.78 32.30
CA ALA A 207 -34.42 30.67 32.78
C ALA A 207 -33.91 29.29 32.39
N ASP A 208 -33.13 29.19 31.33
CA ASP A 208 -32.54 27.94 30.90
C ASP A 208 -31.32 27.65 31.72
N PHE A 209 -30.84 28.59 32.53
CA PHE A 209 -29.63 28.41 33.32
C PHE A 209 -29.71 28.60 34.83
N ILE A 210 -30.75 29.26 35.30
CA ILE A 210 -30.95 29.49 36.69
C ILE A 210 -32.25 28.82 37.03
N PRO A 211 -32.17 27.62 37.57
CA PRO A 211 -33.34 26.75 37.84
C PRO A 211 -34.44 27.44 38.60
N ILE A 212 -34.11 28.23 39.60
CA ILE A 212 -35.22 28.88 40.29
C ILE A 212 -36.12 29.76 39.43
N LEU A 213 -35.61 30.34 38.35
CA LEU A 213 -36.41 31.32 37.62
C LEU A 213 -37.53 30.61 36.93
N ARG A 214 -37.42 29.33 36.77
CA ARG A 214 -38.51 28.59 36.17
C ARG A 214 -39.71 28.50 37.08
N TYR A 215 -39.50 28.35 38.38
CA TYR A 215 -40.60 28.09 39.30
C TYR A 215 -41.15 29.35 39.96
N LEU A 216 -40.50 30.47 39.79
CA LEU A 216 -41.04 31.69 40.29
C LEU A 216 -42.10 32.16 39.33
N PRO A 217 -43.00 33.06 39.79
CA PRO A 217 -43.92 33.74 38.89
C PRO A 217 -43.15 34.35 37.75
N ASN A 218 -43.54 34.01 36.52
CA ASN A 218 -42.79 34.36 35.33
C ASN A 218 -43.75 34.48 34.19
N PRO A 219 -44.33 35.69 34.03
CA PRO A 219 -45.26 36.02 32.96
C PRO A 219 -44.71 35.66 31.58
N SER A 220 -43.47 35.97 31.31
CA SER A 220 -42.82 35.52 30.06
C SER A 220 -42.96 34.04 29.74
N LEU A 221 -42.59 33.19 30.70
CA LEU A 221 -42.59 31.75 30.49
C LEU A 221 -44.01 31.16 30.42
N ASN A 222 -44.92 31.67 31.22
CA ASN A 222 -46.30 31.29 31.11
C ASN A 222 -46.85 31.68 29.74
N ALA A 223 -46.46 32.84 29.24
CA ALA A 223 -46.98 33.25 27.96
C ALA A 223 -46.38 32.31 26.93
N PHE A 224 -45.12 31.96 27.14
CA PHE A 224 -44.40 31.11 26.18
C PHE A 224 -45.02 29.74 26.12
N LYS A 225 -45.47 29.24 27.27
CA LYS A 225 -46.12 27.93 27.34
C LYS A 225 -47.50 27.97 26.68
N ASP A 226 -48.24 29.06 26.87
CA ASP A 226 -49.56 29.16 26.29
C ASP A 226 -49.43 29.21 24.78
N LEU A 227 -48.43 29.94 24.30
CA LEU A 227 -48.20 30.07 22.89
C LEU A 227 -47.90 28.67 22.28
N ASN A 228 -47.01 27.92 22.92
CA ASN A 228 -46.70 26.62 22.41
C ASN A 228 -47.92 25.68 22.46
N GLU A 229 -48.72 25.74 23.50
CA GLU A 229 -49.89 24.87 23.55
C GLU A 229 -50.83 25.20 22.37
N LYS A 230 -51.04 26.48 22.11
CA LYS A 230 -51.92 26.90 21.04
C LYS A 230 -51.42 26.43 19.70
N PHE A 231 -50.13 26.60 19.43
CA PHE A 231 -49.56 26.17 18.16
C PHE A 231 -49.71 24.68 18.03
N TYR A 232 -49.53 23.95 19.14
CA TYR A 232 -49.60 22.53 19.07
C TYR A 232 -51.06 22.06 18.72
N SER A 233 -52.04 22.72 19.33
CA SER A 233 -53.45 22.46 19.19
C SER A 233 -53.87 22.77 17.80
N PHE A 234 -53.39 23.89 17.29
CA PHE A 234 -53.65 24.25 15.93
C PHE A 234 -53.13 23.17 14.99
N MET A 235 -51.90 22.74 15.19
CA MET A 235 -51.37 21.68 14.36
C MET A 235 -52.31 20.47 14.43
N GLN A 236 -52.70 20.09 15.63
CA GLN A 236 -53.55 18.94 15.81
C GLN A 236 -54.95 19.10 15.13
N LYS A 237 -55.59 20.26 15.26
CA LYS A 237 -56.86 20.50 14.62
C LYS A 237 -56.68 20.30 13.11
N MET A 238 -55.60 20.79 12.59
CA MET A 238 -55.35 20.80 11.19
C MET A 238 -55.01 19.41 10.65
N VAL A 239 -54.34 18.63 11.47
CA VAL A 239 -53.94 17.27 11.09
C VAL A 239 -55.16 16.33 11.04
N LYS A 240 -56.07 16.47 12.00
CA LYS A 240 -57.31 15.74 12.02
C LYS A 240 -58.13 16.03 10.75
N GLU A 241 -58.27 17.30 10.39
CA GLU A 241 -59.02 17.67 9.20
C GLU A 241 -58.34 17.06 7.99
N HIS A 242 -57.02 17.04 7.97
CA HIS A 242 -56.39 16.44 6.80
C HIS A 242 -56.64 14.95 6.75
N TYR A 243 -56.71 14.28 7.91
CA TYR A 243 -56.96 12.86 7.92
C TYR A 243 -58.36 12.56 7.42
N LYS A 244 -59.32 13.29 7.96
CA LYS A 244 -60.69 13.09 7.67
C LYS A 244 -60.93 13.19 6.17
N THR A 245 -60.20 14.09 5.49
CA THR A 245 -60.43 14.39 4.08
C THR A 245 -59.34 13.87 3.22
N PHE A 246 -58.55 12.94 3.73
CA PHE A 246 -57.38 12.49 2.99
C PHE A 246 -57.86 11.82 1.72
N GLU A 247 -57.28 12.16 0.58
CA GLU A 247 -57.51 11.45 -0.69
C GLU A 247 -56.25 10.76 -1.20
N LYS A 248 -56.29 9.44 -1.21
CA LYS A 248 -55.13 8.56 -1.30
C LYS A 248 -54.04 8.83 -2.34
N GLY A 249 -54.39 9.16 -3.57
CA GLY A 249 -53.29 9.56 -4.49
C GLY A 249 -53.19 11.03 -4.80
N HIS A 250 -53.76 11.89 -3.96
CA HIS A 250 -53.74 13.31 -4.21
C HIS A 250 -53.13 14.04 -2.98
N ILE A 251 -51.80 14.19 -2.99
CA ILE A 251 -51.10 14.91 -1.92
C ILE A 251 -51.20 16.44 -2.08
N ARG A 252 -52.10 17.07 -1.33
CA ARG A 252 -52.36 18.52 -1.45
C ARG A 252 -51.24 19.42 -0.90
N ASP A 253 -50.55 18.96 0.17
CA ASP A 253 -49.64 19.82 0.95
C ASP A 253 -48.70 18.98 1.81
N ILE A 254 -47.90 19.60 2.68
CA ILE A 254 -46.90 18.88 3.46
C ILE A 254 -47.55 18.01 4.50
N THR A 255 -48.53 18.52 5.18
CA THR A 255 -49.25 17.67 6.04
C THR A 255 -49.72 16.41 5.33
N ASP A 256 -50.28 16.49 4.11
CA ASP A 256 -50.63 15.22 3.40
C ASP A 256 -49.43 14.32 3.19
N SER A 257 -48.30 14.86 2.74
CA SER A 257 -47.14 14.01 2.58
C SER A 257 -46.67 13.37 3.85
N LEU A 258 -46.92 13.98 4.99
CA LEU A 258 -46.48 13.31 6.25
C LEU A 258 -47.44 12.22 6.70
N ILE A 259 -48.73 12.49 6.51
CA ILE A 259 -49.74 11.46 6.63
C ILE A 259 -49.45 10.27 5.72
N GLU A 260 -49.12 10.54 4.49
CA GLU A 260 -48.74 9.48 3.62
C GLU A 260 -47.58 8.70 4.16
N HIS A 261 -46.54 9.41 4.62
CA HIS A 261 -45.36 8.70 5.10
C HIS A 261 -45.72 7.79 6.30
N CYS A 262 -46.56 8.29 7.17
CA CYS A 262 -47.00 7.49 8.30
C CYS A 262 -47.72 6.23 7.86
N GLN A 263 -48.61 6.38 6.88
CA GLN A 263 -49.34 5.26 6.30
C GLN A 263 -48.42 4.20 5.76
N GLU A 264 -47.54 4.59 4.83
CA GLU A 264 -46.54 3.68 4.28
C GLU A 264 -45.80 2.96 5.40
N LYS A 265 -45.44 3.67 6.48
CA LYS A 265 -44.62 3.06 7.53
C LYS A 265 -45.40 1.96 8.28
N GLN A 266 -46.73 2.02 8.28
CA GLN A 266 -47.54 0.96 8.94
C GLN A 266 -47.42 -0.45 8.31
N LEU A 267 -46.95 -0.56 7.08
CA LEU A 267 -46.71 -1.87 6.50
C LEU A 267 -45.25 -2.13 6.31
N ASP A 268 -44.44 -1.76 7.30
CA ASP A 268 -43.10 -2.27 7.44
C ASP A 268 -43.30 -3.29 8.51
N GLU A 269 -42.53 -4.37 8.45
CA GLU A 269 -42.59 -5.36 9.51
C GLU A 269 -41.86 -4.80 10.72
N ASN A 270 -40.58 -4.46 10.56
CA ASN A 270 -39.81 -3.89 11.67
C ASN A 270 -39.74 -2.36 11.52
N ALA A 271 -40.87 -1.77 11.89
CA ALA A 271 -41.10 -0.34 11.74
C ALA A 271 -40.41 0.28 12.89
N ASN A 272 -39.55 1.25 12.63
CA ASN A 272 -38.80 1.78 13.70
C ASN A 272 -39.68 2.56 14.64
N VAL A 273 -39.59 2.23 15.92
CA VAL A 273 -40.44 2.81 16.93
C VAL A 273 -40.07 4.25 17.31
N GLN A 274 -38.78 4.60 17.28
CA GLN A 274 -38.32 5.92 17.71
C GLN A 274 -38.79 7.10 16.83
N LEU A 275 -38.80 6.89 15.53
CA LEU A 275 -39.45 7.83 14.60
C LEU A 275 -40.96 7.56 14.60
N SER A 276 -41.57 7.97 15.69
CA SER A 276 -42.98 7.87 15.92
C SER A 276 -43.82 8.64 14.94
N ASP A 277 -45.10 8.33 14.90
CA ASP A 277 -46.02 9.10 14.06
C ASP A 277 -46.06 10.59 14.48
N GLU A 278 -46.06 10.82 15.79
CA GLU A 278 -46.03 12.18 16.30
C GLU A 278 -44.79 12.95 15.79
N LYS A 279 -43.63 12.35 15.89
CA LYS A 279 -42.44 13.06 15.43
C LYS A 279 -42.41 13.23 13.93
N ILE A 280 -43.12 12.37 13.18
CA ILE A 280 -43.15 12.53 11.70
C ILE A 280 -44.08 13.67 11.36
N ILE A 281 -45.17 13.76 12.08
CA ILE A 281 -46.23 14.70 11.77
C ILE A 281 -45.95 16.08 12.31
N ASN A 282 -45.45 16.20 13.54
CA ASN A 282 -45.24 17.58 14.07
C ASN A 282 -44.13 18.37 13.34
N ILE A 283 -43.33 17.70 12.51
CA ILE A 283 -42.52 18.42 11.54
C ILE A 283 -43.20 19.63 10.92
N VAL A 284 -44.48 19.50 10.58
CA VAL A 284 -45.21 20.58 9.92
C VAL A 284 -45.29 21.86 10.75
N LEU A 285 -45.14 21.71 12.07
CA LEU A 285 -45.22 22.83 12.97
C LEU A 285 -43.89 23.62 12.97
N ASP A 286 -42.78 22.90 12.97
CA ASP A 286 -41.46 23.52 12.97
C ASP A 286 -41.35 24.32 11.69
N LEU A 287 -41.81 23.77 10.58
CA LEU A 287 -41.83 24.56 9.31
C LEU A 287 -42.71 25.83 9.37
N PHE A 288 -43.91 25.66 9.88
CA PHE A 288 -44.86 26.70 9.90
C PHE A 288 -44.40 27.83 10.85
N GLY A 289 -44.02 27.44 12.07
CA GLY A 289 -43.39 28.35 13.04
C GLY A 289 -42.19 29.12 12.50
N ALA A 290 -41.21 28.43 11.97
CA ALA A 290 -40.05 29.10 11.41
C ALA A 290 -40.43 29.99 10.21
N GLY A 291 -41.39 29.51 9.40
CA GLY A 291 -41.69 30.13 8.13
C GLY A 291 -42.43 31.43 8.29
N PHE A 292 -43.47 31.45 9.10
CA PHE A 292 -44.17 32.70 9.32
C PHE A 292 -43.32 33.74 10.06
N ASP A 293 -42.60 33.35 11.11
CA ASP A 293 -41.97 34.35 11.97
C ASP A 293 -40.73 35.02 11.37
N THR A 294 -39.84 34.26 10.77
CA THR A 294 -38.61 34.84 10.33
C THR A 294 -38.80 35.65 9.08
N VAL A 295 -39.73 35.24 8.25
CA VAL A 295 -39.91 35.92 7.01
C VAL A 295 -40.73 37.15 7.26
N THR A 296 -41.75 37.07 8.13
CA THR A 296 -42.44 38.28 8.52
C THR A 296 -41.45 39.30 9.06
N THR A 297 -40.55 38.85 9.95
CA THR A 297 -39.64 39.74 10.59
C THR A 297 -38.75 40.34 9.52
N ALA A 298 -38.24 39.56 8.60
CA ALA A 298 -37.37 40.11 7.56
C ALA A 298 -38.04 41.23 6.72
N ILE A 299 -39.26 41.04 6.29
CA ILE A 299 -39.91 42.00 5.46
C ILE A 299 -40.22 43.26 6.30
N SER A 300 -40.59 43.07 7.55
CA SER A 300 -40.82 44.18 8.46
C SER A 300 -39.56 45.03 8.61
N TRP A 301 -38.39 44.43 8.72
CA TRP A 301 -37.21 45.25 8.74
C TRP A 301 -37.04 45.94 7.40
N SER A 302 -37.16 45.21 6.32
CA SER A 302 -37.00 45.80 5.01
C SER A 302 -37.85 47.10 4.85
N LEU A 303 -39.09 47.06 5.27
CA LEU A 303 -39.94 48.21 5.29
C LEU A 303 -39.43 49.32 6.17
N MET A 304 -38.98 49.01 7.37
CA MET A 304 -38.46 50.05 8.25
C MET A 304 -37.30 50.71 7.57
N TYR A 305 -36.46 49.91 6.94
CA TYR A 305 -35.34 50.49 6.25
C TYR A 305 -35.78 51.32 5.04
N LEU A 306 -36.94 51.06 4.46
CA LEU A 306 -37.23 51.73 3.20
C LEU A 306 -37.68 53.14 3.54
N VAL A 307 -38.47 53.18 4.58
CA VAL A 307 -39.04 54.37 5.13
C VAL A 307 -38.05 55.27 5.91
N MET A 308 -36.84 54.79 6.16
CA MET A 308 -35.78 55.59 6.78
C MET A 308 -34.69 55.88 5.78
N ASN A 309 -34.82 55.35 4.58
CA ASN A 309 -33.82 55.56 3.57
C ASN A 309 -34.54 55.67 2.22
N PRO A 310 -35.34 56.74 2.04
CA PRO A 310 -36.09 56.95 0.80
C PRO A 310 -35.16 56.98 -0.40
N ARG A 311 -33.96 57.42 -0.21
CA ARG A 311 -32.98 57.28 -1.26
C ARG A 311 -33.00 55.83 -1.76
N VAL A 312 -33.00 54.82 -0.87
CA VAL A 312 -32.92 53.43 -1.38
C VAL A 312 -34.27 52.91 -2.01
N GLN A 313 -35.40 53.28 -1.43
CA GLN A 313 -36.71 52.96 -2.01
C GLN A 313 -36.79 53.41 -3.46
N ARG A 314 -36.40 54.67 -3.68
CA ARG A 314 -36.33 55.24 -5.04
C ARG A 314 -35.35 54.45 -5.93
N LYS A 315 -34.09 54.28 -5.52
CA LYS A 315 -33.16 53.56 -6.40
C LYS A 315 -33.70 52.21 -6.86
N ILE A 316 -34.44 51.52 -5.97
CA ILE A 316 -35.03 50.19 -6.25
C ILE A 316 -36.18 50.35 -7.25
N GLN A 317 -37.10 51.24 -6.91
CA GLN A 317 -38.15 51.68 -7.83
C GLN A 317 -37.57 51.95 -9.26
N GLU A 318 -36.49 52.70 -9.33
CA GLU A 318 -35.82 52.93 -10.59
C GLU A 318 -35.37 51.65 -11.25
N GLU A 319 -34.77 50.75 -10.51
CA GLU A 319 -34.27 49.54 -11.16
C GLU A 319 -35.44 48.67 -11.65
N LEU A 320 -36.56 48.71 -10.96
CA LEU A 320 -37.69 47.90 -11.41
C LEU A 320 -38.21 48.46 -12.74
N ASP A 321 -38.39 49.78 -12.76
CA ASP A 321 -38.93 50.46 -13.93
C ASP A 321 -38.02 50.20 -15.11
N THR A 322 -36.75 50.48 -14.99
CA THR A 322 -35.79 50.15 -16.03
C THR A 322 -35.76 48.70 -16.48
N VAL A 323 -35.84 47.76 -15.56
CA VAL A 323 -35.54 46.38 -15.94
C VAL A 323 -36.77 45.60 -16.30
N ILE A 324 -37.91 46.07 -15.84
CA ILE A 324 -39.16 45.38 -16.10
C ILE A 324 -40.26 46.32 -16.62
N GLY A 325 -40.31 47.55 -16.12
CA GLY A 325 -41.35 48.51 -16.51
C GLY A 325 -42.58 48.25 -15.68
N ARG A 326 -43.55 49.16 -15.75
CA ARG A 326 -44.87 48.94 -15.14
C ARG A 326 -45.86 48.24 -16.12
N SER A 327 -45.31 47.49 -17.08
CA SER A 327 -46.11 46.73 -18.06
C SER A 327 -46.64 45.38 -17.50
N ARG A 328 -45.95 44.83 -16.50
CA ARG A 328 -46.29 43.53 -15.91
C ARG A 328 -45.78 43.42 -14.45
N ARG A 329 -46.42 42.57 -13.65
CA ARG A 329 -45.88 42.18 -12.35
C ARG A 329 -44.49 41.50 -12.47
N PRO A 330 -43.63 41.67 -11.45
CA PRO A 330 -42.36 40.94 -11.49
C PRO A 330 -42.51 39.47 -11.12
N ARG A 331 -41.45 38.74 -11.38
CA ARG A 331 -41.45 37.32 -11.33
C ARG A 331 -40.11 36.85 -10.79
N LEU A 332 -40.09 35.66 -10.22
CA LEU A 332 -38.85 35.04 -9.82
C LEU A 332 -37.74 35.13 -10.85
N SER A 333 -38.06 34.90 -12.11
CA SER A 333 -37.05 34.90 -13.20
C SER A 333 -36.29 36.23 -13.32
N ASP A 334 -36.92 37.33 -12.89
CA ASP A 334 -36.26 38.65 -12.82
C ASP A 334 -35.28 38.87 -11.65
N ARG A 335 -35.20 37.90 -10.74
CA ARG A 335 -34.35 38.03 -9.55
C ARG A 335 -32.89 38.23 -9.95
N SER A 336 -32.42 37.38 -10.86
CA SER A 336 -31.06 37.47 -11.43
C SER A 336 -30.69 38.84 -12.07
N HIS A 337 -31.69 39.65 -12.40
CA HIS A 337 -31.47 40.85 -13.23
C HIS A 337 -31.79 42.11 -12.44
N LEU A 338 -31.82 41.99 -11.12
CA LEU A 338 -32.26 43.06 -10.26
C LEU A 338 -31.28 43.18 -9.09
N PRO A 339 -30.01 43.42 -9.41
CA PRO A 339 -28.95 43.28 -8.40
C PRO A 339 -29.01 44.34 -7.29
N TYR A 340 -29.67 45.47 -7.52
CA TYR A 340 -29.84 46.45 -6.46
C TYR A 340 -30.86 45.93 -5.43
N MET A 341 -31.92 45.29 -5.88
CA MET A 341 -32.87 44.60 -4.98
C MET A 341 -32.11 43.56 -4.14
N GLU A 342 -31.25 42.79 -4.78
CA GLU A 342 -30.39 41.89 -4.06
C GLU A 342 -29.53 42.65 -3.00
N ALA A 343 -28.82 43.67 -3.42
CA ALA A 343 -28.02 44.43 -2.48
C ALA A 343 -28.86 44.88 -1.32
N PHE A 344 -30.08 45.35 -1.58
CA PHE A 344 -30.87 45.89 -0.47
C PHE A 344 -31.33 44.75 0.51
N ILE A 345 -31.48 43.56 -0.02
CA ILE A 345 -32.01 42.49 0.79
C ILE A 345 -30.85 41.98 1.61
N LEU A 346 -29.69 41.80 0.97
CA LEU A 346 -28.45 41.45 1.67
C LEU A 346 -28.15 42.40 2.81
N GLU A 347 -28.37 43.68 2.59
CA GLU A 347 -27.90 44.65 3.57
C GLU A 347 -28.91 44.74 4.68
N THR A 348 -30.17 44.47 4.38
CA THR A 348 -31.16 44.25 5.43
C THR A 348 -30.70 43.09 6.34
N PHE A 349 -30.23 42.00 5.73
CA PHE A 349 -29.85 40.82 6.49
C PHE A 349 -28.64 41.20 7.32
N ARG A 350 -27.61 41.76 6.68
CA ARG A 350 -26.36 42.12 7.39
C ARG A 350 -26.54 43.11 8.52
N HIS A 351 -27.21 44.19 8.22
CA HIS A 351 -27.25 45.29 9.11
C HIS A 351 -28.11 44.99 10.31
N SER A 352 -29.29 44.45 10.07
CA SER A 352 -30.18 44.08 11.14
C SER A 352 -29.71 42.86 11.91
N SER A 353 -29.08 41.91 11.19
CA SER A 353 -28.72 40.59 11.70
C SER A 353 -29.75 40.10 12.67
N PHE A 354 -31.00 40.12 12.19
CA PHE A 354 -32.16 39.93 13.02
C PHE A 354 -32.28 38.53 13.58
N VAL A 355 -31.52 37.59 13.02
CA VAL A 355 -31.24 36.36 13.73
C VAL A 355 -29.79 36.43 14.22
N PRO A 356 -29.51 37.08 15.36
CA PRO A 356 -28.08 37.30 15.69
C PRO A 356 -27.27 36.08 16.03
N PHE A 357 -27.89 35.08 16.64
CA PHE A 357 -27.17 33.79 16.93
C PHE A 357 -27.95 32.67 16.27
N THR A 358 -27.28 31.61 15.86
CA THR A 358 -28.03 30.42 15.51
C THR A 358 -28.79 29.97 16.76
N ILE A 359 -29.68 29.01 16.56
CA ILE A 359 -30.20 28.28 17.66
C ILE A 359 -28.94 27.65 18.22
N PRO A 360 -28.84 27.57 19.53
CA PRO A 360 -27.64 27.01 20.13
C PRO A 360 -27.40 25.61 19.74
N HIS A 361 -26.12 25.30 19.68
CA HIS A 361 -25.62 24.01 19.32
C HIS A 361 -25.09 23.34 20.55
N SER A 362 -24.63 22.11 20.34
CA SER A 362 -24.04 21.28 21.36
C SER A 362 -23.06 20.32 20.73
N THR A 363 -21.98 20.01 21.43
CA THR A 363 -20.97 19.08 20.90
C THR A 363 -21.46 17.68 21.09
N THR A 364 -21.35 16.88 20.06
CA THR A 364 -21.87 15.50 20.07
C THR A 364 -20.83 14.51 20.52
N ARG A 365 -19.65 14.99 20.83
CA ARG A 365 -18.49 14.19 21.20
C ARG A 365 -17.34 15.12 21.51
N ASP A 366 -16.34 14.60 22.25
CA ASP A 366 -15.06 15.33 22.47
C ASP A 366 -14.52 15.76 21.14
N THR A 367 -14.01 16.98 21.11
CA THR A 367 -13.52 17.53 19.85
C THR A 367 -12.50 18.58 20.16
N SER A 368 -11.93 19.13 19.10
CA SER A 368 -11.06 20.27 19.27
C SER A 368 -11.25 21.22 18.11
N LEU A 369 -10.95 22.47 18.39
CA LEU A 369 -11.24 23.50 17.44
C LEU A 369 -10.23 24.63 17.68
N LYS A 370 -9.43 24.90 16.65
CA LYS A 370 -8.35 25.90 16.69
C LYS A 370 -7.40 25.69 17.88
N GLY A 371 -7.06 24.44 18.13
CA GLY A 371 -6.24 24.10 19.27
C GLY A 371 -6.91 24.01 20.61
N PHE A 372 -8.20 24.30 20.69
CA PHE A 372 -8.87 24.23 21.98
C PHE A 372 -9.66 22.92 22.16
N TYR A 373 -9.58 22.36 23.34
CA TYR A 373 -10.28 21.14 23.63
C TYR A 373 -11.69 21.49 24.03
N ILE A 374 -12.68 20.74 23.52
CA ILE A 374 -14.07 20.95 23.85
C ILE A 374 -14.73 19.63 24.12
N PRO A 375 -15.11 19.40 25.38
CA PRO A 375 -15.71 18.11 25.76
C PRO A 375 -17.12 17.92 25.17
N LYS A 376 -17.46 16.67 24.93
CA LYS A 376 -18.78 16.26 24.53
C LYS A 376 -19.82 16.87 25.43
N GLY A 377 -20.92 17.32 24.86
CA GLY A 377 -22.03 17.84 25.67
C GLY A 377 -21.99 19.30 26.02
N ARG A 378 -21.06 20.04 25.39
CA ARG A 378 -20.85 21.43 25.74
C ARG A 378 -21.74 22.33 24.88
N CYS A 379 -22.49 23.21 25.57
CA CYS A 379 -23.41 24.14 24.94
C CYS A 379 -22.60 25.18 24.16
N VAL A 380 -22.92 25.36 22.90
CA VAL A 380 -22.17 26.26 22.05
C VAL A 380 -23.05 27.34 21.46
N PHE A 381 -22.74 28.63 21.64
CA PHE A 381 -23.42 29.69 20.89
C PHE A 381 -22.61 30.07 19.64
N VAL A 382 -23.31 30.52 18.61
CA VAL A 382 -22.69 30.81 17.37
C VAL A 382 -23.14 32.15 16.95
N ASN A 383 -22.19 33.10 16.96
CA ASN A 383 -22.51 34.49 16.85
C ASN A 383 -22.43 35.05 15.43
N GLN A 384 -23.56 35.08 14.75
CA GLN A 384 -23.61 35.56 13.39
C GLN A 384 -23.53 37.09 13.31
N TRP A 385 -24.12 37.77 14.28
CA TRP A 385 -24.07 39.23 14.31
C TRP A 385 -22.61 39.70 14.28
N GLN A 386 -21.78 39.04 15.04
CA GLN A 386 -20.39 39.37 15.04
C GLN A 386 -19.81 39.31 13.64
N ILE A 387 -20.15 38.33 12.81
CA ILE A 387 -19.56 38.24 11.44
C ILE A 387 -20.06 39.38 10.55
N ASN A 388 -21.31 39.70 10.71
CA ASN A 388 -21.93 40.64 9.85
C ASN A 388 -21.57 42.06 10.24
N HIS A 389 -21.00 42.25 11.43
CA HIS A 389 -20.66 43.61 11.86
C HIS A 389 -19.20 43.76 12.13
N ASP A 390 -18.41 42.80 11.69
CA ASP A 390 -17.00 42.79 12.00
C ASP A 390 -16.35 43.96 11.31
N GLN A 391 -15.63 44.80 12.05
CA GLN A 391 -14.98 45.97 11.41
C GLN A 391 -13.85 45.67 10.43
N LYS A 392 -13.23 44.51 10.60
CA LYS A 392 -12.25 44.02 9.66
C LYS A 392 -12.81 43.49 8.35
N LEU A 393 -14.12 43.27 8.26
CA LEU A 393 -14.74 42.74 7.03
C LEU A 393 -15.52 43.78 6.26
N TRP A 394 -16.05 44.78 6.94
CA TRP A 394 -16.97 45.71 6.33
C TRP A 394 -16.49 47.12 6.62
N VAL A 395 -16.94 48.10 5.84
CA VAL A 395 -16.35 49.41 5.92
C VAL A 395 -17.06 50.22 6.97
N ASN A 396 -18.32 50.54 6.81
CA ASN A 396 -19.00 51.09 7.97
C ASN A 396 -20.09 50.17 8.36
N PRO A 397 -19.74 49.10 9.10
CA PRO A 397 -20.69 48.10 9.59
C PRO A 397 -21.94 48.71 10.08
N SER A 398 -21.87 49.89 10.64
CA SER A 398 -23.00 50.40 11.35
C SER A 398 -23.92 51.17 10.47
N GLU A 399 -23.56 51.34 9.21
CA GLU A 399 -24.37 52.15 8.34
C GLU A 399 -25.12 51.25 7.36
N PHE A 400 -26.36 51.64 7.03
CA PHE A 400 -27.17 50.96 6.03
C PHE A 400 -26.83 51.37 4.60
N LEU A 401 -26.02 50.57 3.94
CA LEU A 401 -25.42 50.91 2.67
C LEU A 401 -25.48 49.77 1.64
N PRO A 402 -26.62 49.64 0.96
CA PRO A 402 -26.78 48.50 0.01
C PRO A 402 -25.67 48.47 -1.01
N GLU A 403 -25.15 49.67 -1.25
CA GLU A 403 -24.17 49.89 -2.27
C GLU A 403 -22.88 49.13 -1.99
N ARG A 404 -22.65 48.75 -0.75
CA ARG A 404 -21.45 47.98 -0.39
C ARG A 404 -21.37 46.62 -1.10
N PHE A 405 -22.47 46.14 -1.65
CA PHE A 405 -22.46 44.83 -2.30
C PHE A 405 -22.32 44.94 -3.82
N LEU A 406 -22.22 46.17 -4.29
CA LEU A 406 -22.20 46.47 -5.73
C LEU A 406 -20.80 46.80 -6.22
N THR A 407 -20.44 46.27 -7.36
CA THR A 407 -19.21 46.67 -8.03
C THR A 407 -19.38 48.08 -8.70
N PRO A 408 -18.29 48.60 -9.31
CA PRO A 408 -18.46 49.87 -9.99
C PRO A 408 -19.46 49.83 -11.20
N ASP A 409 -19.47 48.73 -11.95
CA ASP A 409 -20.52 48.55 -12.98
C ASP A 409 -21.94 48.60 -12.37
N GLY A 410 -22.15 47.85 -11.28
CA GLY A 410 -23.47 47.77 -10.61
C GLY A 410 -24.02 46.35 -10.59
N ALA A 411 -23.10 45.40 -10.63
CA ALA A 411 -23.36 44.00 -10.44
C ALA A 411 -23.08 43.62 -8.95
N ILE A 412 -23.72 42.55 -8.48
CA ILE A 412 -23.48 42.05 -7.14
C ILE A 412 -22.08 41.42 -7.04
N ASP A 413 -21.32 41.91 -6.06
CA ASP A 413 -20.01 41.43 -5.76
C ASP A 413 -20.22 40.14 -4.99
N LYS A 414 -20.00 39.04 -5.67
CA LYS A 414 -20.41 37.74 -5.16
C LYS A 414 -19.66 37.40 -3.90
N VAL A 415 -18.36 37.63 -3.94
CA VAL A 415 -17.49 37.29 -2.83
C VAL A 415 -17.88 38.01 -1.55
N LEU A 416 -18.40 39.21 -1.69
CA LEU A 416 -18.79 39.97 -0.53
C LEU A 416 -20.20 39.62 -0.07
N SER A 417 -21.07 39.24 -0.98
CA SER A 417 -22.41 38.89 -0.57
C SER A 417 -22.33 37.59 0.24
N GLU A 418 -21.40 36.71 -0.12
CA GLU A 418 -21.22 35.45 0.61
C GLU A 418 -20.71 35.54 2.05
N LYS A 419 -20.38 36.75 2.50
CA LYS A 419 -19.97 36.95 3.89
C LYS A 419 -21.15 37.41 4.79
N VAL A 420 -22.34 37.49 4.23
CA VAL A 420 -23.46 37.74 5.10
C VAL A 420 -23.89 36.40 5.63
N ILE A 421 -23.83 36.24 6.95
CA ILE A 421 -24.22 35.00 7.52
C ILE A 421 -25.44 35.26 8.37
N ILE A 422 -26.57 34.79 7.89
CA ILE A 422 -27.78 34.81 8.64
C ILE A 422 -28.60 33.51 8.63
N PHE A 423 -28.21 32.52 7.81
CA PHE A 423 -28.95 31.21 7.75
C PHE A 423 -28.22 30.01 8.38
N GLY A 424 -27.14 30.25 9.11
CA GLY A 424 -26.31 29.17 9.62
C GLY A 424 -25.46 28.52 8.55
N MET A 425 -25.02 27.31 8.80
CA MET A 425 -24.01 26.66 8.02
C MET A 425 -24.04 25.20 8.45
N GLY A 426 -23.61 24.28 7.59
CA GLY A 426 -23.40 22.93 8.05
C GLY A 426 -24.69 22.17 8.27
N LYS A 427 -24.60 21.17 9.13
CA LYS A 427 -25.62 20.19 9.30
C LYS A 427 -26.94 20.82 9.77
N ARG A 428 -26.85 21.89 10.54
CA ARG A 428 -28.04 22.53 11.04
C ARG A 428 -28.35 23.87 10.35
N LYS A 429 -28.09 23.96 9.05
CA LYS A 429 -28.40 25.18 8.32
C LYS A 429 -29.89 25.30 7.99
N CYS A 430 -30.42 26.52 7.97
CA CYS A 430 -31.81 26.74 7.64
C CYS A 430 -32.17 25.86 6.47
N ILE A 431 -33.26 25.12 6.58
CA ILE A 431 -33.74 24.42 5.41
C ILE A 431 -34.75 25.18 4.62
N GLY A 432 -35.12 26.35 5.13
CA GLY A 432 -36.03 27.28 4.49
C GLY A 432 -35.33 28.33 3.63
N GLU A 433 -34.01 28.27 3.49
CA GLU A 433 -33.24 29.39 2.92
C GLU A 433 -33.70 29.78 1.53
N THR A 434 -33.84 28.83 0.60
CA THR A 434 -34.28 29.29 -0.70
C THR A 434 -35.71 29.83 -0.68
N ILE A 435 -36.62 29.22 0.05
CA ILE A 435 -37.97 29.81 0.08
C ILE A 435 -37.90 31.20 0.61
N ALA A 436 -37.17 31.36 1.71
CA ALA A 436 -37.06 32.68 2.35
C ALA A 436 -36.49 33.72 1.39
N ARG A 437 -35.41 33.40 0.68
CA ARG A 437 -34.84 34.39 -0.25
C ARG A 437 -35.83 34.75 -1.34
N TRP A 438 -36.60 33.78 -1.87
CA TRP A 438 -37.54 34.05 -3.00
C TRP A 438 -38.77 34.79 -2.48
N GLU A 439 -39.21 34.45 -1.31
CA GLU A 439 -40.43 35.02 -0.80
C GLU A 439 -40.26 36.51 -0.49
N VAL A 440 -39.10 36.87 0.05
CA VAL A 440 -38.80 38.26 0.41
C VAL A 440 -38.64 39.09 -0.85
N PHE A 441 -37.77 38.63 -1.73
CA PHE A 441 -37.70 39.21 -3.04
C PHE A 441 -39.10 39.49 -3.69
N LEU A 442 -39.86 38.43 -3.95
CA LEU A 442 -41.11 38.64 -4.65
C LEU A 442 -41.98 39.61 -3.96
N PHE A 443 -42.08 39.49 -2.64
CA PHE A 443 -42.98 40.34 -1.91
C PHE A 443 -42.56 41.79 -2.07
N LEU A 444 -41.25 42.02 -2.10
CA LEU A 444 -40.74 43.37 -2.19
C LEU A 444 -40.90 43.83 -3.63
N ALA A 445 -40.30 43.10 -4.57
CA ALA A 445 -40.43 43.44 -6.00
C ALA A 445 -41.88 43.78 -6.35
N ILE A 446 -42.85 42.92 -6.03
CA ILE A 446 -44.26 43.21 -6.40
C ILE A 446 -44.83 44.41 -5.69
N LEU A 447 -44.38 44.65 -4.49
CA LEU A 447 -44.93 45.77 -3.72
C LEU A 447 -44.33 47.10 -4.14
N LEU A 448 -43.02 47.12 -4.33
CA LEU A 448 -42.34 48.39 -4.55
C LEU A 448 -42.51 48.91 -5.98
N GLN A 449 -42.80 48.00 -6.91
CA GLN A 449 -43.12 48.34 -8.31
C GLN A 449 -44.40 49.14 -8.36
N ARG A 450 -45.29 48.92 -7.43
CA ARG A 450 -46.58 49.55 -7.50
C ARG A 450 -46.90 50.52 -6.37
N VAL A 451 -46.18 50.50 -5.26
CA VAL A 451 -46.47 51.46 -4.21
C VAL A 451 -45.22 52.07 -3.62
N GLU A 452 -45.46 53.08 -2.81
CA GLU A 452 -44.42 53.80 -2.08
C GLU A 452 -44.80 53.89 -0.62
N PHE A 453 -43.81 53.64 0.23
CA PHE A 453 -44.04 53.63 1.64
C PHE A 453 -43.31 54.82 2.20
N SER A 454 -43.87 55.38 3.26
CA SER A 454 -43.26 56.49 3.86
C SER A 454 -43.78 56.60 5.27
N VAL A 455 -43.01 57.37 6.04
CA VAL A 455 -43.44 57.83 7.33
C VAL A 455 -43.21 59.37 7.41
N PRO A 456 -44.07 60.09 8.14
CA PRO A 456 -43.86 61.53 8.26
C PRO A 456 -42.61 61.93 9.05
N LEU A 457 -42.16 63.17 8.85
CA LEU A 457 -41.19 63.80 9.74
C LEU A 457 -41.82 64.09 11.15
N GLY A 458 -41.01 64.05 12.19
CA GLY A 458 -41.49 64.40 13.52
C GLY A 458 -42.16 63.29 14.34
N VAL A 459 -42.19 62.07 13.81
CA VAL A 459 -42.61 60.92 14.65
C VAL A 459 -41.43 60.00 14.95
N LYS A 460 -41.49 59.43 16.15
CA LYS A 460 -40.52 58.46 16.62
C LYS A 460 -40.69 57.18 15.82
N VAL A 461 -39.64 56.77 15.15
CA VAL A 461 -39.59 55.41 14.69
C VAL A 461 -38.35 54.73 15.29
N ASP A 462 -38.57 53.96 16.37
CA ASP A 462 -37.49 53.14 16.98
C ASP A 462 -36.96 52.03 16.06
N MET A 463 -35.69 52.11 15.76
CA MET A 463 -35.03 51.20 14.84
C MET A 463 -34.10 50.21 15.61
N THR A 464 -34.19 50.21 16.95
CA THR A 464 -33.39 49.39 17.85
C THR A 464 -33.86 47.93 17.91
N PRO A 465 -33.01 46.99 17.53
CA PRO A 465 -33.49 45.65 17.61
C PRO A 465 -33.82 45.30 19.04
N ILE A 466 -34.90 44.55 19.23
CA ILE A 466 -35.24 43.92 20.51
C ILE A 466 -34.77 42.46 20.51
N TYR A 467 -33.89 42.15 21.42
CA TYR A 467 -33.25 40.85 21.39
C TYR A 467 -34.21 39.64 21.35
N GLY A 468 -33.81 38.64 20.59
CA GLY A 468 -34.37 37.33 20.67
C GLY A 468 -33.79 36.46 19.57
N LEU A 469 -34.43 35.32 19.32
CA LEU A 469 -33.95 34.42 18.29
C LEU A 469 -34.12 35.13 16.96
N THR A 470 -35.28 35.70 16.77
CA THR A 470 -35.48 36.74 15.78
C THR A 470 -35.69 38.02 16.52
N MET A 471 -34.99 39.03 16.06
CA MET A 471 -35.00 40.34 16.69
C MET A 471 -36.03 41.21 15.98
N LYS A 472 -37.03 41.60 16.72
CA LYS A 472 -38.04 42.51 16.23
C LYS A 472 -37.72 43.99 16.49
N HIS A 473 -38.54 44.86 15.92
CA HIS A 473 -38.52 46.30 16.23
C HIS A 473 -39.76 46.61 16.99
N ALA A 474 -39.80 47.73 17.71
CA ALA A 474 -41.07 48.22 18.32
C ALA A 474 -42.11 48.50 17.24
N CYS A 475 -43.37 48.35 17.59
CA CYS A 475 -44.42 48.51 16.61
C CYS A 475 -44.43 49.98 16.13
N CYS A 476 -44.67 50.20 14.85
CA CYS A 476 -44.76 51.54 14.29
C CYS A 476 -46.15 51.72 13.69
N GLU A 477 -46.95 52.64 14.23
CA GLU A 477 -48.33 52.89 13.74
C GLU A 477 -48.39 53.90 12.60
N HIS A 478 -47.27 54.53 12.28
CA HIS A 478 -47.19 55.66 11.35
C HIS A 478 -46.85 55.31 9.88
N PHE A 479 -47.08 54.11 9.41
CA PHE A 479 -46.67 53.87 8.01
C PHE A 479 -47.73 54.46 7.09
N GLN A 480 -47.28 54.98 5.96
CA GLN A 480 -48.21 55.45 4.94
C GLN A 480 -47.78 54.89 3.64
N MET A 481 -48.76 54.61 2.77
CA MET A 481 -48.49 54.14 1.42
C MET A 481 -49.22 54.99 0.37
N GLN A 482 -48.59 55.18 -0.79
CA GLN A 482 -49.20 55.83 -1.95
C GLN A 482 -48.89 55.04 -3.20
N LEU A 483 -49.93 54.79 -4.01
CA LEU A 483 -49.78 54.21 -5.36
C LEU A 483 -48.77 54.98 -6.14
N ARG A 484 -48.20 54.39 -7.18
CA ARG A 484 -47.18 55.06 -7.98
C ARG A 484 -47.68 55.62 -9.36
N SER A 485 -47.25 56.85 -9.70
CA SER A 485 -47.64 57.56 -10.95
C SER A 485 -47.99 56.67 -12.14
N SER B 7 -33.44 4.99 1.72
CA SER B 7 -33.13 6.33 2.33
C SER B 7 -34.29 6.85 3.20
N LYS B 8 -35.50 6.93 2.63
CA LYS B 8 -36.64 7.67 3.22
C LYS B 8 -37.18 7.07 4.58
N GLY B 9 -37.31 7.95 5.57
CA GLY B 9 -37.61 7.58 6.95
C GLY B 9 -36.59 6.63 7.54
N LEU B 10 -37.03 5.85 8.49
CA LEU B 10 -36.17 5.04 9.25
C LEU B 10 -36.85 3.68 9.57
N LYS B 11 -36.11 2.59 9.41
CA LYS B 11 -36.61 1.22 9.61
C LYS B 11 -35.61 0.49 10.44
N ASN B 12 -36.05 -0.63 10.97
CA ASN B 12 -35.13 -1.57 11.61
C ASN B 12 -34.57 -2.64 10.71
N PRO B 13 -33.32 -3.00 10.94
CA PRO B 13 -32.76 -4.03 10.10
C PRO B 13 -33.56 -5.32 10.14
N PRO B 14 -33.80 -5.92 8.95
CA PRO B 14 -34.59 -7.14 8.89
C PRO B 14 -33.76 -8.39 9.27
N GLY B 15 -34.42 -9.51 9.57
CA GLY B 15 -33.71 -10.74 9.81
C GLY B 15 -34.64 -11.89 10.09
N PRO B 16 -34.14 -13.09 10.00
CA PRO B 16 -34.94 -14.25 10.35
C PRO B 16 -35.37 -14.41 11.80
N TRP B 17 -36.35 -15.26 12.01
CA TRP B 17 -36.78 -15.64 13.34
C TRP B 17 -35.68 -16.48 14.02
N GLY B 18 -35.60 -16.37 15.35
CA GLY B 18 -34.60 -17.11 16.10
C GLY B 18 -35.18 -17.58 17.43
N TRP B 19 -34.52 -18.56 18.06
CA TRP B 19 -35.01 -19.14 19.27
C TRP B 19 -34.95 -18.10 20.36
N PRO B 20 -35.93 -18.11 21.26
CA PRO B 20 -35.96 -17.12 22.28
C PRO B 20 -34.71 -17.10 23.18
N LEU B 21 -34.12 -18.24 23.52
CA LEU B 21 -32.94 -18.22 24.40
C LEU B 21 -31.60 -18.19 23.67
N ILE B 22 -31.45 -18.98 22.62
CA ILE B 22 -30.16 -19.03 21.93
C ILE B 22 -30.12 -18.21 20.65
N GLY B 23 -31.27 -17.83 20.12
CA GLY B 23 -31.26 -16.98 18.96
C GLY B 23 -30.84 -17.84 17.80
N HIS B 24 -29.82 -17.41 17.05
CA HIS B 24 -29.48 -18.03 15.76
C HIS B 24 -28.16 -18.75 15.83
N MET B 25 -27.72 -19.03 17.04
CA MET B 25 -26.52 -19.79 17.17
C MET B 25 -26.46 -21.03 16.30
N LEU B 26 -27.50 -21.83 16.32
CA LEU B 26 -27.45 -23.05 15.52
C LEU B 26 -27.41 -22.73 14.05
N THR B 27 -28.08 -21.69 13.63
CA THR B 27 -28.00 -21.36 12.21
C THR B 27 -26.56 -20.99 11.81
N LEU B 28 -25.78 -20.35 12.71
CA LEU B 28 -24.42 -19.94 12.36
C LEU B 28 -23.53 -21.14 12.07
N GLY B 29 -23.73 -22.19 12.84
CA GLY B 29 -23.09 -23.48 12.58
C GLY B 29 -21.61 -23.38 12.78
N LYS B 30 -20.86 -24.16 12.01
CA LYS B 30 -19.42 -24.06 12.13
C LYS B 30 -18.80 -23.16 11.08
N ASN B 31 -19.56 -22.78 10.06
CA ASN B 31 -19.11 -21.77 9.11
C ASN B 31 -19.99 -20.56 9.04
N PRO B 32 -19.90 -19.65 10.05
CA PRO B 32 -20.78 -18.49 10.08
C PRO B 32 -20.68 -17.65 8.82
N HIS B 33 -19.49 -17.58 8.22
CA HIS B 33 -19.31 -16.81 6.98
C HIS B 33 -20.20 -17.32 5.86
N LEU B 34 -20.25 -18.64 5.73
CA LEU B 34 -21.12 -19.28 4.72
C LEU B 34 -22.60 -19.07 5.06
N ALA B 35 -22.99 -19.30 6.31
CA ALA B 35 -24.37 -19.17 6.74
C ALA B 35 -24.84 -17.72 6.64
N LEU B 36 -24.02 -16.76 7.06
CA LEU B 36 -24.43 -15.38 6.97
C LEU B 36 -24.43 -14.79 5.57
N SER B 37 -23.62 -15.36 4.69
CA SER B 37 -23.70 -14.95 3.27
C SER B 37 -25.02 -15.37 2.71
N ARG B 38 -25.36 -16.62 2.92
CA ARG B 38 -26.63 -17.14 2.46
C ARG B 38 -27.76 -16.27 3.00
N MET B 39 -27.72 -15.94 4.26
CA MET B 39 -28.80 -15.20 4.85
C MET B 39 -28.88 -13.86 4.15
N SER B 40 -27.73 -13.29 3.83
CA SER B 40 -27.76 -11.97 3.21
C SER B 40 -28.40 -12.00 1.85
N GLN B 41 -28.34 -13.10 1.14
CA GLN B 41 -29.10 -13.26 -0.11
C GLN B 41 -30.59 -13.03 0.12
N GLN B 42 -31.11 -13.46 1.25
CA GLN B 42 -32.50 -13.21 1.55
C GLN B 42 -32.78 -11.86 2.18
N TYR B 43 -31.95 -11.40 3.09
CA TYR B 43 -32.32 -10.20 3.83
C TYR B 43 -31.55 -8.98 3.46
N GLY B 44 -30.57 -9.09 2.57
CA GLY B 44 -29.85 -7.88 2.17
C GLY B 44 -28.64 -7.55 3.01
N ASP B 45 -28.08 -6.39 2.73
CA ASP B 45 -26.76 -5.96 3.26
C ASP B 45 -26.70 -5.56 4.72
N VAL B 46 -27.83 -5.23 5.31
CA VAL B 46 -27.90 -4.89 6.71
C VAL B 46 -28.95 -5.78 7.28
N LEU B 47 -28.53 -6.76 8.06
CA LEU B 47 -29.47 -7.66 8.69
C LEU B 47 -29.14 -7.86 10.15
N GLN B 48 -30.01 -8.56 10.85
CA GLN B 48 -29.96 -8.64 12.28
C GLN B 48 -30.13 -10.05 12.76
N ILE B 49 -29.32 -10.49 13.69
CA ILE B 49 -29.50 -11.81 14.29
C ILE B 49 -29.33 -11.59 15.77
N ARG B 50 -29.25 -12.67 16.52
CA ARG B 50 -29.14 -12.66 17.96
C ARG B 50 -28.35 -13.96 18.27
N ILE B 51 -27.34 -13.85 19.12
CA ILE B 51 -26.58 -14.99 19.55
C ILE B 51 -26.77 -14.98 21.05
N GLY B 52 -27.41 -16.03 21.54
CA GLY B 52 -27.95 -16.02 22.88
C GLY B 52 -28.95 -14.89 22.94
N SER B 53 -28.76 -13.99 23.85
CA SER B 53 -29.69 -12.87 23.95
C SER B 53 -29.07 -11.58 23.34
N THR B 54 -27.95 -11.73 22.65
CA THR B 54 -27.24 -10.58 22.20
C THR B 54 -27.52 -10.34 20.74
N PRO B 55 -28.11 -9.17 20.41
CA PRO B 55 -28.31 -8.82 19.01
C PRO B 55 -27.03 -8.50 18.30
N VAL B 56 -26.93 -8.87 17.03
CA VAL B 56 -25.78 -8.56 16.24
C VAL B 56 -26.26 -8.16 14.91
N VAL B 57 -25.70 -7.04 14.42
CA VAL B 57 -25.92 -6.60 13.08
C VAL B 57 -24.77 -7.11 12.20
N VAL B 58 -25.16 -7.66 11.08
CA VAL B 58 -24.23 -8.25 10.14
C VAL B 58 -24.26 -7.46 8.83
N LEU B 59 -23.12 -6.94 8.40
CA LEU B 59 -23.08 -6.22 7.15
C LEU B 59 -22.44 -6.98 6.01
N SER B 60 -22.98 -6.75 4.85
CA SER B 60 -22.38 -7.25 3.62
C SER B 60 -22.62 -6.25 2.54
N GLY B 61 -22.05 -6.52 1.37
CA GLY B 61 -22.16 -5.64 0.23
C GLY B 61 -21.00 -4.71 0.28
N LEU B 62 -20.25 -4.66 -0.81
CA LEU B 62 -19.12 -3.76 -0.92
C LEU B 62 -19.47 -2.29 -0.64
N ASP B 63 -20.57 -1.80 -1.17
CA ASP B 63 -20.89 -0.40 -0.99
C ASP B 63 -21.43 -0.13 0.39
N THR B 64 -22.22 -1.07 0.88
CA THR B 64 -22.78 -0.90 2.19
C THR B 64 -21.67 -0.88 3.23
N ILE B 65 -20.72 -1.80 3.07
CA ILE B 65 -19.58 -1.86 3.99
C ILE B 65 -18.69 -0.61 3.90
N ARG B 66 -18.41 -0.14 2.68
CA ARG B 66 -17.72 1.16 2.47
C ARG B 66 -18.44 2.25 3.20
N GLN B 67 -19.76 2.28 3.01
CA GLN B 67 -20.54 3.34 3.58
C GLN B 67 -20.41 3.39 5.06
N ALA B 68 -20.36 2.22 5.70
CA ALA B 68 -20.33 2.18 7.15
C ALA B 68 -18.94 2.46 7.74
N LEU B 69 -17.95 1.77 7.21
CA LEU B 69 -16.65 1.74 7.79
C LEU B 69 -15.78 2.95 7.41
N VAL B 70 -16.06 3.50 6.24
CA VAL B 70 -15.36 4.67 5.70
C VAL B 70 -16.18 5.98 5.84
N ARG B 71 -17.26 6.08 5.08
CA ARG B 71 -18.06 7.28 5.09
C ARG B 71 -18.68 7.52 6.45
N GLN B 72 -18.89 6.50 7.28
CA GLN B 72 -19.45 6.75 8.65
C GLN B 72 -18.58 6.08 9.72
N GLY B 73 -17.31 5.89 9.40
CA GLY B 73 -16.49 5.08 10.25
C GLY B 73 -16.41 5.47 11.70
N ASP B 74 -16.59 6.75 12.01
CA ASP B 74 -16.64 7.10 13.42
C ASP B 74 -17.74 6.44 14.17
N ASP B 75 -18.87 6.24 13.50
CA ASP B 75 -20.02 5.59 14.12
C ASP B 75 -19.74 4.13 14.32
N PHE B 76 -18.83 3.53 13.51
CA PHE B 76 -18.59 2.11 13.55
C PHE B 76 -17.26 1.65 14.04
N LYS B 77 -16.50 2.50 14.71
CA LYS B 77 -15.11 2.15 14.92
C LYS B 77 -14.84 1.48 16.25
N GLY B 78 -15.86 1.24 17.06
CA GLY B 78 -15.68 0.63 18.35
C GLY B 78 -15.46 -0.88 18.30
N ARG B 79 -15.12 -1.48 19.44
CA ARG B 79 -15.11 -2.92 19.62
C ARG B 79 -16.10 -3.37 20.67
N PRO B 80 -16.85 -4.43 20.40
CA PRO B 80 -17.76 -4.90 21.39
C PRO B 80 -16.94 -5.40 22.55
N ASP B 81 -17.54 -5.42 23.73
CA ASP B 81 -16.87 -5.85 24.97
C ASP B 81 -17.06 -7.35 25.20
N LEU B 82 -16.44 -8.16 24.35
CA LEU B 82 -16.62 -9.59 24.44
C LEU B 82 -15.67 -10.18 25.48
N TYR B 83 -16.07 -11.33 26.01
CA TYR B 83 -15.33 -12.02 26.99
C TYR B 83 -13.98 -12.48 26.47
N THR B 84 -13.97 -13.20 25.36
CA THR B 84 -12.71 -13.75 24.83
C THR B 84 -11.63 -12.66 24.70
N PHE B 85 -12.02 -11.47 24.31
CA PHE B 85 -11.07 -10.37 24.21
C PHE B 85 -10.48 -9.90 25.55
N THR B 86 -11.20 -10.07 26.64
CA THR B 86 -10.68 -9.71 27.97
C THR B 86 -9.46 -10.55 28.32
N LEU B 87 -9.33 -11.73 27.70
CA LEU B 87 -8.20 -12.68 27.90
C LEU B 87 -6.95 -12.41 27.05
N ILE B 88 -6.99 -11.41 26.18
CA ILE B 88 -5.88 -11.07 25.30
C ILE B 88 -5.15 -9.85 25.84
N SER B 89 -3.82 -9.93 25.90
CA SER B 89 -2.96 -8.85 26.39
C SER B 89 -3.53 -8.33 27.68
N ASN B 90 -3.89 -9.24 28.57
CA ASN B 90 -4.28 -8.86 29.90
C ASN B 90 -5.40 -7.82 29.95
N GLY B 91 -6.47 -8.05 29.21
CA GLY B 91 -7.61 -7.13 29.20
C GLY B 91 -7.38 -5.82 28.46
N GLN B 92 -6.25 -5.70 27.76
CA GLN B 92 -5.70 -4.39 27.43
C GLN B 92 -5.10 -4.27 26.03
N SER B 93 -5.57 -5.10 25.11
CA SER B 93 -5.18 -5.01 23.72
C SER B 93 -5.70 -3.77 23.06
N MET B 94 -4.81 -3.11 22.33
CA MET B 94 -5.16 -2.06 21.42
C MET B 94 -6.28 -2.50 20.44
N SER B 95 -6.09 -3.68 19.90
CA SER B 95 -6.89 -4.18 18.78
C SER B 95 -8.22 -4.75 19.21
N PHE B 96 -8.24 -5.40 20.36
CA PHE B 96 -9.40 -6.12 20.83
C PHE B 96 -10.11 -5.51 22.04
N SER B 97 -9.57 -4.48 22.67
CA SER B 97 -10.26 -3.91 23.87
C SER B 97 -11.35 -2.94 23.41
N PRO B 98 -12.29 -2.61 24.29
CA PRO B 98 -13.46 -1.73 24.04
C PRO B 98 -13.10 -0.30 23.84
N ASP B 99 -11.87 0.06 24.20
CA ASP B 99 -11.41 1.41 23.99
C ASP B 99 -11.28 1.70 22.50
N SER B 100 -12.02 2.71 22.05
CA SER B 100 -11.80 3.28 20.68
C SER B 100 -11.61 4.83 20.70
N GLY B 101 -11.27 5.39 21.86
CA GLY B 101 -11.12 6.83 21.95
C GLY B 101 -9.72 7.33 21.55
N PRO B 102 -9.39 8.53 22.03
CA PRO B 102 -8.08 9.12 21.68
C PRO B 102 -6.92 8.30 22.18
N VAL B 103 -7.16 7.54 23.25
CA VAL B 103 -6.12 6.63 23.75
C VAL B 103 -5.85 5.54 22.69
N TRP B 104 -6.93 4.96 22.15
CA TRP B 104 -6.80 3.94 21.07
C TRP B 104 -6.10 4.58 19.85
N ALA B 105 -6.53 5.77 19.49
CA ALA B 105 -5.97 6.45 18.33
C ALA B 105 -4.45 6.66 18.53
N ALA B 106 -4.09 7.07 19.75
CA ALA B 106 -2.66 7.31 20.07
C ALA B 106 -1.83 6.06 19.91
N ARG B 107 -2.37 4.95 20.40
CA ARG B 107 -1.65 3.71 20.35
C ARG B 107 -1.52 3.22 18.89
N ARG B 108 -2.60 3.40 18.14
CA ARG B 108 -2.58 3.17 16.70
C ARG B 108 -1.43 3.96 16.06
N ARG B 109 -1.32 5.24 16.39
CA ARG B 109 -0.22 6.09 15.87
C ARG B 109 1.16 5.49 16.18
N LEU B 110 1.41 5.20 17.44
CA LEU B 110 2.68 4.54 17.78
C LEU B 110 2.99 3.32 16.96
N ALA B 111 2.01 2.46 16.77
CA ALA B 111 2.25 1.22 16.08
C ALA B 111 2.55 1.49 14.64
N GLN B 112 1.89 2.50 14.09
CA GLN B 112 2.14 2.83 12.70
C GLN B 112 3.56 3.32 12.47
N ASN B 113 3.98 4.30 13.29
CA ASN B 113 5.37 4.77 13.32
C ASN B 113 6.36 3.63 13.55
N GLY B 114 6.07 2.79 14.54
CA GLY B 114 6.95 1.65 14.82
C GLY B 114 7.16 0.83 13.56
N LEU B 115 6.07 0.56 12.88
CA LEU B 115 6.15 -0.29 11.71
C LEU B 115 6.82 0.36 10.51
N LYS B 116 6.54 1.64 10.28
CA LYS B 116 7.13 2.39 9.20
C LYS B 116 8.64 2.40 9.45
N SER B 117 9.02 3.00 10.57
CA SER B 117 10.39 3.08 11.01
C SER B 117 11.19 1.78 10.90
N PHE B 118 10.61 0.65 11.25
CA PHE B 118 11.44 -0.55 11.31
C PHE B 118 11.13 -1.55 10.28
N SER B 119 10.52 -1.07 9.19
CA SER B 119 10.02 -1.95 8.14
C SER B 119 10.29 -1.42 6.76
N ILE B 120 9.78 -0.22 6.50
CA ILE B 120 9.83 0.40 5.18
C ILE B 120 11.06 1.30 5.07
N ALA B 121 11.48 1.89 6.18
CA ALA B 121 12.67 2.73 6.18
C ALA B 121 13.91 1.93 5.74
N SER B 122 14.96 2.70 5.45
CA SER B 122 16.22 2.15 4.95
C SER B 122 16.99 1.57 6.10
N ASP B 123 17.64 0.44 5.86
CA ASP B 123 18.52 -0.18 6.84
C ASP B 123 19.76 0.72 6.87
N PRO B 124 20.32 0.97 8.07
CA PRO B 124 21.62 1.63 8.10
C PRO B 124 22.74 0.78 7.41
N ALA B 125 22.67 -0.55 7.52
CA ALA B 125 23.60 -1.47 6.83
C ALA B 125 23.58 -1.33 5.30
N SER B 126 22.43 -1.57 4.70
CA SER B 126 22.28 -1.58 3.25
C SER B 126 21.57 -0.29 2.74
N SER B 127 22.19 0.38 1.76
CA SER B 127 21.57 1.54 1.07
C SER B 127 20.44 1.12 0.11
N THR B 128 20.67 0.03 -0.64
CA THR B 128 19.69 -0.59 -1.56
C THR B 128 18.32 -0.74 -0.90
N SER B 129 18.34 -1.35 0.28
CA SER B 129 17.18 -2.00 0.81
C SER B 129 16.54 -1.32 2.00
N CYS B 130 15.34 -1.83 2.28
CA CYS B 130 14.58 -1.54 3.47
C CYS B 130 14.81 -2.72 4.39
N TYR B 131 14.56 -2.48 5.67
CA TYR B 131 14.71 -3.56 6.65
C TYR B 131 13.96 -4.78 6.19
N LEU B 132 12.71 -4.55 5.78
CA LEU B 132 11.78 -5.61 5.52
C LEU B 132 12.32 -6.51 4.44
N GLU B 133 12.89 -5.89 3.43
CA GLU B 133 13.48 -6.67 2.36
C GLU B 133 14.72 -7.44 2.85
N GLU B 134 15.54 -6.78 3.65
CA GLU B 134 16.65 -7.48 4.26
C GLU B 134 16.13 -8.77 4.95
N HIS B 135 15.26 -8.60 5.94
CA HIS B 135 14.76 -9.73 6.71
C HIS B 135 14.12 -10.83 5.83
N VAL B 136 13.24 -10.44 4.92
CA VAL B 136 12.56 -11.47 4.12
C VAL B 136 13.57 -12.31 3.30
N SER B 137 14.64 -11.67 2.82
CA SER B 137 15.57 -12.40 1.93
C SER B 137 16.40 -13.41 2.71
N LYS B 138 16.92 -13.00 3.87
CA LYS B 138 17.62 -13.95 4.74
C LYS B 138 16.77 -15.18 4.94
N GLU B 139 15.53 -14.96 5.41
CA GLU B 139 14.65 -16.06 5.78
C GLU B 139 14.24 -16.90 4.60
N ALA B 140 14.06 -16.26 3.44
CA ALA B 140 13.67 -17.05 2.29
C ALA B 140 14.80 -18.02 1.91
N GLU B 141 16.02 -17.47 1.95
CA GLU B 141 17.22 -18.27 1.77
C GLU B 141 17.29 -19.46 2.74
N VAL B 142 17.33 -19.16 4.05
CA VAL B 142 17.37 -20.24 5.05
C VAL B 142 16.27 -21.27 4.77
N LEU B 143 15.10 -20.76 4.43
CA LEU B 143 13.94 -21.59 4.26
C LEU B 143 14.14 -22.57 3.13
N ILE B 144 14.75 -22.10 2.05
CA ILE B 144 15.09 -23.02 0.95
C ILE B 144 16.12 -24.06 1.40
N SER B 145 17.19 -23.60 2.05
CA SER B 145 18.17 -24.56 2.61
C SER B 145 17.35 -25.61 3.33
N THR B 146 16.49 -25.11 4.23
CA THR B 146 15.81 -25.98 5.16
C THR B 146 14.95 -27.05 4.50
N LEU B 147 14.21 -26.69 3.45
CA LEU B 147 13.36 -27.66 2.77
C LEU B 147 14.15 -28.72 1.93
N GLN B 148 15.19 -28.24 1.26
CA GLN B 148 16.18 -29.14 0.64
C GLN B 148 16.59 -30.27 1.61
N GLU B 149 17.12 -29.91 2.78
CA GLU B 149 17.47 -30.93 3.78
C GLU B 149 16.39 -31.97 3.93
N LEU B 150 15.17 -31.48 4.14
CA LEU B 150 14.04 -32.35 4.35
C LEU B 150 13.81 -33.21 3.13
N MET B 151 13.96 -32.62 1.95
CA MET B 151 13.86 -33.42 0.73
C MET B 151 14.92 -34.55 0.69
N ALA B 152 16.13 -34.26 1.19
CA ALA B 152 17.22 -35.25 1.28
C ALA B 152 16.91 -36.45 2.18
N GLY B 153 16.10 -36.21 3.23
CA GLY B 153 15.86 -37.21 4.26
C GLY B 153 14.59 -37.96 4.02
N PRO B 154 13.45 -37.41 4.50
CA PRO B 154 12.18 -38.11 4.30
C PRO B 154 11.64 -37.97 2.89
N GLY B 155 11.99 -36.89 2.19
CA GLY B 155 11.55 -36.69 0.80
C GLY B 155 10.26 -35.90 0.65
N HIS B 156 9.58 -35.71 1.78
CA HIS B 156 8.42 -34.85 1.87
C HIS B 156 8.44 -33.99 3.14
N PHE B 157 7.42 -33.15 3.27
CA PHE B 157 7.28 -32.27 4.41
C PHE B 157 5.92 -31.57 4.41
N ASN B 158 5.50 -31.17 5.62
CA ASN B 158 4.42 -30.22 5.78
C ASN B 158 5.05 -28.85 5.87
N PRO B 159 4.60 -27.91 5.03
CA PRO B 159 5.28 -26.59 4.93
C PRO B 159 5.01 -25.61 6.05
N TYR B 160 3.83 -25.69 6.69
CA TYR B 160 3.41 -24.72 7.73
C TYR B 160 4.46 -24.63 8.83
N ARG B 161 4.98 -25.80 9.19
CA ARG B 161 5.99 -25.94 10.26
C ARG B 161 7.18 -25.03 10.00
N TYR B 162 7.66 -25.01 8.75
CA TYR B 162 8.87 -24.26 8.42
C TYR B 162 8.51 -22.85 8.05
N VAL B 163 7.39 -22.68 7.37
CA VAL B 163 6.99 -21.32 7.00
C VAL B 163 6.70 -20.46 8.24
N VAL B 164 6.02 -20.98 9.27
CA VAL B 164 5.67 -20.11 10.40
C VAL B 164 6.92 -19.54 11.06
N VAL B 165 8.02 -20.31 11.10
CA VAL B 165 9.25 -19.77 11.70
C VAL B 165 9.85 -18.73 10.80
N SER B 166 9.97 -19.10 9.52
CA SER B 166 10.47 -18.17 8.52
C SER B 166 9.73 -16.85 8.64
N VAL B 167 8.41 -16.87 8.68
CA VAL B 167 7.61 -15.63 8.72
C VAL B 167 7.70 -14.92 10.07
N THR B 168 7.60 -15.72 11.13
CA THR B 168 7.74 -15.21 12.50
C THR B 168 9.07 -14.47 12.73
N ASN B 169 10.16 -15.00 12.16
CA ASN B 169 11.47 -14.34 12.27
C ASN B 169 11.48 -12.95 11.71
N VAL B 170 10.75 -12.73 10.62
CA VAL B 170 10.75 -11.38 10.02
C VAL B 170 10.14 -10.42 11.03
N ILE B 171 8.95 -10.75 11.46
CA ILE B 171 8.22 -9.87 12.37
C ILE B 171 8.96 -9.79 13.73
N CYS B 172 9.59 -10.91 14.10
CA CYS B 172 10.34 -10.97 15.31
C CYS B 172 11.55 -10.05 15.22
N ALA B 173 12.25 -10.06 14.09
CA ALA B 173 13.34 -9.16 13.86
C ALA B 173 12.88 -7.71 13.89
N ILE B 174 11.81 -7.38 13.20
CA ILE B 174 11.26 -6.02 13.24
C ILE B 174 10.88 -5.58 14.64
N CYS B 175 10.36 -6.50 15.44
CA CYS B 175 9.78 -6.13 16.74
C CYS B 175 10.81 -6.15 17.86
N PHE B 176 11.53 -7.27 17.93
CA PHE B 176 12.44 -7.60 19.03
C PHE B 176 13.93 -7.73 18.63
N GLY B 177 14.20 -7.88 17.36
CA GLY B 177 15.56 -7.84 16.88
C GLY B 177 16.26 -9.18 16.93
N ARG B 178 15.54 -10.26 17.15
CA ARG B 178 16.15 -11.58 17.21
C ARG B 178 15.61 -12.36 16.03
N ARG B 179 16.18 -13.54 15.78
CA ARG B 179 15.54 -14.54 14.96
C ARG B 179 15.86 -15.85 15.62
N TYR B 180 15.29 -16.95 15.11
CA TYR B 180 15.37 -18.23 15.77
C TYR B 180 15.50 -19.39 14.79
N ASP B 181 16.18 -20.43 15.22
CA ASP B 181 16.35 -21.63 14.43
C ASP B 181 15.02 -22.36 14.20
N HIS B 182 14.78 -22.77 12.96
CA HIS B 182 13.69 -23.68 12.63
C HIS B 182 13.37 -24.80 13.61
N ASN B 183 14.31 -25.15 14.50
CA ASN B 183 14.10 -26.25 15.45
C ASN B 183 14.15 -25.81 16.92
N HIS B 184 14.11 -24.51 17.15
CA HIS B 184 14.05 -23.91 18.50
C HIS B 184 12.75 -24.27 19.24
N GLN B 185 12.85 -24.69 20.50
CA GLN B 185 11.69 -25.22 21.24
C GLN B 185 10.80 -24.16 21.87
N GLU B 186 11.38 -23.08 22.38
CA GLU B 186 10.55 -22.02 22.97
C GLU B 186 9.62 -21.47 21.89
N LEU B 187 10.17 -21.13 20.73
CA LEU B 187 9.38 -20.51 19.68
C LEU B 187 8.33 -21.44 19.10
N LEU B 188 8.73 -22.65 18.78
CA LEU B 188 7.80 -23.62 18.26
C LEU B 188 6.64 -23.83 19.23
N SER B 189 6.96 -23.92 20.51
CA SER B 189 5.91 -23.95 21.56
C SER B 189 4.97 -22.69 21.60
N LEU B 190 5.49 -21.56 21.15
CA LEU B 190 4.77 -20.28 21.09
C LEU B 190 3.93 -20.08 19.81
N VAL B 191 4.45 -20.51 18.65
CA VAL B 191 3.82 -20.21 17.34
C VAL B 191 3.33 -21.46 16.60
N ASN B 192 3.65 -22.62 17.12
CA ASN B 192 3.32 -23.86 16.44
C ASN B 192 2.83 -24.90 17.45
N LEU B 193 2.30 -24.44 18.59
CA LEU B 193 1.82 -25.37 19.63
C LEU B 193 0.44 -24.94 20.05
N ASN B 194 -0.55 -25.75 19.64
CA ASN B 194 -1.96 -25.47 19.93
C ASN B 194 -2.31 -24.01 19.70
N ASN B 195 -1.86 -23.44 18.58
CA ASN B 195 -2.15 -22.03 18.28
C ASN B 195 -3.58 -21.94 17.79
N ASN B 196 -4.46 -21.71 18.74
CA ASN B 196 -5.86 -21.75 18.48
C ASN B 196 -6.42 -20.36 18.60
N PHE B 197 -5.54 -19.38 18.60
CA PHE B 197 -5.97 -18.02 18.74
C PHE B 197 -7.13 -17.69 17.77
N GLY B 198 -6.87 -17.81 16.49
CA GLY B 198 -7.87 -17.48 15.52
C GLY B 198 -9.15 -18.24 15.76
N GLU B 199 -9.01 -19.51 16.08
CA GLU B 199 -10.17 -20.37 16.20
C GLU B 199 -11.12 -19.92 17.32
N VAL B 200 -10.61 -19.35 18.38
CA VAL B 200 -11.44 -18.91 19.50
C VAL B 200 -12.06 -17.52 19.27
N VAL B 201 -11.42 -16.69 18.47
CA VAL B 201 -11.72 -15.27 18.32
C VAL B 201 -12.52 -14.94 17.03
N GLY B 202 -12.64 -15.91 16.17
CA GLY B 202 -13.58 -15.77 15.07
C GLY B 202 -14.93 -15.29 15.57
N SER B 203 -15.52 -14.37 14.86
CA SER B 203 -16.85 -13.91 15.08
C SER B 203 -17.82 -15.09 15.31
N GLY B 204 -18.64 -14.93 16.35
CA GLY B 204 -19.62 -15.89 16.72
C GLY B 204 -19.19 -16.96 17.64
N ASN B 205 -18.08 -16.81 18.34
CA ASN B 205 -17.72 -17.76 19.40
C ASN B 205 -18.81 -17.82 20.46
N PRO B 206 -19.45 -18.98 20.58
CA PRO B 206 -20.51 -19.14 21.54
C PRO B 206 -20.14 -18.67 22.94
N ALA B 207 -18.93 -18.95 23.39
CA ALA B 207 -18.50 -18.53 24.74
C ALA B 207 -18.73 -17.03 24.97
N ASP B 208 -18.66 -16.23 23.93
CA ASP B 208 -18.86 -14.81 24.05
C ASP B 208 -20.31 -14.44 24.26
N PHE B 209 -21.20 -15.37 24.02
CA PHE B 209 -22.62 -15.07 23.95
C PHE B 209 -23.45 -15.97 24.89
N ILE B 210 -22.93 -17.15 25.19
CA ILE B 210 -23.46 -18.05 26.17
C ILE B 210 -22.54 -18.12 27.43
N PRO B 211 -22.83 -17.29 28.43
CA PRO B 211 -21.98 -17.28 29.60
C PRO B 211 -21.62 -18.63 30.26
N ILE B 212 -22.49 -19.60 30.23
CA ILE B 212 -22.23 -20.84 30.96
C ILE B 212 -21.02 -21.58 30.34
N LEU B 213 -20.77 -21.41 29.05
CA LEU B 213 -19.66 -22.13 28.42
C LEU B 213 -18.32 -21.68 28.93
N ARG B 214 -18.25 -20.45 29.41
CA ARG B 214 -17.02 -19.92 30.03
C ARG B 214 -16.65 -20.64 31.32
N TYR B 215 -17.61 -21.32 31.94
CA TYR B 215 -17.37 -21.95 33.25
C TYR B 215 -17.41 -23.48 33.16
N LEU B 216 -18.06 -24.01 32.14
CA LEU B 216 -17.96 -25.45 31.90
C LEU B 216 -16.52 -25.82 31.52
N PRO B 217 -16.16 -27.11 31.71
CA PRO B 217 -14.82 -27.51 31.29
C PRO B 217 -14.71 -27.21 29.80
N ASN B 218 -13.80 -26.30 29.45
CA ASN B 218 -13.67 -25.80 28.07
C ASN B 218 -12.21 -25.88 27.66
N PRO B 219 -11.79 -27.01 27.06
CA PRO B 219 -10.34 -27.13 26.76
C PRO B 219 -9.84 -26.01 25.86
N SER B 220 -10.60 -25.74 24.80
CA SER B 220 -10.25 -24.68 23.83
C SER B 220 -10.00 -23.33 24.50
N LEU B 221 -10.86 -23.02 25.44
CA LEU B 221 -10.77 -21.79 26.13
C LEU B 221 -9.63 -21.84 27.12
N ASN B 222 -9.35 -23.04 27.61
CA ASN B 222 -8.19 -23.23 28.49
C ASN B 222 -6.93 -22.98 27.72
N ALA B 223 -6.85 -23.64 26.55
CA ALA B 223 -5.70 -23.48 25.69
C ALA B 223 -5.52 -22.01 25.32
N PHE B 224 -6.63 -21.34 25.08
CA PHE B 224 -6.56 -19.96 24.67
C PHE B 224 -5.98 -19.09 25.77
N LYS B 225 -6.40 -19.35 27.00
CA LYS B 225 -5.80 -18.65 28.14
C LYS B 225 -4.31 -18.98 28.23
N ASP B 226 -3.96 -20.25 28.12
CA ASP B 226 -2.56 -20.62 28.20
C ASP B 226 -1.79 -19.86 27.12
N LEU B 227 -2.30 -19.96 25.88
CA LEU B 227 -1.65 -19.31 24.77
C LEU B 227 -1.37 -17.89 25.17
N ASN B 228 -2.41 -17.19 25.62
CA ASN B 228 -2.22 -15.77 25.85
C ASN B 228 -1.23 -15.45 26.95
N GLU B 229 -1.06 -16.34 27.94
CA GLU B 229 -0.13 -16.03 29.03
C GLU B 229 1.29 -16.25 28.51
N LYS B 230 1.53 -17.40 27.90
CA LYS B 230 2.78 -17.61 27.16
C LYS B 230 3.19 -16.38 26.38
N PHE B 231 2.32 -15.94 25.49
CA PHE B 231 2.59 -14.71 24.75
C PHE B 231 2.84 -13.51 25.67
N TYR B 232 2.08 -13.37 26.74
CA TYR B 232 2.28 -12.16 27.54
C TYR B 232 3.62 -12.22 28.26
N SER B 233 4.10 -13.41 28.60
CA SER B 233 5.35 -13.46 29.34
C SER B 233 6.53 -13.38 28.38
N PHE B 234 6.43 -14.03 27.23
CA PHE B 234 7.46 -13.87 26.20
C PHE B 234 7.65 -12.40 25.90
N MET B 235 6.56 -11.66 25.87
CA MET B 235 6.69 -10.25 25.66
C MET B 235 7.43 -9.66 26.82
N GLN B 236 6.99 -9.99 28.03
CA GLN B 236 7.60 -9.47 29.26
C GLN B 236 9.11 -9.74 29.29
N LYS B 237 9.51 -10.99 29.00
CA LYS B 237 10.91 -11.39 28.85
C LYS B 237 11.65 -10.46 27.89
N MET B 238 11.09 -10.24 26.71
CA MET B 238 11.79 -9.53 25.67
C MET B 238 12.01 -8.03 25.94
N VAL B 239 11.15 -7.45 26.75
CA VAL B 239 11.21 -6.03 27.05
C VAL B 239 12.21 -5.78 28.18
N LYS B 240 12.19 -6.69 29.16
CA LYS B 240 13.17 -6.64 30.23
C LYS B 240 14.56 -6.68 29.61
N GLU B 241 14.84 -7.74 28.82
CA GLU B 241 16.10 -7.83 28.09
C GLU B 241 16.46 -6.57 27.33
N HIS B 242 15.46 -5.92 26.74
CA HIS B 242 15.70 -4.71 25.93
C HIS B 242 16.03 -3.50 26.78
N TYR B 243 15.38 -3.37 27.94
CA TYR B 243 15.57 -2.23 28.82
C TYR B 243 16.98 -2.36 29.39
N LYS B 244 17.26 -3.53 29.95
CA LYS B 244 18.62 -3.92 30.35
C LYS B 244 19.66 -3.26 29.47
N THR B 245 19.49 -3.38 28.15
CA THR B 245 20.50 -2.89 27.19
C THR B 245 20.11 -1.60 26.42
N PHE B 246 19.23 -0.77 26.97
CA PHE B 246 18.69 0.36 26.20
C PHE B 246 19.61 1.57 26.05
N GLU B 247 19.78 2.08 24.83
CA GLU B 247 20.57 3.30 24.57
C GLU B 247 19.70 4.42 24.00
N LYS B 248 19.50 5.50 24.76
CA LYS B 248 18.62 6.60 24.33
C LYS B 248 18.68 6.98 22.85
N GLY B 249 19.84 6.80 22.23
CA GLY B 249 20.00 7.22 20.83
C GLY B 249 20.07 6.11 19.80
N HIS B 250 20.18 4.86 20.23
CA HIS B 250 20.25 3.72 19.30
C HIS B 250 19.03 2.81 19.43
N ILE B 251 17.99 3.17 18.68
CA ILE B 251 16.74 2.42 18.64
C ILE B 251 16.88 1.26 17.67
N ARG B 252 16.87 0.05 18.20
CA ARG B 252 17.07 -1.14 17.38
C ARG B 252 15.81 -1.64 16.67
N ASP B 253 14.65 -1.27 17.21
CA ASP B 253 13.42 -1.96 16.83
C ASP B 253 12.22 -1.42 17.58
N ILE B 254 11.08 -2.04 17.31
CA ILE B 254 9.82 -1.48 17.70
C ILE B 254 9.76 -1.42 19.19
N THR B 255 10.17 -2.52 19.84
CA THR B 255 10.28 -2.51 21.29
C THR B 255 11.09 -1.27 21.80
N ASP B 256 12.30 -1.05 21.28
CA ASP B 256 13.03 0.15 21.71
C ASP B 256 12.21 1.42 21.52
N SER B 257 11.54 1.53 20.38
CA SER B 257 10.81 2.78 20.05
C SER B 257 9.70 3.05 21.02
N LEU B 258 9.17 1.97 21.61
CA LEU B 258 8.13 2.05 22.62
C LEU B 258 8.69 2.33 24.01
N ILE B 259 9.76 1.59 24.38
CA ILE B 259 10.50 1.93 25.59
C ILE B 259 10.83 3.44 25.53
N GLU B 260 11.41 3.86 24.42
CA GLU B 260 11.66 5.28 24.22
C GLU B 260 10.41 6.11 24.55
N HIS B 261 9.28 5.76 23.94
CA HIS B 261 8.10 6.59 24.10
C HIS B 261 7.70 6.61 25.57
N CYS B 262 7.90 5.53 26.31
CA CYS B 262 7.65 5.55 27.77
C CYS B 262 8.28 6.73 28.54
N GLN B 263 9.52 7.08 28.19
CA GLN B 263 10.15 8.30 28.69
C GLN B 263 9.60 9.52 27.92
N GLU B 264 8.63 10.20 28.54
CA GLU B 264 7.95 11.41 28.00
C GLU B 264 6.83 11.81 28.99
N LYS B 265 6.03 12.83 28.67
CA LYS B 265 4.91 13.28 29.52
C LYS B 265 3.53 13.27 28.83
N VAL B 273 -0.98 10.92 28.32
CA VAL B 273 -1.44 10.80 29.71
C VAL B 273 -2.70 9.90 29.74
N GLN B 274 -2.80 9.08 30.81
CA GLN B 274 -3.69 7.88 30.94
C GLN B 274 -3.29 6.75 29.97
N LEU B 275 -2.21 6.98 29.26
CA LEU B 275 -1.63 5.98 28.42
C LEU B 275 -0.61 5.30 29.32
N SER B 276 -1.03 4.29 30.05
CA SER B 276 -0.13 3.52 30.88
C SER B 276 1.11 2.99 30.12
N ASP B 277 2.17 2.69 30.85
CA ASP B 277 3.37 2.16 30.23
C ASP B 277 3.09 0.75 29.69
N GLU B 278 2.24 0.01 30.39
CA GLU B 278 1.78 -1.31 29.90
C GLU B 278 1.13 -1.15 28.52
N LYS B 279 0.28 -0.13 28.39
CA LYS B 279 -0.49 0.07 27.19
C LYS B 279 0.33 0.51 26.01
N ILE B 280 1.46 1.18 26.26
CA ILE B 280 2.39 1.51 25.19
C ILE B 280 3.19 0.25 24.89
N ILE B 281 3.64 -0.43 25.91
CA ILE B 281 4.58 -1.49 25.62
C ILE B 281 3.92 -2.66 24.90
N ASN B 282 2.76 -3.10 25.39
CA ASN B 282 2.10 -4.31 24.83
C ASN B 282 1.59 -4.24 23.36
N ILE B 283 1.63 -3.05 22.77
CA ILE B 283 1.44 -2.87 21.37
C ILE B 283 2.24 -3.82 20.50
N VAL B 284 3.46 -4.13 20.88
CA VAL B 284 4.31 -4.99 20.06
C VAL B 284 3.77 -6.39 20.06
N LEU B 285 2.99 -6.70 21.07
CA LEU B 285 2.45 -8.02 21.14
C LEU B 285 1.30 -8.12 20.12
N ASP B 286 0.58 -7.01 19.92
CA ASP B 286 -0.48 -6.94 18.94
C ASP B 286 0.14 -7.11 17.57
N LEU B 287 1.23 -6.36 17.31
CA LEU B 287 1.95 -6.47 16.02
C LEU B 287 2.57 -7.84 15.82
N PHE B 288 3.24 -8.35 16.83
CA PHE B 288 3.88 -9.64 16.69
C PHE B 288 2.88 -10.75 16.37
N GLY B 289 1.81 -10.82 17.16
CA GLY B 289 0.79 -11.88 16.97
C GLY B 289 0.11 -11.76 15.62
N ALA B 290 -0.31 -10.55 15.25
CA ALA B 290 -0.95 -10.32 13.96
C ALA B 290 0.01 -10.59 12.80
N GLY B 291 1.22 -10.08 12.93
CA GLY B 291 2.20 -10.21 11.86
C GLY B 291 2.35 -11.66 11.51
N PHE B 292 2.63 -12.46 12.51
CA PHE B 292 3.13 -13.77 12.29
C PHE B 292 1.99 -14.63 11.83
N ASP B 293 0.84 -14.52 12.46
CA ASP B 293 -0.20 -15.48 12.15
C ASP B 293 -0.84 -15.16 10.80
N THR B 294 -1.11 -13.88 10.51
CA THR B 294 -1.79 -13.64 9.27
C THR B 294 -0.90 -13.97 8.08
N VAL B 295 0.34 -13.48 8.06
CA VAL B 295 1.18 -13.64 6.86
C VAL B 295 1.56 -15.12 6.72
N THR B 296 1.72 -15.82 7.82
CA THR B 296 2.00 -17.23 7.71
C THR B 296 0.87 -17.93 7.02
N THR B 297 -0.36 -17.53 7.37
CA THR B 297 -1.55 -18.21 6.86
C THR B 297 -1.71 -17.88 5.39
N ALA B 298 -1.44 -16.62 5.02
CA ALA B 298 -1.48 -16.26 3.61
C ALA B 298 -0.54 -17.08 2.81
N ILE B 299 0.69 -17.17 3.27
CA ILE B 299 1.69 -17.93 2.50
C ILE B 299 1.34 -19.42 2.45
N SER B 300 0.93 -19.97 3.57
CA SER B 300 0.60 -21.38 3.58
C SER B 300 -0.51 -21.63 2.56
N TRP B 301 -1.48 -20.72 2.48
CA TRP B 301 -2.54 -20.86 1.50
C TRP B 301 -2.00 -20.72 0.08
N SER B 302 -1.19 -19.69 -0.16
CA SER B 302 -0.51 -19.59 -1.42
C SER B 302 0.10 -20.94 -1.86
N LEU B 303 0.80 -21.65 -0.96
CA LEU B 303 1.48 -22.91 -1.39
C LEU B 303 0.50 -23.97 -1.75
N MET B 304 -0.56 -24.00 -0.99
CA MET B 304 -1.62 -24.95 -1.24
C MET B 304 -2.20 -24.75 -2.65
N TYR B 305 -2.32 -23.49 -3.05
CA TYR B 305 -2.90 -23.21 -4.34
C TYR B 305 -1.93 -23.58 -5.44
N LEU B 306 -0.69 -23.16 -5.28
CA LEU B 306 0.38 -23.44 -6.22
C LEU B 306 0.53 -24.90 -6.51
N VAL B 307 0.45 -25.71 -5.48
CA VAL B 307 0.61 -27.12 -5.63
C VAL B 307 -0.65 -27.76 -6.20
N MET B 308 -1.79 -27.11 -6.06
CA MET B 308 -3.04 -27.72 -6.62
C MET B 308 -3.33 -27.12 -7.95
N ASN B 309 -2.58 -26.10 -8.36
CA ASN B 309 -2.69 -25.56 -9.71
C ASN B 309 -1.32 -25.38 -10.38
N PRO B 310 -0.69 -26.49 -10.82
CA PRO B 310 0.64 -26.42 -11.46
C PRO B 310 0.70 -25.40 -12.59
N ARG B 311 -0.31 -25.42 -13.43
CA ARG B 311 -0.48 -24.45 -14.52
C ARG B 311 -0.28 -23.00 -14.05
N VAL B 312 -0.69 -22.67 -12.82
CA VAL B 312 -0.52 -21.33 -12.24
C VAL B 312 0.91 -21.11 -11.73
N GLN B 313 1.48 -22.16 -11.18
CA GLN B 313 2.88 -22.08 -10.74
C GLN B 313 3.76 -21.87 -11.97
N ARG B 314 3.57 -22.73 -12.97
CA ARG B 314 4.30 -22.58 -14.23
C ARG B 314 4.16 -21.16 -14.72
N LYS B 315 2.95 -20.61 -14.70
CA LYS B 315 2.79 -19.26 -15.25
C LYS B 315 3.54 -18.22 -14.43
N ILE B 316 3.64 -18.40 -13.13
CA ILE B 316 4.34 -17.42 -12.31
C ILE B 316 5.83 -17.44 -12.64
N GLN B 317 6.32 -18.65 -12.80
CA GLN B 317 7.71 -18.93 -13.10
C GLN B 317 8.09 -18.31 -14.42
N GLU B 318 7.34 -18.66 -15.47
CA GLU B 318 7.47 -18.01 -16.77
C GLU B 318 7.52 -16.49 -16.67
N GLU B 319 6.77 -15.90 -15.76
CA GLU B 319 6.75 -14.45 -15.70
C GLU B 319 8.05 -14.04 -15.09
N LEU B 320 8.54 -14.82 -14.13
CA LEU B 320 9.74 -14.41 -13.36
C LEU B 320 11.03 -14.54 -14.19
N ASP B 321 11.17 -15.66 -14.87
CA ASP B 321 12.22 -15.88 -15.86
C ASP B 321 12.26 -14.78 -16.90
N THR B 322 11.13 -14.51 -17.49
CA THR B 322 11.01 -13.45 -18.48
C THR B 322 11.15 -12.01 -17.99
N VAL B 323 11.21 -11.75 -16.69
CA VAL B 323 11.20 -10.34 -16.27
C VAL B 323 12.41 -10.01 -15.43
N ILE B 324 12.98 -11.06 -14.86
CA ILE B 324 14.04 -10.98 -13.89
C ILE B 324 15.23 -11.88 -14.28
N GLY B 325 14.96 -12.99 -14.98
CA GLY B 325 15.97 -14.03 -15.26
C GLY B 325 16.32 -14.85 -14.02
N ARG B 326 17.53 -15.41 -13.99
CA ARG B 326 18.14 -15.93 -12.75
C ARG B 326 19.41 -15.15 -12.36
N SER B 327 20.00 -14.48 -13.33
CA SER B 327 21.09 -13.52 -13.11
C SER B 327 21.02 -12.72 -11.79
N ARG B 328 19.85 -12.65 -11.15
CA ARG B 328 19.75 -12.00 -9.85
C ARG B 328 18.54 -12.50 -9.11
N ARG B 329 18.40 -12.06 -7.88
CA ARG B 329 17.26 -12.42 -7.08
C ARG B 329 16.30 -11.25 -7.04
N PRO B 330 14.98 -11.54 -6.95
CA PRO B 330 13.90 -10.57 -6.99
C PRO B 330 13.94 -9.57 -5.87
N ARG B 331 13.33 -8.42 -6.09
CA ARG B 331 13.31 -7.37 -5.13
C ARG B 331 11.95 -6.66 -5.17
N LEU B 332 11.60 -5.97 -4.09
CA LEU B 332 10.46 -5.09 -4.05
C LEU B 332 10.34 -4.23 -5.30
N SER B 333 11.45 -3.77 -5.85
CA SER B 333 11.39 -2.83 -6.95
C SER B 333 10.79 -3.51 -8.18
N ASP B 334 10.87 -4.84 -8.22
CA ASP B 334 10.33 -5.61 -9.32
C ASP B 334 8.86 -5.88 -9.17
N ARG B 335 8.24 -5.39 -8.10
CA ARG B 335 6.89 -5.83 -7.74
C ARG B 335 5.81 -5.35 -8.73
N SER B 336 5.84 -4.05 -8.98
CA SER B 336 4.93 -3.45 -9.92
C SER B 336 5.17 -3.93 -11.34
N HIS B 337 6.16 -4.79 -11.60
CA HIS B 337 6.33 -5.32 -12.96
C HIS B 337 6.00 -6.79 -13.06
N LEU B 338 5.35 -7.33 -12.02
CA LEU B 338 4.94 -8.76 -12.05
C LEU B 338 3.41 -9.00 -11.97
N PRO B 339 2.66 -8.54 -12.96
CA PRO B 339 1.22 -8.52 -12.77
C PRO B 339 0.58 -9.91 -12.53
N TYR B 340 1.12 -10.97 -13.08
CA TYR B 340 0.57 -12.26 -12.84
C TYR B 340 0.76 -12.68 -11.40
N MET B 341 1.85 -12.25 -10.81
CA MET B 341 2.12 -12.63 -9.45
C MET B 341 1.08 -11.89 -8.62
N GLU B 342 0.93 -10.57 -8.84
CA GLU B 342 -0.12 -9.82 -8.19
C GLU B 342 -1.53 -10.50 -8.46
N ALA B 343 -1.78 -10.96 -9.66
CA ALA B 343 -3.02 -11.63 -9.88
C ALA B 343 -3.12 -12.85 -8.99
N PHE B 344 -2.02 -13.55 -8.80
CA PHE B 344 -2.07 -14.80 -8.00
C PHE B 344 -2.36 -14.55 -6.50
N ILE B 345 -1.72 -13.52 -5.97
CA ILE B 345 -1.83 -13.19 -4.60
C ILE B 345 -3.25 -12.66 -4.33
N LEU B 346 -3.67 -11.67 -5.09
CA LEU B 346 -5.03 -11.17 -5.04
C LEU B 346 -6.04 -12.31 -5.07
N GLU B 347 -5.83 -13.33 -5.90
CA GLU B 347 -6.79 -14.42 -6.00
C GLU B 347 -6.67 -15.38 -4.86
N THR B 348 -5.57 -15.30 -4.12
CA THR B 348 -5.37 -16.18 -3.01
C THR B 348 -6.19 -15.57 -1.88
N PHE B 349 -6.03 -14.28 -1.71
CA PHE B 349 -6.82 -13.53 -0.78
C PHE B 349 -8.35 -13.67 -1.08
N ARG B 350 -8.75 -13.57 -2.33
CA ARG B 350 -10.14 -13.54 -2.66
C ARG B 350 -10.78 -14.92 -2.48
N HIS B 351 -10.12 -15.91 -3.01
CA HIS B 351 -10.69 -17.23 -3.06
C HIS B 351 -10.78 -17.86 -1.68
N SER B 352 -9.68 -17.76 -0.92
CA SER B 352 -9.59 -18.35 0.40
C SER B 352 -10.37 -17.51 1.43
N SER B 353 -10.49 -16.22 1.14
CA SER B 353 -10.88 -15.20 2.08
C SER B 353 -10.53 -15.59 3.50
N PHE B 354 -9.26 -15.88 3.71
CA PHE B 354 -8.85 -16.48 4.94
C PHE B 354 -9.07 -15.58 6.14
N VAL B 355 -9.44 -14.32 5.94
CA VAL B 355 -9.96 -13.55 7.05
C VAL B 355 -11.39 -13.17 6.71
N PRO B 356 -12.34 -14.11 6.89
CA PRO B 356 -13.72 -13.93 6.40
C PRO B 356 -14.49 -12.78 7.03
N PHE B 357 -14.24 -12.46 8.28
CA PHE B 357 -14.87 -11.35 8.93
C PHE B 357 -13.76 -10.49 9.48
N THR B 358 -13.96 -9.18 9.49
CA THR B 358 -13.08 -8.32 10.23
C THR B 358 -13.29 -8.76 11.65
N ILE B 359 -12.45 -8.29 12.53
CA ILE B 359 -12.75 -8.38 13.91
C ILE B 359 -14.07 -7.63 14.11
N PRO B 360 -14.91 -8.11 15.01
CA PRO B 360 -16.17 -7.44 15.28
C PRO B 360 -16.02 -6.01 15.61
N HIS B 361 -16.96 -5.19 15.12
CA HIS B 361 -17.11 -3.79 15.48
C HIS B 361 -18.24 -3.55 16.44
N SER B 362 -18.33 -2.31 16.89
CA SER B 362 -19.44 -1.84 17.68
C SER B 362 -19.77 -0.40 17.38
N THR B 363 -21.06 -0.07 17.36
CA THR B 363 -21.50 1.29 17.08
C THR B 363 -21.19 2.10 18.28
N THR B 364 -20.57 3.25 18.02
CA THR B 364 -20.10 4.21 19.05
C THR B 364 -21.22 5.18 19.43
N ARG B 365 -22.28 5.22 18.61
CA ARG B 365 -23.50 6.00 18.91
C ARG B 365 -24.66 5.67 17.95
N ASP B 366 -25.90 5.83 18.40
CA ASP B 366 -27.04 5.58 17.55
C ASP B 366 -26.68 6.05 16.16
N THR B 367 -27.08 5.30 15.14
CA THR B 367 -26.82 5.70 13.77
C THR B 367 -27.82 5.10 12.80
N SER B 368 -27.55 5.32 11.52
CA SER B 368 -28.31 4.67 10.51
C SER B 368 -27.48 4.36 9.28
N LEU B 369 -27.86 3.31 8.58
CA LEU B 369 -27.03 2.82 7.46
C LEU B 369 -28.02 2.35 6.41
N LYS B 370 -28.06 3.08 5.30
CA LYS B 370 -29.01 2.80 4.24
C LYS B 370 -30.41 2.78 4.78
N GLY B 371 -30.71 3.65 5.73
CA GLY B 371 -32.07 3.78 6.24
C GLY B 371 -32.45 2.93 7.39
N PHE B 372 -31.48 2.15 7.88
CA PHE B 372 -31.74 1.23 8.99
C PHE B 372 -31.14 1.78 10.26
N TYR B 373 -31.99 2.01 11.24
CA TYR B 373 -31.54 2.33 12.57
C TYR B 373 -30.71 1.28 13.31
N ILE B 374 -29.59 1.74 13.88
CA ILE B 374 -28.71 0.90 14.67
C ILE B 374 -28.33 1.66 15.92
N PRO B 375 -28.73 1.15 17.07
CA PRO B 375 -28.46 1.89 18.29
C PRO B 375 -27.04 1.77 18.73
N LYS B 376 -26.69 2.66 19.63
CA LYS B 376 -25.40 2.69 20.20
C LYS B 376 -25.12 1.39 20.90
N GLY B 377 -23.95 0.83 20.72
CA GLY B 377 -23.58 -0.31 21.55
C GLY B 377 -23.70 -1.66 20.87
N ARG B 378 -24.26 -1.67 19.65
CA ARG B 378 -24.61 -2.87 18.98
C ARG B 378 -23.39 -3.45 18.33
N CYS B 379 -23.17 -4.74 18.59
CA CYS B 379 -22.11 -5.51 18.01
C CYS B 379 -22.34 -5.68 16.51
N VAL B 380 -21.29 -5.48 15.72
CA VAL B 380 -21.43 -5.55 14.27
C VAL B 380 -20.43 -6.49 13.63
N PHE B 381 -20.91 -7.51 12.90
CA PHE B 381 -20.01 -8.36 12.11
C PHE B 381 -19.91 -7.84 10.68
N VAL B 382 -18.72 -7.91 10.11
CA VAL B 382 -18.46 -7.41 8.77
C VAL B 382 -17.95 -8.54 7.93
N ASN B 383 -18.79 -8.97 7.00
CA ASN B 383 -18.57 -10.14 6.24
C ASN B 383 -17.72 -9.88 4.98
N GLN B 384 -16.45 -10.17 5.05
CA GLN B 384 -15.53 -9.96 3.95
C GLN B 384 -15.67 -11.08 2.92
N TRP B 385 -15.78 -12.30 3.39
CA TRP B 385 -16.08 -13.44 2.54
C TRP B 385 -17.25 -13.13 1.60
N GLN B 386 -18.27 -12.44 2.08
CA GLN B 386 -19.42 -12.25 1.24
C GLN B 386 -19.10 -11.37 0.08
N ILE B 387 -18.23 -10.39 0.27
CA ILE B 387 -17.80 -9.56 -0.85
C ILE B 387 -16.96 -10.34 -1.85
N ASN B 388 -16.02 -11.10 -1.35
CA ASN B 388 -15.11 -11.82 -2.18
C ASN B 388 -15.70 -12.93 -2.98
N HIS B 389 -16.93 -13.34 -2.64
CA HIS B 389 -17.58 -14.45 -3.33
C HIS B 389 -18.93 -14.08 -3.87
N ASP B 390 -19.21 -12.78 -3.90
CA ASP B 390 -20.48 -12.31 -4.38
C ASP B 390 -20.60 -12.58 -5.83
N GLN B 391 -21.59 -13.37 -6.19
CA GLN B 391 -21.84 -13.69 -7.61
C GLN B 391 -22.10 -12.47 -8.48
N LYS B 392 -22.61 -11.41 -7.89
CA LYS B 392 -22.95 -10.26 -8.67
C LYS B 392 -21.66 -9.50 -9.03
N LEU B 393 -20.54 -9.75 -8.34
CA LEU B 393 -19.29 -9.00 -8.61
C LEU B 393 -18.20 -9.76 -9.31
N TRP B 394 -18.29 -11.10 -9.25
CA TRP B 394 -17.26 -11.98 -9.75
C TRP B 394 -17.92 -12.99 -10.61
N VAL B 395 -17.24 -13.38 -11.68
CA VAL B 395 -17.82 -14.33 -12.60
C VAL B 395 -17.96 -15.72 -11.99
N ASN B 396 -16.89 -16.48 -11.80
CA ASN B 396 -17.09 -17.79 -11.18
C ASN B 396 -16.34 -17.84 -9.88
N PRO B 397 -16.97 -17.35 -8.80
CA PRO B 397 -16.20 -17.05 -7.60
C PRO B 397 -15.60 -18.22 -6.90
N SER B 398 -16.16 -19.38 -7.09
CA SER B 398 -15.56 -20.53 -6.44
C SER B 398 -14.43 -21.13 -7.23
N GLU B 399 -14.22 -20.73 -8.49
CA GLU B 399 -13.02 -21.10 -9.23
C GLU B 399 -11.82 -20.23 -8.82
N PHE B 400 -10.68 -20.90 -8.61
CA PHE B 400 -9.41 -20.19 -8.46
C PHE B 400 -8.86 -19.81 -9.85
N LEU B 401 -8.80 -18.51 -10.13
CA LEU B 401 -8.61 -18.00 -11.50
C LEU B 401 -7.95 -16.63 -11.49
N PRO B 402 -6.65 -16.58 -11.34
CA PRO B 402 -6.00 -15.25 -11.22
C PRO B 402 -6.14 -14.36 -12.45
N GLU B 403 -6.35 -15.00 -13.58
CA GLU B 403 -6.58 -14.26 -14.81
C GLU B 403 -7.77 -13.33 -14.70
N ARG B 404 -8.63 -13.55 -13.71
CA ARG B 404 -9.77 -12.68 -13.51
C ARG B 404 -9.32 -11.29 -13.29
N PHE B 405 -8.12 -11.08 -12.75
CA PHE B 405 -7.66 -9.73 -12.44
C PHE B 405 -6.86 -9.06 -13.53
N LEU B 406 -6.66 -9.79 -14.63
CA LEU B 406 -5.82 -9.31 -15.72
C LEU B 406 -6.60 -8.62 -16.83
N THR B 407 -6.19 -7.41 -17.08
CA THR B 407 -6.55 -6.59 -18.22
C THR B 407 -6.15 -7.19 -19.58
N PRO B 408 -6.83 -6.80 -20.66
CA PRO B 408 -6.47 -7.38 -21.99
C PRO B 408 -5.01 -7.15 -22.43
N ASP B 409 -4.45 -5.98 -22.08
CA ASP B 409 -3.02 -5.71 -22.21
C ASP B 409 -2.11 -6.34 -21.14
N GLY B 410 -2.65 -7.32 -20.42
CA GLY B 410 -1.87 -8.12 -19.45
C GLY B 410 -1.55 -7.49 -18.12
N ALA B 411 -2.18 -6.35 -17.80
CA ALA B 411 -1.96 -5.63 -16.54
C ALA B 411 -3.05 -5.95 -15.46
N ILE B 412 -2.85 -5.43 -14.25
CA ILE B 412 -3.80 -5.66 -13.21
C ILE B 412 -4.90 -4.67 -13.40
N ASP B 413 -6.11 -5.19 -13.46
CA ASP B 413 -7.29 -4.31 -13.47
C ASP B 413 -7.47 -3.62 -12.10
N LYS B 414 -7.24 -2.32 -12.02
CA LYS B 414 -7.20 -1.66 -10.72
C LYS B 414 -8.56 -1.67 -9.99
N VAL B 415 -9.60 -1.31 -10.71
CA VAL B 415 -10.96 -1.30 -10.21
C VAL B 415 -11.37 -2.65 -9.58
N LEU B 416 -11.24 -3.70 -10.37
CA LEU B 416 -11.50 -5.03 -9.94
C LEU B 416 -10.57 -5.53 -8.84
N SER B 417 -9.32 -5.13 -8.89
CA SER B 417 -8.44 -5.55 -7.81
C SER B 417 -8.91 -4.92 -6.51
N GLU B 418 -9.53 -3.75 -6.56
CA GLU B 418 -9.86 -3.07 -5.31
C GLU B 418 -11.15 -3.55 -4.66
N LYS B 419 -11.81 -4.48 -5.34
CA LYS B 419 -12.97 -5.17 -4.81
C LYS B 419 -12.59 -6.39 -3.99
N VAL B 420 -11.31 -6.67 -3.82
CA VAL B 420 -10.92 -7.79 -3.01
C VAL B 420 -10.73 -7.27 -1.65
N ILE B 421 -11.60 -7.62 -0.71
CA ILE B 421 -11.57 -6.99 0.60
C ILE B 421 -11.17 -8.03 1.64
N ILE B 422 -10.03 -7.79 2.30
CA ILE B 422 -9.49 -8.70 3.31
C ILE B 422 -8.70 -7.96 4.39
N PHE B 423 -8.34 -6.71 4.15
CA PHE B 423 -7.74 -5.88 5.18
C PHE B 423 -8.75 -4.92 5.84
N GLY B 424 -10.02 -5.17 5.64
CA GLY B 424 -11.00 -4.24 6.21
C GLY B 424 -10.96 -2.88 5.53
N MET B 425 -11.42 -1.84 6.25
CA MET B 425 -11.60 -0.48 5.66
C MET B 425 -11.76 0.58 6.73
N GLY B 426 -11.32 1.79 6.38
CA GLY B 426 -11.56 2.99 7.18
C GLY B 426 -10.84 2.91 8.47
N LYS B 427 -11.44 3.43 9.52
CA LYS B 427 -10.73 3.78 10.74
C LYS B 427 -10.09 2.59 11.40
N ARG B 428 -10.61 1.40 11.23
CA ARG B 428 -9.97 0.31 11.96
C ARG B 428 -9.22 -0.67 11.06
N LYS B 429 -8.93 -0.29 9.85
CA LYS B 429 -8.42 -1.22 8.92
C LYS B 429 -7.05 -1.75 9.35
N CYS B 430 -6.57 -2.81 8.70
CA CYS B 430 -5.21 -3.33 8.95
C CYS B 430 -4.21 -2.22 8.93
N ILE B 431 -3.25 -2.25 9.84
CA ILE B 431 -2.12 -1.37 9.73
C ILE B 431 -0.90 -2.05 9.17
N GLY B 432 -1.01 -3.33 8.89
CA GLY B 432 0.09 -4.12 8.40
C GLY B 432 -0.01 -4.38 6.92
N GLU B 433 -0.96 -3.72 6.27
CA GLU B 433 -1.35 -4.15 4.94
C GLU B 433 -0.17 -4.16 3.98
N THR B 434 0.49 -3.01 3.91
CA THR B 434 1.66 -2.84 3.03
C THR B 434 2.72 -3.88 3.28
N ILE B 435 3.01 -4.07 4.56
CA ILE B 435 4.02 -5.03 4.93
C ILE B 435 3.64 -6.39 4.49
N ALA B 436 2.40 -6.76 4.80
CA ALA B 436 1.93 -8.09 4.44
C ALA B 436 2.01 -8.29 2.93
N ARG B 437 1.58 -7.29 2.19
CA ARG B 437 1.56 -7.45 0.73
C ARG B 437 2.97 -7.59 0.24
N TRP B 438 3.87 -6.72 0.72
CA TRP B 438 5.26 -6.78 0.31
C TRP B 438 5.90 -8.09 0.77
N GLU B 439 5.69 -8.42 2.04
CA GLU B 439 6.26 -9.63 2.56
C GLU B 439 5.80 -10.87 1.81
N VAL B 440 4.54 -10.92 1.39
CA VAL B 440 4.05 -12.15 0.76
C VAL B 440 4.62 -12.23 -0.65
N PHE B 441 4.64 -11.08 -1.31
CA PHE B 441 5.17 -11.05 -2.66
C PHE B 441 6.60 -11.60 -2.70
N LEU B 442 7.49 -10.97 -1.91
CA LEU B 442 8.89 -11.41 -1.79
C LEU B 442 9.13 -12.89 -1.50
N PHE B 443 8.53 -13.42 -0.45
CA PHE B 443 8.79 -14.79 -0.15
C PHE B 443 8.51 -15.61 -1.36
N LEU B 444 7.40 -15.30 -2.00
CA LEU B 444 6.94 -16.09 -3.12
C LEU B 444 7.84 -15.92 -4.32
N ALA B 445 8.21 -14.67 -4.56
CA ALA B 445 9.13 -14.32 -5.68
C ALA B 445 10.47 -15.02 -5.57
N ILE B 446 11.05 -14.97 -4.38
CA ILE B 446 12.34 -15.58 -4.14
C ILE B 446 12.26 -17.11 -4.19
N LEU B 447 11.24 -17.65 -3.56
CA LEU B 447 11.11 -19.07 -3.56
C LEU B 447 10.85 -19.58 -4.94
N LEU B 448 9.97 -18.94 -5.71
CA LEU B 448 9.49 -19.63 -6.92
C LEU B 448 10.43 -19.47 -8.14
N GLN B 449 11.24 -18.42 -8.12
CA GLN B 449 12.48 -18.37 -8.92
C GLN B 449 13.34 -19.66 -8.80
N ARG B 450 13.69 -19.99 -7.56
CA ARG B 450 14.59 -21.09 -7.25
C ARG B 450 14.00 -22.48 -7.29
N VAL B 451 12.75 -22.62 -6.85
CA VAL B 451 12.18 -23.95 -6.66
C VAL B 451 10.79 -24.08 -7.20
N GLU B 452 10.38 -25.33 -7.29
CA GLU B 452 9.06 -25.77 -7.67
C GLU B 452 8.44 -26.61 -6.56
N PHE B 453 7.28 -26.21 -6.03
CA PHE B 453 6.59 -27.13 -5.12
C PHE B 453 5.61 -28.05 -5.86
N SER B 454 5.34 -29.22 -5.31
CA SER B 454 4.50 -30.20 -5.97
C SER B 454 3.89 -31.05 -4.92
N VAL B 455 2.91 -31.83 -5.32
CA VAL B 455 2.39 -32.89 -4.48
C VAL B 455 2.06 -34.09 -5.36
N PRO B 456 2.40 -35.28 -4.89
CA PRO B 456 2.06 -36.46 -5.67
C PRO B 456 0.59 -36.57 -6.00
N LEU B 457 0.29 -37.13 -7.16
CA LEU B 457 -1.04 -37.61 -7.44
C LEU B 457 -1.36 -38.67 -6.41
N GLY B 458 -2.64 -38.84 -6.13
CA GLY B 458 -3.11 -39.96 -5.31
C GLY B 458 -3.17 -39.76 -3.80
N VAL B 459 -2.48 -38.74 -3.27
CA VAL B 459 -2.76 -38.30 -1.89
C VAL B 459 -3.93 -37.27 -1.77
N LYS B 460 -4.63 -37.36 -0.65
CA LYS B 460 -5.64 -36.40 -0.21
C LYS B 460 -5.02 -35.07 0.23
N VAL B 461 -5.47 -33.94 -0.33
CA VAL B 461 -5.16 -32.62 0.30
C VAL B 461 -6.45 -31.86 0.52
N ASP B 462 -6.80 -31.66 1.80
CA ASP B 462 -8.05 -31.01 2.13
C ASP B 462 -7.82 -29.54 1.95
N MET B 463 -8.61 -28.97 1.07
CA MET B 463 -8.45 -27.59 0.65
C MET B 463 -9.55 -26.71 1.32
N THR B 464 -10.19 -27.30 2.34
CA THR B 464 -11.39 -26.79 2.97
C THR B 464 -11.04 -25.89 4.14
N PRO B 465 -11.50 -24.64 4.11
CA PRO B 465 -11.01 -23.81 5.20
C PRO B 465 -11.63 -24.20 6.54
N ILE B 466 -10.89 -23.94 7.61
CA ILE B 466 -11.35 -24.18 8.95
C ILE B 466 -11.59 -22.83 9.63
N TYR B 467 -12.83 -22.59 10.02
CA TYR B 467 -13.27 -21.29 10.42
C TYR B 467 -12.48 -20.76 11.54
N GLY B 468 -12.23 -19.43 11.55
CA GLY B 468 -11.49 -18.72 12.58
C GLY B 468 -11.29 -17.25 12.17
N LEU B 469 -10.62 -16.45 13.00
CA LEU B 469 -10.34 -15.11 12.59
C LEU B 469 -9.44 -15.16 11.34
N THR B 470 -8.43 -16.01 11.38
CA THR B 470 -7.68 -16.42 10.18
C THR B 470 -8.04 -17.88 9.97
N MET B 471 -8.37 -18.27 8.76
CA MET B 471 -8.86 -19.62 8.52
C MET B 471 -7.68 -20.48 8.01
N LYS B 472 -7.45 -21.61 8.67
CA LYS B 472 -6.35 -22.47 8.29
C LYS B 472 -6.90 -23.61 7.50
N HIS B 473 -6.00 -24.44 6.97
CA HIS B 473 -6.42 -25.67 6.33
C HIS B 473 -5.89 -26.78 7.16
N ALA B 474 -6.43 -27.96 6.96
CA ALA B 474 -5.83 -29.18 7.45
C ALA B 474 -4.33 -29.27 7.15
N CYS B 475 -3.60 -29.83 8.11
CA CYS B 475 -2.20 -30.22 7.96
C CYS B 475 -1.98 -31.06 6.70
N CYS B 476 -0.98 -30.72 5.91
CA CYS B 476 -0.67 -31.52 4.74
C CYS B 476 0.75 -31.98 4.79
N GLU B 477 0.98 -33.29 4.99
CA GLU B 477 2.35 -33.81 5.23
C GLU B 477 3.15 -34.13 3.93
N HIS B 478 2.65 -33.76 2.75
CA HIS B 478 3.11 -34.36 1.49
C HIS B 478 3.81 -33.44 0.50
N PHE B 479 4.17 -32.25 0.91
CA PHE B 479 4.73 -31.36 -0.08
C PHE B 479 6.09 -31.92 -0.47
N GLN B 480 6.43 -31.82 -1.75
CA GLN B 480 7.79 -32.02 -2.24
C GLN B 480 8.22 -30.74 -2.91
N MET B 481 9.47 -30.40 -2.75
CA MET B 481 10.06 -29.35 -3.51
C MET B 481 11.23 -29.89 -4.37
N GLN B 482 11.51 -29.17 -5.46
CA GLN B 482 12.59 -29.54 -6.36
C GLN B 482 13.24 -28.30 -6.79
N LEU B 483 14.56 -28.32 -6.82
CA LEU B 483 15.33 -27.22 -7.37
C LEU B 483 14.94 -27.07 -8.84
N ARG B 484 14.84 -25.83 -9.33
CA ARG B 484 14.47 -25.59 -10.75
C ARG B 484 15.66 -25.63 -11.73
N SER B 485 15.42 -26.12 -12.94
CA SER B 485 16.44 -26.10 -14.03
C SER B 485 16.80 -24.68 -14.45
N LEU C 10 70.72 -58.94 25.38
CA LEU C 10 69.67 -57.92 25.12
C LEU C 10 69.11 -57.36 26.43
N LYS C 11 68.50 -56.17 26.35
CA LYS C 11 68.26 -55.33 27.55
C LYS C 11 66.98 -54.47 27.47
N ASN C 12 66.32 -54.27 28.62
CA ASN C 12 65.12 -53.39 28.69
C ASN C 12 65.51 -51.89 28.69
N PRO C 13 64.62 -51.03 28.13
CA PRO C 13 64.99 -49.62 27.87
C PRO C 13 65.15 -48.73 29.12
N PRO C 14 65.99 -47.67 29.02
CA PRO C 14 66.30 -46.72 30.10
C PRO C 14 65.19 -45.70 30.41
N GLY C 15 65.16 -45.17 31.64
CA GLY C 15 64.08 -44.26 32.06
C GLY C 15 64.04 -44.00 33.56
N PRO C 16 63.64 -42.79 33.97
CA PRO C 16 63.74 -42.33 35.37
C PRO C 16 62.97 -43.16 36.40
N TRP C 17 63.41 -43.03 37.67
CA TRP C 17 62.73 -43.58 38.87
C TRP C 17 61.33 -42.98 38.89
N GLY C 18 60.33 -43.86 38.94
CA GLY C 18 58.95 -43.42 39.02
C GLY C 18 58.41 -43.63 40.41
N TRP C 19 57.35 -42.90 40.75
CA TRP C 19 56.65 -43.17 41.99
C TRP C 19 55.98 -44.52 41.87
N PRO C 20 56.13 -45.37 42.89
CA PRO C 20 55.69 -46.75 42.76
C PRO C 20 54.20 -46.88 42.48
N LEU C 21 53.44 -45.85 42.82
CA LEU C 21 51.98 -45.89 42.66
C LEU C 21 51.53 -45.49 41.27
N ILE C 22 51.97 -44.30 40.87
CA ILE C 22 51.44 -43.60 39.69
C ILE C 22 52.42 -43.57 38.51
N GLY C 23 53.67 -43.94 38.77
CA GLY C 23 54.72 -43.82 37.79
C GLY C 23 55.07 -42.36 37.63
N HIS C 24 55.21 -41.91 36.38
CA HIS C 24 55.67 -40.56 36.04
C HIS C 24 54.53 -39.63 35.61
N MET C 25 53.31 -40.12 35.79
CA MET C 25 52.09 -39.32 35.55
C MET C 25 52.30 -37.84 35.82
N LEU C 26 52.87 -37.53 36.97
CA LEU C 26 53.09 -36.13 37.38
C LEU C 26 54.10 -35.40 36.52
N THR C 27 55.18 -36.06 36.14
CA THR C 27 56.22 -35.37 35.36
C THR C 27 55.86 -35.24 33.86
N LEU C 28 54.87 -36.00 33.38
CA LEU C 28 54.25 -35.75 32.05
C LEU C 28 53.47 -34.43 32.08
N GLY C 29 52.48 -34.40 32.97
CA GLY C 29 51.76 -33.19 33.25
C GLY C 29 50.68 -32.93 32.24
N LYS C 30 50.44 -31.65 31.99
CA LYS C 30 49.43 -31.26 31.04
C LYS C 30 50.01 -31.24 29.62
N ASN C 31 51.34 -31.21 29.47
CA ASN C 31 52.02 -31.20 28.17
C ASN C 31 53.04 -32.32 27.99
N PRO C 32 52.57 -33.56 27.95
CA PRO C 32 53.49 -34.69 27.79
C PRO C 32 54.57 -34.46 26.70
N HIS C 33 54.15 -34.14 25.49
CA HIS C 33 55.08 -33.93 24.39
C HIS C 33 56.34 -33.13 24.77
N LEU C 34 56.19 -32.06 25.52
CA LEU C 34 57.36 -31.26 25.94
C LEU C 34 58.19 -32.03 26.94
N ALA C 35 57.52 -32.73 27.85
CA ALA C 35 58.20 -33.48 28.89
C ALA C 35 58.96 -34.69 28.33
N LEU C 36 58.31 -35.47 27.48
CA LEU C 36 58.94 -36.62 26.84
C LEU C 36 60.00 -36.23 25.80
N SER C 37 60.07 -34.96 25.43
CA SER C 37 61.14 -34.50 24.54
C SER C 37 62.36 -34.08 25.30
N ARG C 38 62.13 -33.49 26.47
CA ARG C 38 63.20 -33.16 27.41
C ARG C 38 63.83 -34.48 27.87
N MET C 39 62.97 -35.41 28.22
CA MET C 39 63.37 -36.68 28.74
C MET C 39 64.22 -37.47 27.74
N SER C 40 64.00 -37.27 26.44
CA SER C 40 64.74 -37.99 25.38
C SER C 40 66.11 -37.35 25.06
N GLN C 41 66.30 -36.11 25.52
CA GLN C 41 67.61 -35.47 25.43
C GLN C 41 68.58 -36.13 26.40
N GLN C 42 68.07 -36.94 27.35
CA GLN C 42 68.89 -37.61 28.36
C GLN C 42 68.95 -39.15 28.25
N TYR C 43 67.83 -39.80 27.91
CA TYR C 43 67.72 -41.28 27.83
C TYR C 43 67.59 -41.81 26.38
N GLY C 44 67.73 -40.90 25.41
CA GLY C 44 67.64 -41.22 23.98
C GLY C 44 66.32 -41.77 23.42
N ASP C 45 66.40 -42.10 22.13
CA ASP C 45 65.26 -42.39 21.26
C ASP C 45 64.39 -43.60 21.61
N VAL C 46 64.79 -44.35 22.65
CA VAL C 46 63.98 -45.45 23.15
C VAL C 46 64.12 -45.42 24.64
N LEU C 47 63.00 -45.12 25.29
CA LEU C 47 62.93 -45.01 26.75
C LEU C 47 61.60 -45.57 27.21
N GLN C 48 61.43 -45.66 28.52
CA GLN C 48 60.17 -46.14 29.05
C GLN C 48 59.83 -45.49 30.37
N ILE C 49 58.54 -45.60 30.67
CA ILE C 49 57.90 -44.97 31.80
C ILE C 49 56.73 -45.85 32.21
N ARG C 50 56.18 -45.51 33.37
CA ARG C 50 54.91 -46.07 33.84
C ARG C 50 53.87 -44.95 34.05
N ILE C 51 52.61 -45.32 33.92
CA ILE C 51 51.48 -44.47 34.25
C ILE C 51 50.58 -45.35 35.08
N GLY C 52 50.66 -45.17 36.39
CA GLY C 52 50.08 -46.13 37.31
C GLY C 52 50.98 -47.34 37.35
N SER C 53 50.40 -48.50 37.10
CA SER C 53 51.17 -49.72 37.02
C SER C 53 51.67 -49.87 35.58
N THR C 54 50.90 -49.38 34.62
CA THR C 54 51.12 -49.73 33.21
C THR C 54 52.38 -49.05 32.68
N PRO C 55 53.34 -49.83 32.13
CA PRO C 55 54.52 -49.20 31.55
C PRO C 55 54.30 -48.86 30.07
N VAL C 56 55.01 -47.85 29.60
CA VAL C 56 54.83 -47.37 28.24
C VAL C 56 56.16 -47.10 27.60
N VAL C 57 56.33 -47.47 26.33
CA VAL C 57 57.56 -47.08 25.62
C VAL C 57 57.36 -45.88 24.68
N VAL C 58 58.39 -45.04 24.61
CA VAL C 58 58.33 -43.79 23.92
C VAL C 58 59.47 -43.59 22.94
N LEU C 59 59.14 -43.71 21.67
CA LEU C 59 60.10 -43.57 20.60
C LEU C 59 60.28 -42.12 20.27
N SER C 60 61.50 -41.61 20.27
CA SER C 60 61.73 -40.18 20.07
C SER C 60 62.23 -39.85 18.67
N GLY C 61 63.48 -40.16 18.35
CA GLY C 61 64.14 -39.55 17.19
C GLY C 61 63.67 -40.09 15.85
N LEU C 62 64.16 -39.47 14.78
CA LEU C 62 63.73 -39.76 13.39
C LEU C 62 64.15 -41.12 12.79
N ASP C 63 65.43 -41.49 12.96
CA ASP C 63 65.90 -42.79 12.48
C ASP C 63 65.17 -43.89 13.24
N THR C 64 65.24 -43.79 14.56
CA THR C 64 64.66 -44.78 15.46
C THR C 64 63.21 -45.11 15.13
N ILE C 65 62.52 -44.11 14.58
CA ILE C 65 61.09 -44.14 14.44
C ILE C 65 60.72 -44.81 13.11
N ARG C 66 61.47 -44.46 12.06
CA ARG C 66 61.38 -45.14 10.75
C ARG C 66 61.75 -46.61 10.93
N GLN C 67 62.87 -46.85 11.59
CA GLN C 67 63.25 -48.19 11.97
C GLN C 67 62.06 -48.94 12.55
N ALA C 68 61.41 -48.34 13.55
CA ALA C 68 60.30 -48.99 14.23
C ALA C 68 59.07 -49.19 13.34
N LEU C 69 58.67 -48.12 12.66
CA LEU C 69 57.32 -48.08 12.12
C LEU C 69 57.21 -48.60 10.70
N VAL C 70 58.24 -48.33 9.89
CA VAL C 70 58.25 -48.85 8.52
C VAL C 70 58.93 -50.22 8.52
N ARG C 71 60.23 -50.25 8.84
CA ARG C 71 61.07 -51.43 8.61
C ARG C 71 60.68 -52.60 9.50
N GLN C 72 60.35 -52.31 10.75
CA GLN C 72 59.76 -53.32 11.62
C GLN C 72 58.26 -53.08 11.74
N GLY C 73 57.67 -52.62 10.64
CA GLY C 73 56.32 -52.10 10.64
C GLY C 73 55.29 -52.97 11.29
N ASP C 74 55.33 -54.26 10.99
CA ASP C 74 54.33 -55.21 11.50
C ASP C 74 54.48 -55.49 13.00
N ASP C 75 55.62 -55.09 13.59
CA ASP C 75 55.88 -55.26 15.03
C ASP C 75 55.14 -54.23 15.87
N PHE C 76 55.07 -53.00 15.34
CA PHE C 76 54.52 -51.87 16.04
C PHE C 76 53.27 -51.34 15.34
N LYS C 77 52.35 -52.23 14.98
CA LYS C 77 51.16 -51.80 14.24
C LYS C 77 49.87 -51.99 15.06
N GLY C 78 49.99 -52.46 16.30
CA GLY C 78 48.85 -52.60 17.21
C GLY C 78 48.38 -51.25 17.71
N ARG C 79 47.15 -51.24 18.25
CA ARG C 79 46.69 -50.16 19.12
C ARG C 79 46.49 -50.81 20.48
N PRO C 80 46.84 -50.10 21.58
CA PRO C 80 46.53 -50.59 22.94
C PRO C 80 45.03 -50.74 23.20
N ASP C 81 44.63 -51.79 23.91
CA ASP C 81 43.25 -51.87 24.40
C ASP C 81 43.09 -50.90 25.59
N LEU C 82 42.72 -49.65 25.31
CA LEU C 82 42.49 -48.63 26.35
C LEU C 82 41.02 -48.37 26.51
N TYR C 83 40.65 -47.97 27.73
CA TYR C 83 39.25 -47.69 28.01
C TYR C 83 38.67 -46.72 27.01
N THR C 84 39.33 -45.57 26.90
CA THR C 84 38.87 -44.50 26.05
C THR C 84 38.51 -44.98 24.65
N PHE C 85 39.35 -45.83 24.05
CA PHE C 85 39.12 -46.27 22.67
C PHE C 85 37.86 -47.09 22.53
N THR C 86 37.42 -47.68 23.64
CA THR C 86 36.16 -48.43 23.65
C THR C 86 34.96 -47.50 23.51
N LEU C 87 35.11 -46.23 23.87
CA LEU C 87 34.00 -45.30 23.78
C LEU C 87 33.81 -44.72 22.37
N ILE C 88 34.81 -44.91 21.52
CA ILE C 88 34.80 -44.41 20.13
C ILE C 88 34.15 -45.42 19.15
N SER C 89 33.26 -44.93 18.29
CA SER C 89 32.58 -45.75 17.29
C SER C 89 32.01 -47.07 17.84
N ASN C 90 31.58 -47.09 19.09
CA ASN C 90 31.02 -48.29 19.70
C ASN C 90 32.05 -49.42 19.95
N GLY C 91 33.30 -49.04 20.19
CA GLY C 91 34.35 -50.03 20.43
C GLY C 91 34.93 -50.58 19.15
N GLN C 92 34.25 -50.31 18.04
CA GLN C 92 34.55 -50.95 16.78
C GLN C 92 35.18 -49.96 15.80
N SER C 93 36.15 -49.18 16.28
CA SER C 93 36.78 -48.17 15.46
C SER C 93 37.94 -48.75 14.70
N MET C 94 37.80 -48.83 13.38
CA MET C 94 38.90 -49.23 12.53
C MET C 94 40.23 -48.68 13.10
N SER C 95 40.28 -47.38 13.39
CA SER C 95 41.55 -46.69 13.79
C SER C 95 42.01 -46.92 15.24
N PHE C 96 41.07 -47.15 16.15
CA PHE C 96 41.36 -47.14 17.57
C PHE C 96 41.23 -48.51 18.24
N SER C 97 40.38 -49.37 17.68
CA SER C 97 40.18 -50.73 18.22
C SER C 97 41.49 -51.50 18.30
N PRO C 98 41.61 -52.44 19.24
CA PRO C 98 42.89 -53.13 19.42
C PRO C 98 43.30 -54.04 18.22
N ASP C 99 42.33 -54.50 17.41
CA ASP C 99 42.58 -55.37 16.23
C ASP C 99 43.55 -54.81 15.18
N SER C 100 44.72 -55.45 15.05
CA SER C 100 45.76 -55.03 14.10
C SER C 100 45.89 -55.97 12.89
N GLY C 101 44.94 -56.90 12.77
CA GLY C 101 45.12 -58.04 11.91
C GLY C 101 44.62 -57.81 10.51
N PRO C 102 44.21 -58.90 9.84
CA PRO C 102 43.75 -58.83 8.45
C PRO C 102 42.42 -58.05 8.28
N VAL C 103 41.77 -57.75 9.40
CA VAL C 103 40.44 -57.20 9.41
C VAL C 103 40.58 -55.65 9.31
N TRP C 104 41.39 -55.12 10.21
CA TRP C 104 41.88 -53.77 10.08
C TRP C 104 42.32 -53.44 8.64
N ALA C 105 43.08 -54.34 8.04
CA ALA C 105 43.71 -54.12 6.73
C ALA C 105 42.68 -53.98 5.59
N ALA C 106 41.68 -54.84 5.60
CA ALA C 106 40.61 -54.76 4.62
C ALA C 106 39.97 -53.38 4.68
N ARG C 107 39.70 -52.95 5.92
CA ARG C 107 38.96 -51.74 6.15
C ARG C 107 39.80 -50.58 5.71
N ARG C 108 41.04 -50.56 6.17
CA ARG C 108 41.95 -49.54 5.70
C ARG C 108 41.95 -49.46 4.13
N ARG C 109 42.04 -50.61 3.46
CA ARG C 109 41.93 -50.66 2.00
C ARG C 109 40.70 -49.94 1.52
N LEU C 110 39.56 -50.29 2.12
CA LEU C 110 38.28 -49.68 1.71
C LEU C 110 38.35 -48.16 1.81
N ALA C 111 38.77 -47.70 2.98
CA ALA C 111 38.94 -46.28 3.20
C ALA C 111 39.68 -45.65 2.03
N GLN C 112 40.87 -46.15 1.74
CA GLN C 112 41.72 -45.60 0.67
C GLN C 112 40.97 -45.54 -0.66
N ASN C 113 40.33 -46.66 -1.01
CA ASN C 113 39.57 -46.73 -2.26
C ASN C 113 38.48 -45.70 -2.20
N GLY C 114 37.69 -45.72 -1.12
CA GLY C 114 36.70 -44.68 -0.82
C GLY C 114 37.25 -43.28 -1.11
N LEU C 115 38.31 -42.93 -0.40
CA LEU C 115 38.84 -41.57 -0.50
C LEU C 115 39.24 -41.27 -1.92
N LYS C 116 40.10 -42.14 -2.46
CA LYS C 116 40.64 -41.98 -3.80
C LYS C 116 39.52 -41.70 -4.80
N SER C 117 38.49 -42.56 -4.82
CA SER C 117 37.32 -42.43 -5.72
C SER C 117 36.57 -41.11 -5.59
N PHE C 118 36.55 -40.53 -4.38
CA PHE C 118 35.78 -39.30 -4.18
C PHE C 118 36.61 -38.13 -3.77
N SER C 119 37.89 -38.19 -4.08
CA SER C 119 38.76 -37.03 -3.89
C SER C 119 39.72 -36.86 -5.08
N ILE C 120 40.45 -37.93 -5.40
CA ILE C 120 41.40 -37.89 -6.50
C ILE C 120 40.67 -37.96 -7.85
N ALA C 121 39.57 -38.72 -7.88
CA ALA C 121 38.94 -39.14 -9.13
C ALA C 121 38.39 -38.01 -9.97
N SER C 122 38.05 -38.36 -11.21
CA SER C 122 37.40 -37.46 -12.13
C SER C 122 36.01 -37.16 -11.56
N ASP C 123 35.73 -35.87 -11.46
CA ASP C 123 34.39 -35.38 -11.18
C ASP C 123 33.59 -35.61 -12.48
N PRO C 124 32.47 -36.37 -12.43
CA PRO C 124 31.71 -36.46 -13.68
C PRO C 124 31.27 -35.05 -14.15
N ALA C 125 30.74 -34.26 -13.22
CA ALA C 125 30.34 -32.86 -13.44
C ALA C 125 31.38 -31.99 -14.19
N SER C 126 32.67 -32.11 -13.85
CA SER C 126 33.72 -31.24 -14.42
C SER C 126 34.91 -32.02 -15.00
N SER C 127 35.25 -31.77 -16.27
CA SER C 127 36.37 -32.44 -16.93
C SER C 127 37.72 -31.98 -16.37
N THR C 128 37.84 -30.66 -16.17
CA THR C 128 39.11 -30.00 -15.80
C THR C 128 39.66 -30.45 -14.42
N SER C 129 38.79 -30.69 -13.44
CA SER C 129 39.20 -30.89 -12.04
C SER C 129 38.60 -32.12 -11.34
N CYS C 130 39.32 -32.61 -10.33
CA CYS C 130 38.88 -33.71 -9.48
C CYS C 130 37.88 -33.26 -8.41
N TYR C 131 37.23 -34.23 -7.76
CA TYR C 131 36.21 -33.95 -6.74
C TYR C 131 36.70 -32.90 -5.76
N LEU C 132 37.86 -33.17 -5.19
CA LEU C 132 38.44 -32.28 -4.21
C LEU C 132 38.45 -30.85 -4.73
N GLU C 133 39.11 -30.62 -5.86
CA GLU C 133 39.25 -29.26 -6.34
C GLU C 133 37.88 -28.57 -6.42
N GLU C 134 36.82 -29.30 -6.75
CA GLU C 134 35.48 -28.71 -6.86
C GLU C 134 34.93 -28.29 -5.48
N HIS C 135 34.81 -29.25 -4.57
CA HIS C 135 34.24 -29.00 -3.25
C HIS C 135 34.93 -27.88 -2.49
N VAL C 136 36.24 -27.89 -2.48
CA VAL C 136 37.02 -26.89 -1.79
C VAL C 136 36.79 -25.51 -2.39
N SER C 137 36.84 -25.42 -3.71
CA SER C 137 36.69 -24.13 -4.38
C SER C 137 35.29 -23.51 -4.18
N LYS C 138 34.26 -24.35 -4.19
CA LYS C 138 32.91 -23.94 -3.78
C LYS C 138 33.04 -23.26 -2.42
N GLU C 139 33.57 -24.02 -1.46
CA GLU C 139 33.58 -23.62 -0.07
C GLU C 139 34.38 -22.38 0.19
N ALA C 140 35.50 -22.26 -0.48
CA ALA C 140 36.33 -21.10 -0.31
C ALA C 140 35.56 -19.86 -0.79
N GLU C 141 34.73 -20.00 -1.84
CA GLU C 141 33.94 -18.86 -2.33
C GLU C 141 32.85 -18.48 -1.33
N VAL C 142 32.20 -19.47 -0.72
CA VAL C 142 31.21 -19.20 0.32
C VAL C 142 31.89 -18.54 1.51
N LEU C 143 32.94 -19.18 2.00
CA LEU C 143 33.72 -18.65 3.11
C LEU C 143 34.09 -17.18 2.94
N ILE C 144 34.42 -16.76 1.73
CA ILE C 144 34.85 -15.38 1.52
C ILE C 144 33.63 -14.46 1.63
N SER C 145 32.52 -14.82 1.00
CA SER C 145 31.29 -14.02 1.17
C SER C 145 30.91 -13.95 2.63
N THR C 146 30.96 -15.11 3.31
CA THR C 146 30.57 -15.17 4.70
C THR C 146 31.39 -14.21 5.56
N LEU C 147 32.65 -14.02 5.21
CA LEU C 147 33.50 -13.13 5.99
C LEU C 147 33.22 -11.67 5.67
N GLN C 148 32.88 -11.38 4.42
CA GLN C 148 32.44 -10.02 4.04
C GLN C 148 31.17 -9.61 4.79
N GLU C 149 30.24 -10.54 4.97
CA GLU C 149 29.05 -10.30 5.78
C GLU C 149 29.38 -9.92 7.21
N LEU C 150 30.43 -10.52 7.74
CA LEU C 150 30.85 -10.27 9.12
C LEU C 150 31.67 -8.99 9.23
N MET C 151 32.40 -8.66 8.18
CA MET C 151 33.13 -7.40 8.14
C MET C 151 32.20 -6.19 7.93
N ALA C 152 31.06 -6.42 7.25
CA ALA C 152 29.98 -5.41 7.17
C ALA C 152 29.36 -5.26 8.55
N GLY C 153 28.91 -6.39 9.12
CA GLY C 153 28.37 -6.44 10.49
C GLY C 153 29.35 -5.99 11.58
N PRO C 154 29.67 -6.90 12.54
CA PRO C 154 30.57 -6.54 13.67
C PRO C 154 31.93 -5.97 13.26
N GLY C 155 32.47 -6.40 12.12
CA GLY C 155 33.80 -5.95 11.68
C GLY C 155 34.90 -6.84 12.22
N HIS C 156 34.51 -7.99 12.73
CA HIS C 156 35.45 -8.94 13.30
C HIS C 156 34.80 -10.31 13.47
N PHE C 157 35.61 -11.37 13.47
CA PHE C 157 35.08 -12.73 13.63
C PHE C 157 36.09 -13.67 14.31
N ASN C 158 35.59 -14.86 14.63
CA ASN C 158 36.39 -15.98 15.11
C ASN C 158 36.55 -16.96 13.96
N PRO C 159 37.75 -16.99 13.34
CA PRO C 159 37.96 -17.89 12.20
C PRO C 159 37.43 -19.31 12.42
N TYR C 160 37.75 -19.93 13.56
CA TYR C 160 37.54 -21.38 13.73
C TYR C 160 36.10 -21.81 13.46
N ARG C 161 35.15 -20.98 13.86
CA ARG C 161 33.72 -21.37 13.77
C ARG C 161 33.21 -21.44 12.34
N TYR C 162 33.75 -20.60 11.47
CA TYR C 162 33.36 -20.62 10.06
C TYR C 162 34.24 -21.60 9.27
N VAL C 163 35.55 -21.51 9.46
CA VAL C 163 36.49 -22.48 8.87
C VAL C 163 36.08 -23.92 9.12
N VAL C 164 35.60 -24.24 10.30
CA VAL C 164 35.31 -25.63 10.63
C VAL C 164 34.16 -26.11 9.79
N VAL C 165 33.32 -25.19 9.34
CA VAL C 165 32.14 -25.57 8.58
C VAL C 165 32.54 -25.75 7.11
N SER C 166 33.21 -24.77 6.54
CA SER C 166 33.81 -24.91 5.22
C SER C 166 34.54 -26.26 5.09
N VAL C 167 35.52 -26.47 5.95
CA VAL C 167 36.31 -27.67 5.92
C VAL C 167 35.43 -28.87 6.08
N THR C 168 34.50 -28.83 7.04
CA THR C 168 33.64 -30.01 7.25
C THR C 168 32.86 -30.35 6.00
N ASN C 169 32.45 -29.33 5.25
CA ASN C 169 31.62 -29.57 4.07
C ASN C 169 32.38 -30.38 3.03
N VAL C 170 33.58 -29.92 2.71
CA VAL C 170 34.48 -30.61 1.80
C VAL C 170 34.51 -32.09 2.12
N ILE C 171 34.91 -32.44 3.32
CA ILE C 171 34.92 -33.86 3.72
C ILE C 171 33.48 -34.45 3.83
N CYS C 172 32.49 -33.60 4.08
CA CYS C 172 31.07 -34.06 4.14
C CYS C 172 30.50 -34.36 2.74
N ALA C 173 30.91 -33.57 1.74
CA ALA C 173 30.67 -33.88 0.31
C ALA C 173 31.31 -35.23 -0.06
N ILE C 174 32.58 -35.40 0.28
CA ILE C 174 33.30 -36.65 0.06
C ILE C 174 32.54 -37.80 0.69
N CYS C 175 32.24 -37.69 1.98
CA CYS C 175 31.62 -38.83 2.69
C CYS C 175 30.13 -38.97 2.49
N PHE C 176 29.43 -37.85 2.32
CA PHE C 176 27.95 -37.83 2.40
C PHE C 176 27.20 -37.07 1.29
N GLY C 177 27.95 -36.48 0.36
CA GLY C 177 27.40 -35.67 -0.73
C GLY C 177 26.55 -34.48 -0.31
N ARG C 178 26.91 -33.85 0.81
CA ARG C 178 26.10 -32.76 1.39
C ARG C 178 26.87 -31.48 1.54
N ARG C 179 26.12 -30.46 1.90
CA ARG C 179 26.69 -29.23 2.43
C ARG C 179 25.77 -28.76 3.52
N TYR C 180 26.28 -27.79 4.27
CA TYR C 180 25.54 -27.22 5.37
C TYR C 180 25.81 -25.75 5.39
N ASP C 181 24.79 -24.98 5.76
CA ASP C 181 24.94 -23.54 5.91
C ASP C 181 25.89 -23.28 7.09
N HIS C 182 26.62 -22.17 7.02
CA HIS C 182 27.42 -21.68 8.12
C HIS C 182 26.74 -21.49 9.49
N ASN C 183 25.42 -21.32 9.55
CA ASN C 183 24.73 -21.34 10.84
C ASN C 183 23.97 -22.61 11.06
N HIS C 184 24.30 -23.66 10.36
CA HIS C 184 23.49 -24.85 10.51
C HIS C 184 23.54 -25.35 11.97
N GLN C 185 22.46 -25.17 12.72
CA GLN C 185 22.53 -25.39 14.15
C GLN C 185 22.82 -26.81 14.53
N GLU C 186 22.52 -27.78 13.67
CA GLU C 186 22.75 -29.20 14.02
C GLU C 186 24.24 -29.56 13.91
N LEU C 187 24.84 -29.17 12.79
CA LEU C 187 26.22 -29.51 12.48
C LEU C 187 27.16 -28.87 13.50
N LEU C 188 26.91 -27.61 13.83
CA LEU C 188 27.71 -26.86 14.79
C LEU C 188 27.63 -27.45 16.19
N SER C 189 26.48 -28.03 16.52
CA SER C 189 26.36 -28.72 17.77
C SER C 189 27.24 -29.99 17.75
N LEU C 190 27.76 -30.35 16.58
CA LEU C 190 28.44 -31.63 16.41
C LEU C 190 29.96 -31.49 16.27
N VAL C 191 30.41 -30.48 15.55
CA VAL C 191 31.82 -30.29 15.25
C VAL C 191 32.44 -29.06 15.91
N ASN C 192 31.62 -28.27 16.60
CA ASN C 192 32.10 -27.06 17.29
C ASN C 192 31.45 -26.81 18.66
N LEU C 193 30.89 -27.83 19.28
CA LEU C 193 30.34 -27.68 20.59
C LEU C 193 30.95 -28.72 21.53
N ASN C 194 31.91 -28.25 22.34
CA ASN C 194 32.69 -29.09 23.25
C ASN C 194 33.33 -30.25 22.52
N ASN C 195 34.03 -29.92 21.42
CA ASN C 195 34.86 -30.88 20.69
C ASN C 195 36.08 -31.17 21.57
N ASN C 196 35.88 -32.04 22.55
CA ASN C 196 36.95 -32.43 23.46
C ASN C 196 37.57 -33.78 23.04
N PHE C 197 37.34 -34.19 21.79
CA PHE C 197 37.86 -35.47 21.30
C PHE C 197 39.38 -35.49 21.39
N GLY C 198 40.03 -34.55 20.70
CA GLY C 198 41.48 -34.40 20.80
C GLY C 198 41.93 -34.35 22.24
N GLU C 199 41.22 -33.57 23.03
CA GLU C 199 41.58 -33.30 24.40
C GLU C 199 41.66 -34.63 25.21
N VAL C 200 40.73 -35.54 25.00
CA VAL C 200 40.68 -36.77 25.81
C VAL C 200 41.66 -37.86 25.34
N VAL C 201 41.87 -37.92 24.03
CA VAL C 201 42.46 -39.07 23.37
C VAL C 201 43.98 -38.93 23.24
N GLY C 202 44.48 -37.71 23.36
CA GLY C 202 45.91 -37.47 23.52
C GLY C 202 46.64 -38.51 24.37
N SER C 203 47.82 -38.86 23.92
CA SER C 203 48.57 -39.93 24.53
C SER C 203 48.86 -39.60 25.98
N GLY C 204 48.64 -40.58 26.84
CA GLY C 204 48.91 -40.38 28.25
C GLY C 204 47.70 -39.91 29.03
N ASN C 205 46.51 -40.01 28.47
CA ASN C 205 45.40 -39.58 29.25
C ASN C 205 45.26 -40.51 30.46
N PRO C 206 45.18 -39.95 31.66
CA PRO C 206 45.26 -40.82 32.84
C PRO C 206 44.09 -41.77 33.10
N ALA C 207 42.88 -41.45 32.66
CA ALA C 207 41.77 -42.35 32.94
C ALA C 207 42.03 -43.76 32.40
N ASP C 208 42.89 -43.82 31.38
CA ASP C 208 43.25 -45.07 30.66
C ASP C 208 44.17 -45.99 31.46
N PHE C 209 44.89 -45.42 32.42
CA PHE C 209 45.92 -46.12 33.20
C PHE C 209 45.68 -46.17 34.70
N ILE C 210 44.88 -45.24 35.21
CA ILE C 210 44.60 -45.18 36.61
C ILE C 210 43.13 -45.58 36.73
N PRO C 211 42.88 -46.81 37.18
CA PRO C 211 41.55 -47.39 37.09
C PRO C 211 40.43 -46.58 37.78
N ILE C 212 40.63 -46.20 39.04
CA ILE C 212 39.62 -45.48 39.82
C ILE C 212 38.87 -44.38 39.03
N LEU C 213 39.64 -43.62 38.25
CA LEU C 213 39.15 -42.41 37.62
C LEU C 213 38.02 -42.68 36.64
N ARG C 214 38.00 -43.88 36.06
CA ARG C 214 36.84 -44.34 35.27
C ARG C 214 35.51 -44.19 36.05
N TYR C 215 35.51 -44.45 37.35
CA TYR C 215 34.25 -44.52 38.13
C TYR C 215 33.91 -43.28 38.95
N LEU C 216 34.83 -42.34 39.02
CA LEU C 216 34.59 -41.10 39.76
C LEU C 216 33.69 -40.15 38.98
N PRO C 217 33.18 -39.09 39.63
CA PRO C 217 32.57 -38.07 38.78
C PRO C 217 33.60 -37.64 37.74
N ASN C 218 33.23 -37.70 36.46
CA ASN C 218 34.14 -37.32 35.38
C ASN C 218 33.45 -36.58 34.21
N PRO C 219 33.31 -35.24 34.34
CA PRO C 219 32.61 -34.50 33.28
C PRO C 219 33.29 -34.70 31.93
N SER C 220 34.59 -34.97 31.98
CA SER C 220 35.42 -35.17 30.80
C SER C 220 35.03 -36.41 30.02
N LEU C 221 35.06 -37.58 30.65
CA LEU C 221 34.59 -38.80 30.01
C LEU C 221 33.11 -38.75 29.61
N ASN C 222 32.31 -37.95 30.29
CA ASN C 222 30.92 -37.87 29.90
C ASN C 222 30.75 -37.10 28.62
N ALA C 223 31.36 -35.91 28.54
CA ALA C 223 31.31 -35.11 27.30
C ALA C 223 31.84 -35.90 26.10
N PHE C 224 32.65 -36.91 26.40
CA PHE C 224 33.27 -37.77 25.42
C PHE C 224 32.31 -38.84 24.92
N LYS C 225 31.72 -39.62 25.84
CA LYS C 225 30.74 -40.64 25.41
C LYS C 225 29.63 -39.92 24.69
N ASP C 226 29.27 -38.76 25.23
CA ASP C 226 28.25 -37.90 24.63
C ASP C 226 28.60 -37.53 23.19
N LEU C 227 29.82 -37.04 22.99
CA LEU C 227 30.27 -36.61 21.66
C LEU C 227 30.36 -37.79 20.69
N ASN C 228 30.50 -39.00 21.22
CA ASN C 228 30.53 -40.17 20.36
C ASN C 228 29.15 -40.72 20.04
N GLU C 229 28.31 -40.91 21.06
CA GLU C 229 26.86 -41.19 20.88
C GLU C 229 26.30 -40.35 19.72
N LYS C 230 26.65 -39.07 19.75
CA LYS C 230 26.10 -38.09 18.86
C LYS C 230 26.64 -38.25 17.44
N PHE C 231 27.96 -38.37 17.31
CA PHE C 231 28.59 -38.66 16.02
C PHE C 231 28.08 -39.98 15.43
N TYR C 232 27.96 -41.01 16.26
CA TYR C 232 27.39 -42.30 15.81
C TYR C 232 25.97 -42.16 15.26
N SER C 233 25.07 -41.56 16.05
CA SER C 233 23.67 -41.34 15.64
C SER C 233 23.57 -40.58 14.34
N PHE C 234 24.36 -39.51 14.23
CA PHE C 234 24.52 -38.80 12.97
C PHE C 234 24.82 -39.72 11.80
N MET C 235 25.82 -40.59 11.98
CA MET C 235 26.19 -41.58 10.96
C MET C 235 25.01 -42.50 10.63
N GLN C 236 24.31 -43.01 11.66
CA GLN C 236 23.16 -43.88 11.45
C GLN C 236 22.18 -43.18 10.54
N LYS C 237 21.62 -42.09 11.05
CA LYS C 237 20.70 -41.26 10.28
C LYS C 237 21.16 -41.20 8.81
N MET C 238 22.31 -40.58 8.59
CA MET C 238 22.88 -40.38 7.27
C MET C 238 22.89 -41.64 6.36
N VAL C 239 23.27 -42.77 6.94
CA VAL C 239 23.35 -44.03 6.18
C VAL C 239 21.94 -44.50 5.85
N LYS C 240 21.06 -44.47 6.86
CA LYS C 240 19.67 -44.86 6.69
C LYS C 240 19.02 -44.05 5.58
N GLU C 241 19.35 -42.77 5.50
CA GLU C 241 18.89 -41.94 4.41
C GLU C 241 19.53 -42.32 3.09
N HIS C 242 20.85 -42.46 3.11
CA HIS C 242 21.59 -42.89 1.92
C HIS C 242 21.00 -44.18 1.29
N TYR C 243 20.71 -45.18 2.14
CA TYR C 243 20.19 -46.47 1.68
C TYR C 243 18.83 -46.34 0.97
N LYS C 244 17.93 -45.55 1.56
CA LYS C 244 16.59 -45.34 1.01
C LYS C 244 16.64 -44.42 -0.20
N THR C 245 17.76 -44.46 -0.93
CA THR C 245 17.90 -43.80 -2.24
C THR C 245 19.03 -44.49 -3.07
N PHE C 246 19.26 -45.77 -2.81
CA PHE C 246 20.44 -46.46 -3.31
C PHE C 246 20.29 -47.07 -4.71
N GLU C 247 20.70 -46.32 -5.75
CA GLU C 247 20.85 -46.88 -7.11
C GLU C 247 22.19 -47.61 -7.23
N LYS C 248 22.15 -48.91 -7.50
CA LYS C 248 23.36 -49.76 -7.50
C LYS C 248 24.37 -49.46 -8.60
N GLY C 249 23.97 -48.68 -9.60
CA GLY C 249 24.86 -48.26 -10.68
C GLY C 249 25.56 -46.95 -10.39
N HIS C 250 24.82 -45.85 -10.46
CA HIS C 250 25.33 -44.50 -10.15
C HIS C 250 25.60 -44.40 -8.63
N ILE C 251 26.87 -44.19 -8.26
CA ILE C 251 27.31 -44.14 -6.83
C ILE C 251 27.70 -42.70 -6.45
N ARG C 252 26.96 -42.12 -5.49
CA ARG C 252 27.04 -40.69 -5.20
C ARG C 252 28.24 -40.25 -4.31
N ASP C 253 28.81 -41.18 -3.53
CA ASP C 253 29.77 -40.83 -2.45
C ASP C 253 30.40 -42.02 -1.69
N ILE C 254 31.26 -41.70 -0.72
CA ILE C 254 31.89 -42.71 0.13
C ILE C 254 30.88 -43.52 0.93
N THR C 255 29.90 -42.84 1.52
CA THR C 255 28.87 -43.53 2.30
C THR C 255 28.30 -44.64 1.42
N ASP C 256 27.97 -44.28 0.17
CA ASP C 256 27.37 -45.21 -0.80
C ASP C 256 28.27 -46.39 -1.11
N SER C 257 29.53 -46.14 -1.42
CA SER C 257 30.46 -47.22 -1.80
C SER C 257 30.67 -48.21 -0.67
N LEU C 258 30.53 -47.75 0.58
CA LEU C 258 30.48 -48.68 1.69
C LEU C 258 29.20 -49.52 1.60
N ILE C 259 28.07 -48.85 1.39
CA ILE C 259 26.78 -49.55 1.33
C ILE C 259 26.75 -50.57 0.17
N GLU C 260 27.42 -50.24 -0.94
CA GLU C 260 27.54 -51.19 -2.05
C GLU C 260 28.28 -52.42 -1.58
N HIS C 261 29.51 -52.22 -1.09
CA HIS C 261 30.28 -53.33 -0.55
C HIS C 261 29.47 -54.16 0.45
N CYS C 262 28.60 -53.53 1.23
CA CYS C 262 27.72 -54.26 2.14
C CYS C 262 26.74 -55.21 1.46
N GLN C 263 26.42 -54.95 0.20
CA GLN C 263 25.59 -55.88 -0.61
C GLN C 263 26.45 -57.07 -1.04
N GLU C 264 27.62 -56.78 -1.64
CA GLU C 264 28.55 -57.78 -2.22
C GLU C 264 29.22 -58.71 -1.18
N LYS C 265 28.53 -59.05 -0.09
CA LYS C 265 29.16 -59.78 1.02
C LYS C 265 28.20 -60.75 1.74
N GLN C 274 34.13 -62.64 8.35
CA GLN C 274 33.11 -62.07 9.22
C GLN C 274 33.29 -60.56 9.48
N LEU C 275 33.11 -59.77 8.41
CA LEU C 275 33.23 -58.32 8.44
C LEU C 275 31.82 -57.72 8.53
N SER C 276 31.39 -57.33 9.74
CA SER C 276 30.02 -56.87 9.92
C SER C 276 29.75 -55.67 9.02
N ASP C 277 28.50 -55.49 8.63
CA ASP C 277 28.07 -54.22 8.03
C ASP C 277 28.55 -53.04 8.90
N GLU C 278 28.42 -53.19 10.22
CA GLU C 278 28.83 -52.17 11.18
C GLU C 278 30.29 -51.70 11.02
N LYS C 279 31.21 -52.65 10.89
CA LYS C 279 32.63 -52.31 10.71
C LYS C 279 32.99 -51.77 9.33
N ILE C 280 32.24 -52.15 8.32
CA ILE C 280 32.43 -51.59 6.99
C ILE C 280 31.83 -50.18 6.92
N ILE C 281 30.63 -50.03 7.49
CA ILE C 281 29.90 -48.77 7.46
C ILE C 281 30.54 -47.64 8.28
N ASN C 282 31.07 -47.94 9.46
CA ASN C 282 31.53 -46.86 10.36
C ASN C 282 32.91 -46.29 10.03
N ILE C 283 33.49 -46.76 8.93
CA ILE C 283 34.67 -46.16 8.33
C ILE C 283 34.41 -44.72 7.87
N VAL C 284 33.18 -44.40 7.43
CA VAL C 284 32.90 -42.98 7.13
C VAL C 284 33.24 -42.14 8.35
N LEU C 285 32.87 -42.65 9.53
CA LEU C 285 33.05 -41.90 10.75
C LEU C 285 34.54 -41.57 11.00
N ASP C 286 35.41 -42.56 10.91
CA ASP C 286 36.82 -42.33 11.13
C ASP C 286 37.33 -41.30 10.13
N LEU C 287 36.91 -41.44 8.88
CA LEU C 287 37.31 -40.50 7.84
C LEU C 287 36.70 -39.15 8.11
N PHE C 288 35.44 -39.16 8.53
CA PHE C 288 34.73 -37.94 8.80
C PHE C 288 35.37 -37.17 9.97
N GLY C 289 35.54 -37.89 11.08
CA GLY C 289 36.12 -37.32 12.28
C GLY C 289 37.45 -36.69 11.94
N ALA C 290 38.33 -37.55 11.43
CA ALA C 290 39.68 -37.15 11.07
C ALA C 290 39.74 -36.01 10.06
N GLY C 291 38.92 -36.10 9.03
CA GLY C 291 38.94 -35.10 7.99
C GLY C 291 38.55 -33.72 8.51
N PHE C 292 37.44 -33.66 9.23
CA PHE C 292 36.97 -32.37 9.69
C PHE C 292 37.93 -31.77 10.73
N ASP C 293 38.31 -32.57 11.73
CA ASP C 293 39.08 -32.05 12.86
C ASP C 293 40.51 -31.59 12.54
N THR C 294 41.27 -32.46 11.89
CA THR C 294 42.68 -32.22 11.65
C THR C 294 42.93 -31.07 10.65
N VAL C 295 42.11 -31.03 9.60
CA VAL C 295 42.29 -30.03 8.54
C VAL C 295 41.76 -28.67 9.04
N THR C 296 40.63 -28.74 9.73
CA THR C 296 40.16 -27.58 10.48
C THR C 296 41.32 -27.04 11.33
N THR C 297 41.86 -27.87 12.22
CA THR C 297 42.91 -27.37 13.08
C THR C 297 44.08 -26.76 12.31
N ALA C 298 44.45 -27.39 11.20
CA ALA C 298 45.63 -27.00 10.46
C ALA C 298 45.54 -25.63 9.84
N ILE C 299 44.45 -25.43 9.13
CA ILE C 299 44.11 -24.13 8.60
C ILE C 299 43.99 -23.04 9.69
N SER C 300 43.35 -23.42 10.79
CA SER C 300 43.16 -22.53 11.91
C SER C 300 44.51 -22.01 12.34
N TRP C 301 45.42 -22.93 12.54
CA TRP C 301 46.78 -22.57 12.91
C TRP C 301 47.42 -21.70 11.85
N SER C 302 47.11 -21.97 10.60
CA SER C 302 47.80 -21.26 9.52
C SER C 302 47.35 -19.83 9.61
N LEU C 303 46.02 -19.69 9.69
CA LEU C 303 45.39 -18.36 9.87
C LEU C 303 46.01 -17.62 11.03
N MET C 304 46.16 -18.29 12.16
CA MET C 304 46.91 -17.67 13.24
C MET C 304 48.29 -17.22 12.82
N TYR C 305 49.15 -18.10 12.29
CA TYR C 305 50.49 -17.63 11.90
C TYR C 305 50.42 -16.53 10.85
N LEU C 306 49.44 -16.60 9.96
CA LEU C 306 49.35 -15.55 8.92
C LEU C 306 49.12 -14.19 9.52
N VAL C 307 48.29 -14.18 10.55
CA VAL C 307 47.94 -12.96 11.21
C VAL C 307 49.08 -12.50 12.13
N MET C 308 49.69 -13.44 12.83
CA MET C 308 50.83 -13.13 13.69
C MET C 308 52.11 -12.84 12.92
N ASN C 309 52.18 -13.22 11.64
CA ASN C 309 53.37 -12.89 10.84
C ASN C 309 53.01 -12.22 9.51
N PRO C 310 52.56 -10.96 9.54
CA PRO C 310 52.17 -10.24 8.31
C PRO C 310 53.18 -10.37 7.16
N ARG C 311 54.46 -10.29 7.52
CA ARG C 311 55.61 -10.46 6.60
C ARG C 311 55.49 -11.73 5.75
N VAL C 312 55.09 -12.81 6.40
CA VAL C 312 54.89 -14.08 5.71
C VAL C 312 53.65 -14.00 4.84
N GLN C 313 52.59 -13.38 5.36
CA GLN C 313 51.37 -13.22 4.56
C GLN C 313 51.59 -12.44 3.25
N ARG C 314 52.39 -11.39 3.28
CA ARG C 314 52.65 -10.62 2.06
C ARG C 314 53.44 -11.44 0.98
N LYS C 315 54.41 -12.24 1.43
CA LYS C 315 55.23 -13.03 0.51
C LYS C 315 54.45 -14.11 -0.20
N ILE C 316 53.54 -14.75 0.52
CA ILE C 316 52.60 -15.68 -0.12
C ILE C 316 51.79 -15.01 -1.20
N GLN C 317 51.31 -13.81 -0.90
CA GLN C 317 50.52 -13.05 -1.86
C GLN C 317 51.39 -12.57 -3.01
N GLU C 318 52.43 -11.81 -2.69
CA GLU C 318 53.47 -11.45 -3.66
C GLU C 318 53.80 -12.62 -4.56
N GLU C 319 54.08 -13.80 -3.98
CA GLU C 319 54.28 -15.01 -4.79
C GLU C 319 53.05 -15.31 -5.64
N LEU C 320 51.89 -15.52 -5.00
CA LEU C 320 50.65 -15.90 -5.72
C LEU C 320 50.38 -15.00 -6.91
N ASP C 321 50.42 -13.69 -6.65
CA ASP C 321 50.25 -12.69 -7.68
C ASP C 321 51.21 -12.91 -8.83
N THR C 322 52.50 -12.93 -8.51
CA THR C 322 53.57 -13.06 -9.50
C THR C 322 53.58 -14.40 -10.31
N VAL C 323 52.93 -15.44 -9.83
CA VAL C 323 52.93 -16.74 -10.52
C VAL C 323 51.59 -17.09 -11.16
N ILE C 324 50.47 -16.92 -10.46
CA ILE C 324 49.15 -17.20 -11.08
C ILE C 324 48.60 -15.90 -11.73
N GLY C 325 48.95 -14.74 -11.17
CA GLY C 325 48.38 -13.46 -11.59
C GLY C 325 47.13 -13.17 -10.77
N ARG C 326 46.63 -11.94 -10.80
CA ARG C 326 45.34 -11.60 -10.15
C ARG C 326 44.18 -11.74 -11.15
N SER C 327 44.30 -12.64 -12.13
CA SER C 327 43.33 -12.76 -13.24
C SER C 327 42.59 -14.12 -13.32
N ARG C 328 42.69 -14.93 -12.28
CA ARG C 328 42.17 -16.31 -12.32
C ARG C 328 42.20 -16.94 -10.92
N ARG C 329 41.42 -17.98 -10.70
CA ARG C 329 41.52 -18.72 -9.42
C ARG C 329 42.79 -19.58 -9.41
N PRO C 330 43.43 -19.69 -8.23
CA PRO C 330 44.48 -20.69 -8.10
C PRO C 330 43.91 -22.08 -8.18
N ARG C 331 44.76 -23.03 -8.56
CA ARG C 331 44.35 -24.35 -8.99
C ARG C 331 45.33 -25.40 -8.42
N LEU C 332 44.90 -26.65 -8.28
CA LEU C 332 45.82 -27.69 -7.76
C LEU C 332 47.04 -27.90 -8.65
N SER C 333 46.81 -28.10 -9.95
CA SER C 333 47.89 -28.26 -10.93
C SER C 333 49.05 -27.34 -10.58
N ASP C 334 48.77 -26.05 -10.50
CA ASP C 334 49.82 -25.08 -10.20
C ASP C 334 50.33 -25.06 -8.72
N ARG C 335 49.91 -26.01 -7.90
CA ARG C 335 50.48 -26.21 -6.56
C ARG C 335 52.01 -26.26 -6.57
N SER C 336 52.53 -27.28 -7.24
CA SER C 336 53.98 -27.45 -7.42
C SER C 336 54.72 -26.21 -7.97
N HIS C 337 54.03 -25.13 -8.36
CA HIS C 337 54.69 -23.89 -8.84
C HIS C 337 54.71 -22.79 -7.78
N LEU C 338 54.36 -23.16 -6.54
CA LEU C 338 54.27 -22.20 -5.43
C LEU C 338 55.12 -22.66 -4.24
N PRO C 339 56.46 -22.57 -4.39
CA PRO C 339 57.40 -23.02 -3.37
C PRO C 339 57.27 -22.27 -2.00
N TYR C 340 56.80 -21.03 -2.01
CA TYR C 340 56.64 -20.35 -0.73
C TYR C 340 55.40 -20.85 0.01
N MET C 341 54.30 -21.09 -0.70
CA MET C 341 53.12 -21.65 -0.07
C MET C 341 53.41 -22.95 0.61
N GLU C 342 54.15 -23.83 -0.06
CA GLU C 342 54.47 -25.13 0.51
C GLU C 342 55.44 -24.89 1.67
N ALA C 343 56.37 -23.95 1.51
CA ALA C 343 57.29 -23.67 2.60
C ALA C 343 56.52 -23.23 3.84
N PHE C 344 55.52 -22.36 3.63
CA PHE C 344 54.66 -21.84 4.71
C PHE C 344 53.90 -22.96 5.44
N ILE C 345 53.21 -23.78 4.66
CA ILE C 345 52.47 -24.93 5.18
C ILE C 345 53.34 -25.93 5.94
N LEU C 346 54.54 -26.19 5.43
CA LEU C 346 55.48 -27.09 6.10
C LEU C 346 55.90 -26.52 7.44
N GLU C 347 56.13 -25.21 7.45
CA GLU C 347 56.51 -24.54 8.67
C GLU C 347 55.37 -24.44 9.67
N THR C 348 54.14 -24.42 9.17
CA THR C 348 52.96 -24.46 10.02
C THR C 348 52.87 -25.84 10.63
N PHE C 349 53.00 -26.87 9.79
CA PHE C 349 53.07 -28.25 10.29
C PHE C 349 54.20 -28.44 11.29
N ARG C 350 55.36 -27.92 10.96
CA ARG C 350 56.54 -28.15 11.75
C ARG C 350 56.38 -27.48 13.11
N HIS C 351 56.28 -26.16 13.07
CA HIS C 351 56.21 -25.35 14.29
C HIS C 351 55.04 -25.70 15.19
N SER C 352 53.86 -25.88 14.62
CA SER C 352 52.73 -26.29 15.43
C SER C 352 52.88 -27.69 15.98
N SER C 353 53.55 -28.55 15.24
CA SER C 353 53.49 -30.00 15.49
C SER C 353 52.17 -30.35 16.14
N PHE C 354 51.10 -29.93 15.51
CA PHE C 354 49.79 -29.95 16.14
C PHE C 354 49.17 -31.31 16.25
N VAL C 355 49.85 -32.32 15.70
CA VAL C 355 49.63 -33.70 16.13
C VAL C 355 50.96 -34.18 16.64
N PRO C 356 51.21 -34.04 17.95
CA PRO C 356 52.57 -34.22 18.49
C PRO C 356 52.93 -35.68 18.84
N PHE C 357 51.92 -36.53 19.00
CA PHE C 357 52.09 -37.97 19.01
C PHE C 357 51.23 -38.58 17.93
N THR C 358 51.67 -39.72 17.40
CA THR C 358 50.76 -40.51 16.63
C THR C 358 49.73 -40.92 17.65
N ILE C 359 48.70 -41.59 17.18
CA ILE C 359 47.83 -42.34 18.06
C ILE C 359 48.78 -43.37 18.62
N PRO C 360 48.61 -43.74 19.89
CA PRO C 360 49.47 -44.74 20.48
C PRO C 360 49.45 -46.09 19.77
N HIS C 361 50.54 -46.83 19.96
CA HIS C 361 50.76 -48.12 19.30
C HIS C 361 50.98 -49.27 20.28
N SER C 362 50.63 -50.47 19.83
CA SER C 362 50.96 -51.70 20.55
C SER C 362 51.95 -52.54 19.73
N THR C 363 52.88 -53.19 20.43
CA THR C 363 53.74 -54.22 19.82
C THR C 363 52.95 -55.52 19.67
N THR C 364 52.83 -56.02 18.44
CA THR C 364 52.06 -57.22 18.10
C THR C 364 52.69 -58.53 18.58
N ARG C 365 54.01 -58.62 18.44
CA ARG C 365 54.81 -59.77 18.85
C ARG C 365 56.03 -59.25 19.63
N ASP C 366 56.72 -60.16 20.32
CA ASP C 366 57.98 -59.82 20.99
C ASP C 366 58.94 -59.28 19.97
N THR C 367 59.78 -58.31 20.36
CA THR C 367 60.67 -57.66 19.38
C THR C 367 61.82 -56.82 19.99
N SER C 368 62.60 -56.20 19.11
CA SER C 368 63.81 -55.49 19.49
C SER C 368 63.95 -54.17 18.72
N LEU C 369 64.54 -53.17 19.38
CA LEU C 369 64.82 -51.93 18.72
C LEU C 369 66.08 -51.34 19.27
N LYS C 370 66.98 -50.94 18.38
CA LYS C 370 68.33 -50.47 18.74
C LYS C 370 68.89 -51.28 19.92
N GLY C 371 68.63 -52.58 19.87
CA GLY C 371 69.01 -53.49 20.93
C GLY C 371 68.33 -53.21 22.25
N PHE C 372 66.98 -53.14 22.22
CA PHE C 372 66.18 -53.08 23.45
C PHE C 372 65.05 -54.10 23.37
N TYR C 373 64.81 -54.82 24.47
CA TYR C 373 63.70 -55.76 24.50
C TYR C 373 62.37 -55.04 24.71
N ILE C 374 61.45 -55.31 23.79
CA ILE C 374 60.07 -54.85 23.91
C ILE C 374 59.12 -56.06 23.91
N PRO C 375 58.50 -56.34 25.07
CA PRO C 375 57.52 -57.44 25.12
C PRO C 375 56.35 -57.26 24.17
N LYS C 376 55.60 -58.33 23.96
CA LYS C 376 54.38 -58.28 23.17
C LYS C 376 53.33 -57.47 23.96
N GLY C 377 52.54 -56.66 23.25
CA GLY C 377 51.44 -55.89 23.84
C GLY C 377 51.84 -54.65 24.64
N ARG C 378 53.11 -54.31 24.65
CA ARG C 378 53.57 -53.08 25.28
C ARG C 378 53.03 -51.85 24.60
N CYS C 379 52.51 -50.91 25.38
CA CYS C 379 52.01 -49.65 24.86
C CYS C 379 53.18 -48.76 24.38
N VAL C 380 53.00 -48.18 23.20
CA VAL C 380 54.02 -47.33 22.64
C VAL C 380 53.48 -45.98 22.15
N PHE C 381 54.13 -44.91 22.61
CA PHE C 381 53.90 -43.58 22.12
C PHE C 381 55.02 -43.21 21.14
N VAL C 382 54.69 -42.31 20.19
CA VAL C 382 55.57 -41.94 19.11
C VAL C 382 55.59 -40.44 19.02
N ASN C 383 56.69 -39.85 19.46
CA ASN C 383 56.76 -38.43 19.64
C ASN C 383 57.25 -37.73 18.39
N GLN C 384 56.30 -37.49 17.51
CA GLN C 384 56.48 -36.57 16.39
C GLN C 384 56.95 -35.16 16.77
N TRP C 385 56.62 -34.70 17.97
CA TRP C 385 56.90 -33.32 18.31
C TRP C 385 58.40 -33.18 18.42
N GLN C 386 59.03 -34.25 18.91
CA GLN C 386 60.45 -34.28 19.21
C GLN C 386 61.24 -34.04 17.94
N ILE C 387 60.81 -34.70 16.86
CA ILE C 387 61.56 -34.61 15.61
C ILE C 387 61.45 -33.21 15.10
N ASN C 388 60.21 -32.72 15.04
CA ASN C 388 59.95 -31.41 14.43
C ASN C 388 60.59 -30.27 15.21
N HIS C 389 60.96 -30.54 16.44
CA HIS C 389 61.56 -29.53 17.29
C HIS C 389 62.94 -29.88 17.79
N ASP C 390 63.52 -30.99 17.31
CA ASP C 390 64.90 -31.38 17.66
C ASP C 390 65.86 -30.23 17.39
N GLN C 391 66.53 -29.76 18.46
CA GLN C 391 67.52 -28.70 18.33
C GLN C 391 68.49 -29.03 17.18
N LYS C 392 68.99 -30.27 17.19
CA LYS C 392 70.04 -30.72 16.31
C LYS C 392 69.60 -30.77 14.84
N LEU C 393 68.38 -31.21 14.57
CA LEU C 393 67.86 -31.25 13.17
C LEU C 393 67.53 -29.85 12.63
N TRP C 394 67.14 -28.91 13.50
CA TRP C 394 66.51 -27.65 13.03
C TRP C 394 67.28 -26.43 13.46
N VAL C 395 67.29 -25.42 12.61
CA VAL C 395 68.12 -24.25 12.89
C VAL C 395 67.59 -23.54 14.16
N ASN C 396 66.43 -22.90 14.07
CA ASN C 396 65.83 -22.30 15.28
C ASN C 396 64.41 -22.80 15.52
N PRO C 397 64.26 -24.02 16.04
CA PRO C 397 62.94 -24.65 16.00
C PRO C 397 61.82 -23.86 16.73
N SER C 398 62.17 -23.11 17.76
CA SER C 398 61.21 -22.21 18.40
C SER C 398 60.67 -21.16 17.41
N GLU C 399 61.54 -20.58 16.57
CA GLU C 399 61.14 -19.54 15.61
C GLU C 399 60.36 -20.07 14.40
N PHE C 400 59.36 -19.29 13.97
CA PHE C 400 58.53 -19.66 12.82
C PHE C 400 59.13 -18.99 11.61
N LEU C 401 59.70 -19.80 10.72
CA LEU C 401 60.57 -19.34 9.66
C LEU C 401 60.37 -20.22 8.44
N PRO C 402 59.48 -19.86 7.52
CA PRO C 402 59.31 -20.77 6.39
C PRO C 402 60.47 -20.75 5.36
N GLU C 403 61.31 -19.72 5.42
CA GLU C 403 62.44 -19.58 4.50
C GLU C 403 63.54 -20.62 4.73
N ARG C 404 63.45 -21.34 5.85
CA ARG C 404 64.35 -22.44 6.11
C ARG C 404 64.25 -23.55 5.06
N PHE C 405 63.03 -23.79 4.55
CA PHE C 405 62.74 -24.83 3.54
C PHE C 405 63.01 -24.37 2.12
N LEU C 406 63.62 -23.20 1.99
CA LEU C 406 63.90 -22.63 0.69
C LEU C 406 65.37 -22.78 0.36
N THR C 407 65.66 -23.08 -0.90
CA THR C 407 67.03 -23.02 -1.40
C THR C 407 67.29 -21.53 -1.54
N PRO C 408 68.56 -21.13 -1.47
CA PRO C 408 68.82 -19.70 -1.49
C PRO C 408 68.56 -19.07 -2.87
N ASP C 409 68.31 -19.90 -3.90
CA ASP C 409 67.68 -19.40 -5.14
C ASP C 409 66.19 -19.17 -4.88
N GLY C 410 65.57 -20.09 -4.14
CA GLY C 410 64.19 -19.94 -3.69
C GLY C 410 63.21 -21.05 -3.99
N ALA C 411 63.67 -22.29 -4.16
CA ALA C 411 62.74 -23.45 -4.34
C ALA C 411 62.78 -24.44 -3.18
N ILE C 412 61.80 -25.33 -3.14
CA ILE C 412 61.73 -26.23 -2.01
C ILE C 412 63.05 -26.99 -1.94
N ASP C 413 63.64 -27.00 -0.75
CA ASP C 413 64.69 -27.97 -0.44
C ASP C 413 63.98 -29.27 -0.01
N LYS C 414 63.86 -30.21 -0.93
CA LYS C 414 63.23 -31.50 -0.67
C LYS C 414 63.85 -32.31 0.48
N VAL C 415 65.18 -32.25 0.66
CA VAL C 415 65.80 -33.08 1.71
C VAL C 415 65.33 -32.58 3.07
N LEU C 416 65.15 -31.26 3.20
CA LEU C 416 64.67 -30.63 4.45
C LEU C 416 63.18 -30.87 4.68
N SER C 417 62.37 -30.65 3.65
CA SER C 417 60.93 -30.91 3.74
C SER C 417 60.52 -32.35 4.12
N GLU C 418 61.38 -33.32 3.86
CA GLU C 418 61.11 -34.71 4.29
C GLU C 418 61.27 -34.92 5.81
N LYS C 419 62.05 -34.04 6.42
CA LYS C 419 62.35 -34.11 7.84
C LYS C 419 61.12 -33.81 8.72
N VAL C 420 60.18 -33.05 8.17
CA VAL C 420 58.97 -32.65 8.90
C VAL C 420 58.03 -33.82 8.98
N ILE C 421 57.90 -34.42 10.16
CA ILE C 421 57.03 -35.57 10.34
C ILE C 421 55.78 -35.16 11.12
N ILE C 422 54.62 -35.36 10.49
CA ILE C 422 53.33 -35.11 11.13
C ILE C 422 52.20 -36.06 10.71
N PHE C 423 52.44 -36.83 9.65
CA PHE C 423 51.41 -37.70 9.11
C PHE C 423 51.63 -39.14 9.50
N GLY C 424 52.60 -39.33 10.40
CA GLY C 424 52.96 -40.68 10.84
C GLY C 424 53.79 -41.44 9.81
N MET C 425 53.98 -42.73 10.08
CA MET C 425 54.86 -43.58 9.28
C MET C 425 54.35 -45.00 9.25
N GLY C 426 54.57 -45.64 8.11
CA GLY C 426 54.48 -47.09 8.05
C GLY C 426 53.08 -47.61 7.95
N LYS C 427 52.82 -48.74 8.61
CA LYS C 427 51.58 -49.48 8.37
C LYS C 427 50.41 -48.65 8.83
N ARG C 428 50.66 -47.81 9.84
CA ARG C 428 49.61 -47.03 10.45
C ARG C 428 49.58 -45.54 10.06
N LYS C 429 50.27 -45.13 8.99
CA LYS C 429 50.33 -43.71 8.70
C LYS C 429 48.97 -43.18 8.26
N CYS C 430 48.82 -41.84 8.32
CA CYS C 430 47.60 -41.16 7.89
C CYS C 430 47.25 -41.53 6.46
N ILE C 431 46.04 -42.05 6.25
CA ILE C 431 45.56 -42.36 4.90
C ILE C 431 44.92 -41.17 4.20
N GLY C 432 45.00 -40.00 4.84
CA GLY C 432 44.38 -38.77 4.33
C GLY C 432 45.40 -37.77 3.90
N GLU C 433 46.68 -38.13 3.99
CA GLU C 433 47.77 -37.18 3.78
C GLU C 433 47.63 -36.32 2.53
N THR C 434 47.30 -36.94 1.40
CA THR C 434 47.29 -36.20 0.13
C THR C 434 46.07 -35.26 0.05
N ILE C 435 44.89 -35.78 0.38
CA ILE C 435 43.71 -34.94 0.48
C ILE C 435 44.06 -33.72 1.33
N ALA C 436 44.57 -33.98 2.52
CA ALA C 436 44.93 -32.95 3.43
C ALA C 436 45.89 -31.94 2.80
N ARG C 437 47.06 -32.37 2.34
CA ARG C 437 48.04 -31.36 1.89
C ARG C 437 47.51 -30.57 0.69
N TRP C 438 46.53 -31.13 0.00
CA TRP C 438 45.92 -30.45 -1.12
C TRP C 438 44.83 -29.46 -0.65
N GLU C 439 43.86 -29.98 0.11
CA GLU C 439 42.81 -29.17 0.78
C GLU C 439 43.38 -27.91 1.43
N VAL C 440 44.38 -28.10 2.28
CA VAL C 440 45.03 -26.98 2.93
C VAL C 440 45.61 -26.07 1.89
N PHE C 441 46.42 -26.64 1.00
CA PHE C 441 46.97 -25.85 -0.09
C PHE C 441 45.90 -24.99 -0.78
N LEU C 442 44.85 -25.62 -1.27
CA LEU C 442 43.82 -24.88 -2.01
C LEU C 442 43.19 -23.74 -1.26
N PHE C 443 42.57 -24.05 -0.13
CA PHE C 443 41.94 -23.05 0.72
C PHE C 443 42.89 -21.90 0.95
N LEU C 444 44.11 -22.20 1.32
CA LEU C 444 45.00 -21.10 1.65
C LEU C 444 45.19 -20.23 0.40
N ALA C 445 45.48 -20.89 -0.73
CA ALA C 445 45.79 -20.22 -1.99
C ALA C 445 44.66 -19.29 -2.45
N ILE C 446 43.48 -19.88 -2.64
CA ILE C 446 42.26 -19.14 -2.97
C ILE C 446 42.04 -17.91 -2.07
N LEU C 447 41.98 -18.12 -0.77
CA LEU C 447 41.75 -17.03 0.18
C LEU C 447 42.81 -15.94 0.07
N LEU C 448 44.05 -16.33 -0.01
CA LEU C 448 45.11 -15.32 0.04
C LEU C 448 45.22 -14.59 -1.29
N GLN C 449 44.81 -15.25 -2.37
CA GLN C 449 44.59 -14.55 -3.65
C GLN C 449 43.68 -13.32 -3.44
N ARG C 450 42.53 -13.56 -2.82
CA ARG C 450 41.51 -12.54 -2.63
C ARG C 450 41.76 -11.52 -1.48
N VAL C 451 42.05 -12.06 -0.30
CA VAL C 451 41.95 -11.31 0.96
C VAL C 451 43.21 -11.31 1.84
N GLU C 452 43.53 -10.16 2.44
CA GLU C 452 44.43 -10.07 3.60
C GLU C 452 43.66 -10.54 4.86
N PHE C 453 44.36 -11.11 5.85
CA PHE C 453 43.79 -11.34 7.19
C PHE C 453 44.60 -10.53 8.19
N SER C 454 43.90 -9.99 9.18
CA SER C 454 44.55 -9.17 10.19
C SER C 454 44.03 -9.45 11.57
N VAL C 455 44.81 -8.95 12.51
CA VAL C 455 44.42 -8.91 13.89
C VAL C 455 44.97 -7.56 14.34
N PRO C 456 44.15 -6.78 15.05
CA PRO C 456 44.58 -5.42 15.39
C PRO C 456 45.60 -5.39 16.53
N LEU C 457 46.52 -4.43 16.49
CA LEU C 457 47.42 -4.24 17.60
C LEU C 457 46.56 -4.11 18.85
N GLY C 458 47.14 -4.40 19.99
CA GLY C 458 46.48 -4.13 21.26
C GLY C 458 45.59 -5.24 21.76
N VAL C 459 45.28 -6.21 20.91
CA VAL C 459 44.45 -7.37 21.30
C VAL C 459 45.26 -8.66 21.52
N LYS C 460 44.76 -9.51 22.40
CA LYS C 460 45.45 -10.72 22.80
C LYS C 460 45.18 -11.91 21.91
N VAL C 461 46.30 -12.51 21.43
CA VAL C 461 46.26 -13.77 20.68
C VAL C 461 47.22 -14.81 21.27
N ASP C 462 46.64 -15.70 22.08
CA ASP C 462 47.37 -16.73 22.78
C ASP C 462 47.68 -17.83 21.77
N MET C 463 48.97 -17.94 21.47
CA MET C 463 49.52 -18.87 20.47
C MET C 463 49.83 -20.25 21.08
N THR C 464 49.48 -20.44 22.35
CA THR C 464 49.86 -21.59 23.13
C THR C 464 49.04 -22.83 22.77
N PRO C 465 49.72 -23.89 22.32
CA PRO C 465 48.91 -25.02 22.00
C PRO C 465 48.27 -25.63 23.23
N ILE C 466 47.17 -26.35 23.01
CA ILE C 466 46.46 -27.00 24.07
C ILE C 466 46.53 -28.47 23.75
N TYR C 467 47.22 -29.21 24.60
CA TYR C 467 47.49 -30.62 24.35
C TYR C 467 46.25 -31.38 24.03
N GLY C 468 46.42 -32.33 23.13
CA GLY C 468 45.35 -33.23 22.68
C GLY C 468 45.89 -34.00 21.48
N LEU C 469 45.12 -34.93 20.95
CA LEU C 469 45.51 -35.64 19.76
C LEU C 469 45.72 -34.61 18.66
N THR C 470 44.80 -33.67 18.55
CA THR C 470 45.04 -32.42 17.85
C THR C 470 45.09 -31.28 18.84
N MET C 471 46.09 -30.45 18.68
CA MET C 471 46.31 -29.36 19.58
C MET C 471 45.66 -28.08 19.04
N LYS C 472 44.59 -27.68 19.73
CA LYS C 472 43.86 -26.47 19.40
C LYS C 472 44.55 -25.28 20.01
N HIS C 473 44.19 -24.10 19.54
CA HIS C 473 44.57 -22.90 20.26
C HIS C 473 43.35 -22.37 21.05
N ALA C 474 43.59 -21.38 21.89
CA ALA C 474 42.49 -20.66 22.53
C ALA C 474 41.74 -19.88 21.45
N CYS C 475 40.40 -19.81 21.56
CA CYS C 475 39.55 -18.95 20.70
C CYS C 475 40.09 -17.55 20.62
N CYS C 476 40.17 -17.03 19.41
CA CYS C 476 40.45 -15.63 19.13
C CYS C 476 39.22 -15.02 18.44
N GLU C 477 38.72 -13.91 18.98
CA GLU C 477 37.47 -13.34 18.51
C GLU C 477 37.71 -12.17 17.56
N HIS C 478 38.96 -11.81 17.32
CA HIS C 478 39.31 -10.50 16.77
C HIS C 478 39.88 -10.53 15.37
N PHE C 479 39.58 -11.55 14.59
CA PHE C 479 40.11 -11.60 13.22
C PHE C 479 39.37 -10.63 12.33
N GLN C 480 40.12 -9.91 11.51
CA GLN C 480 39.56 -9.06 10.48
C GLN C 480 40.06 -9.51 9.10
N MET C 481 39.46 -8.93 8.05
CA MET C 481 39.69 -9.36 6.69
C MET C 481 39.32 -8.24 5.71
N GLN C 482 40.32 -7.57 5.13
CA GLN C 482 40.09 -6.65 4.01
C GLN C 482 40.15 -7.45 2.72
N LEU C 483 40.07 -6.75 1.59
CA LEU C 483 40.37 -7.31 0.27
C LEU C 483 41.58 -6.59 -0.31
N ARG C 484 42.05 -7.08 -1.46
CA ARG C 484 43.19 -6.47 -2.10
C ARG C 484 42.82 -5.86 -3.46
N SER C 485 43.80 -5.18 -4.07
CA SER C 485 43.71 -4.71 -5.45
C SER C 485 45.10 -4.71 -6.07
N LEU D 10 -5.98 40.12 -6.55
CA LEU D 10 -4.64 39.46 -6.74
C LEU D 10 -4.17 39.66 -8.20
N LYS D 11 -3.04 39.04 -8.57
CA LYS D 11 -2.31 39.37 -9.82
C LYS D 11 -3.04 39.09 -11.13
N ASN D 12 -2.92 40.01 -12.10
CA ASN D 12 -3.33 39.73 -13.47
C ASN D 12 -2.08 39.23 -14.20
N PRO D 13 -2.17 38.08 -14.90
CA PRO D 13 -0.96 37.34 -15.28
C PRO D 13 0.00 38.10 -16.21
N PRO D 14 1.31 37.77 -16.15
CA PRO D 14 2.34 38.48 -16.91
C PRO D 14 2.39 38.14 -18.40
N GLY D 15 3.31 38.76 -19.12
CA GLY D 15 3.44 38.57 -20.56
C GLY D 15 3.85 39.84 -21.28
N PRO D 16 4.65 39.70 -22.36
CA PRO D 16 5.40 40.77 -23.01
C PRO D 16 4.55 41.82 -23.71
N TRP D 17 5.17 42.93 -24.08
CA TRP D 17 4.52 43.98 -24.87
C TRP D 17 4.13 43.40 -26.21
N GLY D 18 2.91 43.70 -26.63
CA GLY D 18 2.44 43.36 -27.96
C GLY D 18 2.15 44.61 -28.75
N TRP D 19 2.00 44.46 -30.07
CA TRP D 19 1.57 45.58 -30.90
C TRP D 19 0.10 45.83 -30.59
N PRO D 20 -0.33 47.12 -30.54
CA PRO D 20 -1.70 47.51 -30.21
C PRO D 20 -2.77 46.73 -30.98
N LEU D 21 -2.57 46.55 -32.28
CA LEU D 21 -3.61 46.05 -33.17
C LEU D 21 -3.62 44.54 -33.29
N ILE D 22 -2.46 43.96 -33.58
CA ILE D 22 -2.35 42.52 -33.85
C ILE D 22 -1.97 41.72 -32.60
N GLY D 23 -1.53 42.38 -31.54
CA GLY D 23 -1.04 41.66 -30.38
C GLY D 23 0.21 40.87 -30.75
N HIS D 24 0.38 39.70 -30.15
CA HIS D 24 1.65 38.99 -30.22
C HIS D 24 1.69 37.98 -31.36
N MET D 25 0.83 38.14 -32.35
CA MET D 25 0.59 37.07 -33.29
C MET D 25 1.74 36.82 -34.22
N LEU D 26 2.58 37.82 -34.43
CA LEU D 26 3.75 37.61 -35.25
C LEU D 26 4.76 36.83 -34.46
N THR D 27 4.97 37.23 -33.21
CA THR D 27 5.87 36.53 -32.29
C THR D 27 5.60 35.02 -32.24
N LEU D 28 4.32 34.64 -32.23
CA LEU D 28 3.96 33.22 -32.24
C LEU D 28 4.58 32.53 -33.43
N GLY D 29 4.42 33.11 -34.59
CA GLY D 29 5.07 32.60 -35.79
C GLY D 29 4.43 31.34 -36.33
N LYS D 30 5.24 30.53 -36.98
CA LYS D 30 4.77 29.32 -37.65
C LYS D 30 4.87 28.13 -36.73
N ASN D 31 5.48 28.32 -35.57
CA ASN D 31 5.63 27.29 -34.56
C ASN D 31 5.27 27.82 -33.17
N PRO D 32 4.00 28.18 -32.97
CA PRO D 32 3.58 28.81 -31.71
C PRO D 32 4.09 28.05 -30.50
N HIS D 33 4.11 26.72 -30.59
CA HIS D 33 4.59 25.90 -29.47
C HIS D 33 6.01 26.25 -29.04
N LEU D 34 6.92 26.39 -29.98
CA LEU D 34 8.30 26.72 -29.64
C LEU D 34 8.36 28.13 -29.08
N ALA D 35 7.63 29.03 -29.72
CA ALA D 35 7.60 30.42 -29.31
C ALA D 35 7.13 30.56 -27.85
N LEU D 36 5.97 29.98 -27.52
CA LEU D 36 5.39 30.02 -26.17
C LEU D 36 6.20 29.25 -25.13
N SER D 37 6.98 28.26 -25.55
CA SER D 37 8.01 27.68 -24.70
C SER D 37 9.12 28.67 -24.35
N ARG D 38 9.63 29.37 -25.35
CA ARG D 38 10.61 30.42 -25.10
C ARG D 38 10.07 31.40 -24.08
N MET D 39 8.82 31.82 -24.30
CA MET D 39 8.16 32.76 -23.41
C MET D 39 8.04 32.26 -21.98
N SER D 40 7.55 31.04 -21.83
CA SER D 40 7.34 30.44 -20.52
C SER D 40 8.58 30.50 -19.61
N GLN D 41 9.76 30.38 -20.20
CA GLN D 41 11.02 30.43 -19.44
C GLN D 41 11.17 31.73 -18.67
N GLN D 42 10.80 32.85 -19.28
CA GLN D 42 10.96 34.14 -18.64
C GLN D 42 9.63 34.86 -18.41
N TYR D 43 8.57 34.10 -18.19
CA TYR D 43 7.28 34.68 -17.81
C TYR D 43 6.45 33.76 -16.92
N GLY D 44 6.89 32.51 -16.76
CA GLY D 44 6.28 31.57 -15.83
C GLY D 44 5.23 30.64 -16.42
N ASP D 45 4.73 29.75 -15.57
CA ASP D 45 3.80 28.69 -16.01
C ASP D 45 2.42 29.21 -16.25
N VAL D 46 2.15 30.42 -15.79
CA VAL D 46 0.96 31.14 -16.24
C VAL D 46 1.46 32.43 -16.80
N LEU D 47 0.92 32.73 -17.99
CA LEU D 47 1.17 33.96 -18.69
C LEU D 47 0.04 34.23 -19.70
N GLN D 48 0.04 35.42 -20.26
CA GLN D 48 -0.94 35.80 -21.26
C GLN D 48 -0.37 36.67 -22.37
N ILE D 49 -1.04 36.58 -23.51
CA ILE D 49 -0.72 37.30 -24.72
C ILE D 49 -2.05 37.75 -25.28
N ARG D 50 -2.03 38.36 -26.46
CA ARG D 50 -3.21 38.86 -27.13
C ARG D 50 -3.05 38.56 -28.62
N ILE D 51 -4.15 38.19 -29.28
CA ILE D 51 -4.15 37.86 -30.69
C ILE D 51 -5.25 38.68 -31.36
N GLY D 52 -4.83 39.59 -32.22
CA GLY D 52 -5.67 40.71 -32.57
C GLY D 52 -5.87 41.42 -31.24
N SER D 53 -7.13 41.67 -30.91
CA SER D 53 -7.45 42.35 -29.66
C SER D 53 -8.15 41.38 -28.71
N THR D 54 -7.77 40.11 -28.79
CA THR D 54 -8.34 39.05 -27.96
C THR D 54 -7.28 38.50 -27.02
N PRO D 55 -7.49 38.64 -25.72
CA PRO D 55 -6.47 38.04 -24.85
C PRO D 55 -6.61 36.52 -24.80
N VAL D 56 -5.53 35.87 -24.39
CA VAL D 56 -5.43 34.41 -24.39
C VAL D 56 -4.41 33.98 -23.34
N VAL D 57 -4.74 33.00 -22.52
CA VAL D 57 -3.86 32.62 -21.43
C VAL D 57 -3.24 31.31 -21.81
N VAL D 58 -2.01 31.09 -21.34
CA VAL D 58 -1.30 29.92 -21.76
C VAL D 58 -0.51 29.31 -20.61
N LEU D 59 -0.91 28.09 -20.29
CA LEU D 59 -0.41 27.36 -19.13
C LEU D 59 0.71 26.47 -19.61
N SER D 60 1.76 26.36 -18.83
CA SER D 60 3.02 25.91 -19.35
C SER D 60 3.80 24.99 -18.42
N GLY D 61 3.29 24.67 -17.23
CA GLY D 61 4.08 23.84 -16.30
C GLY D 61 3.46 22.51 -15.96
N LEU D 62 4.28 21.49 -15.72
CA LEU D 62 3.70 20.18 -15.43
C LEU D 62 2.69 20.23 -14.28
N ASP D 63 3.09 20.84 -13.16
CA ASP D 63 2.22 20.99 -11.99
C ASP D 63 1.07 21.94 -12.28
N THR D 64 1.45 23.17 -12.63
CA THR D 64 0.53 24.24 -12.98
C THR D 64 -0.57 23.77 -13.93
N ILE D 65 -0.22 22.87 -14.84
CA ILE D 65 -1.20 22.32 -15.77
C ILE D 65 -2.04 21.30 -15.02
N ARG D 66 -1.39 20.42 -14.25
CA ARG D 66 -2.13 19.47 -13.40
C ARG D 66 -3.12 20.22 -12.50
N GLN D 67 -2.60 21.20 -11.74
CA GLN D 67 -3.45 22.09 -10.95
C GLN D 67 -4.69 22.52 -11.73
N ALA D 68 -4.47 23.19 -12.86
CA ALA D 68 -5.57 23.78 -13.61
C ALA D 68 -6.59 22.75 -14.12
N LEU D 69 -6.12 21.68 -14.74
CA LEU D 69 -7.03 20.82 -15.50
C LEU D 69 -7.61 19.66 -14.70
N VAL D 70 -6.88 19.18 -13.69
CA VAL D 70 -7.43 18.13 -12.81
C VAL D 70 -8.04 18.79 -11.59
N ARG D 71 -7.21 19.41 -10.75
CA ARG D 71 -7.68 19.97 -9.48
C ARG D 71 -8.68 21.13 -9.65
N GLN D 72 -8.70 21.82 -10.78
CA GLN D 72 -9.73 22.84 -10.98
C GLN D 72 -10.44 22.65 -12.31
N GLY D 73 -10.47 21.40 -12.78
CA GLY D 73 -11.00 21.07 -14.09
C GLY D 73 -12.32 21.72 -14.46
N ASP D 74 -13.16 21.99 -13.46
CA ASP D 74 -14.46 22.62 -13.71
C ASP D 74 -14.33 24.11 -14.10
N ASP D 75 -13.32 24.77 -13.53
CA ASP D 75 -13.00 26.14 -13.90
C ASP D 75 -12.49 26.22 -15.35
N PHE D 76 -11.98 25.10 -15.88
CA PHE D 76 -11.28 25.06 -17.19
C PHE D 76 -11.89 24.16 -18.29
N LYS D 77 -12.96 23.45 -18.00
CA LYS D 77 -13.52 22.49 -18.96
C LYS D 77 -14.21 23.07 -20.22
N GLY D 78 -14.19 24.38 -20.42
CA GLY D 78 -14.94 24.97 -21.54
C GLY D 78 -14.18 24.93 -22.85
N ARG D 79 -14.90 25.19 -23.96
CA ARG D 79 -14.29 25.37 -25.29
C ARG D 79 -14.53 26.78 -25.82
N PRO D 80 -13.45 27.50 -26.16
CA PRO D 80 -13.63 28.87 -26.58
C PRO D 80 -14.42 28.94 -27.86
N ASP D 81 -14.98 30.12 -28.09
CA ASP D 81 -15.97 30.31 -29.12
C ASP D 81 -15.27 30.81 -30.38
N LEU D 82 -14.86 29.86 -31.21
CA LEU D 82 -14.00 30.15 -32.34
C LEU D 82 -14.70 29.85 -33.62
N TYR D 83 -14.46 30.70 -34.61
CA TYR D 83 -15.06 30.51 -35.92
C TYR D 83 -14.68 29.14 -36.46
N THR D 84 -13.38 28.84 -36.46
CA THR D 84 -12.90 27.60 -37.07
C THR D 84 -13.71 26.40 -36.58
N PHE D 85 -14.02 26.41 -35.28
CA PHE D 85 -14.78 25.31 -34.66
C PHE D 85 -16.22 25.27 -35.14
N THR D 86 -16.81 26.43 -35.43
CA THR D 86 -18.18 26.48 -35.97
C THR D 86 -18.33 25.70 -37.26
N LEU D 87 -17.22 25.45 -37.95
CA LEU D 87 -17.26 24.72 -39.21
C LEU D 87 -17.10 23.24 -39.00
N ILE D 88 -16.89 22.82 -37.75
CA ILE D 88 -16.64 21.41 -37.44
C ILE D 88 -17.96 20.71 -37.09
N SER D 89 -18.11 19.46 -37.56
CA SER D 89 -19.32 18.69 -37.35
C SER D 89 -20.54 19.59 -37.51
N ASN D 90 -20.46 20.56 -38.42
CA ASN D 90 -21.62 21.36 -38.70
C ASN D 90 -22.13 22.08 -37.44
N GLY D 91 -21.22 22.77 -36.77
CA GLY D 91 -21.56 23.66 -35.64
C GLY D 91 -21.82 22.99 -34.31
N GLN D 92 -21.86 21.67 -34.29
CA GLN D 92 -22.26 20.95 -33.11
C GLN D 92 -21.30 19.78 -32.80
N SER D 93 -20.01 20.09 -32.73
CA SER D 93 -19.03 19.09 -32.34
C SER D 93 -19.05 18.93 -30.84
N MET D 94 -19.10 17.69 -30.40
CA MET D 94 -18.91 17.40 -29.00
C MET D 94 -17.57 17.98 -28.52
N SER D 95 -16.51 17.67 -29.25
CA SER D 95 -15.17 18.11 -28.88
C SER D 95 -14.93 19.61 -29.08
N PHE D 96 -15.48 20.18 -30.16
CA PHE D 96 -15.23 21.61 -30.49
C PHE D 96 -16.36 22.64 -30.25
N SER D 97 -17.61 22.21 -30.01
CA SER D 97 -18.70 23.17 -29.67
C SER D 97 -18.39 23.91 -28.39
N PRO D 98 -18.88 25.15 -28.24
CA PRO D 98 -18.67 25.85 -26.96
C PRO D 98 -19.46 25.24 -25.77
N ASP D 99 -20.40 24.35 -26.09
CA ASP D 99 -21.21 23.64 -25.10
C ASP D 99 -20.42 22.76 -24.12
N SER D 100 -20.43 23.10 -22.83
CA SER D 100 -19.66 22.33 -21.80
C SER D 100 -20.48 21.94 -20.55
N GLY D 101 -21.80 21.92 -20.69
CA GLY D 101 -22.65 21.73 -19.54
C GLY D 101 -22.83 20.26 -19.25
N PRO D 102 -24.03 19.91 -18.78
CA PRO D 102 -24.60 18.59 -18.81
C PRO D 102 -24.74 18.02 -20.21
N VAL D 103 -24.87 18.88 -21.21
CA VAL D 103 -25.10 18.40 -22.58
C VAL D 103 -23.83 17.78 -23.17
N TRP D 104 -22.70 18.46 -23.02
CA TRP D 104 -21.40 17.86 -23.31
C TRP D 104 -21.24 16.59 -22.48
N ALA D 105 -21.39 16.78 -21.17
CA ALA D 105 -21.03 15.77 -20.20
C ALA D 105 -21.68 14.44 -20.51
N ALA D 106 -22.93 14.45 -20.97
CA ALA D 106 -23.67 13.21 -21.26
C ALA D 106 -23.21 12.66 -22.59
N ARG D 107 -22.82 13.57 -23.48
CA ARG D 107 -22.27 13.19 -24.76
C ARG D 107 -20.93 12.46 -24.59
N ARG D 108 -20.07 13.01 -23.74
CA ARG D 108 -18.83 12.30 -23.47
C ARG D 108 -19.20 10.85 -23.13
N ARG D 109 -20.17 10.66 -22.22
CA ARG D 109 -20.47 9.33 -21.68
C ARG D 109 -20.94 8.35 -22.74
N LEU D 110 -21.78 8.83 -23.65
CA LEU D 110 -22.17 8.01 -24.77
C LEU D 110 -20.93 7.48 -25.47
N ALA D 111 -20.05 8.42 -25.80
CA ALA D 111 -18.81 8.10 -26.51
C ALA D 111 -17.97 7.04 -25.79
N GLN D 112 -17.63 7.31 -24.54
CA GLN D 112 -16.86 6.35 -23.72
C GLN D 112 -17.45 4.96 -23.78
N ASN D 113 -18.77 4.86 -23.70
CA ASN D 113 -19.40 3.54 -23.58
C ASN D 113 -19.47 2.85 -24.90
N GLY D 114 -19.71 3.59 -25.96
CA GLY D 114 -19.54 3.02 -27.30
C GLY D 114 -18.12 2.50 -27.48
N LEU D 115 -17.16 3.37 -27.18
CA LEU D 115 -15.75 3.00 -27.27
C LEU D 115 -15.45 1.73 -26.50
N LYS D 116 -15.76 1.72 -25.21
CA LYS D 116 -15.58 0.52 -24.42
C LYS D 116 -16.32 -0.66 -25.02
N SER D 117 -17.56 -0.46 -25.42
CA SER D 117 -18.35 -1.58 -25.88
C SER D 117 -17.74 -2.26 -27.08
N PHE D 118 -17.09 -1.50 -27.94
CA PHE D 118 -16.61 -2.03 -29.21
C PHE D 118 -15.12 -2.11 -29.46
N SER D 119 -14.34 -2.00 -28.41
CA SER D 119 -12.92 -2.10 -28.57
C SER D 119 -12.42 -2.98 -27.48
N ILE D 120 -12.48 -2.46 -26.28
CA ILE D 120 -12.05 -3.14 -25.08
C ILE D 120 -12.84 -4.38 -24.73
N ALA D 121 -14.13 -4.34 -24.99
CA ALA D 121 -15.01 -5.48 -24.66
C ALA D 121 -14.61 -6.74 -25.42
N SER D 122 -14.72 -7.88 -24.77
CA SER D 122 -14.46 -9.19 -25.40
C SER D 122 -15.24 -9.27 -26.68
N ASP D 123 -14.62 -9.94 -27.65
CA ASP D 123 -15.29 -10.34 -28.87
C ASP D 123 -16.24 -11.47 -28.47
N PRO D 124 -17.42 -11.57 -29.12
CA PRO D 124 -18.19 -12.82 -29.05
C PRO D 124 -17.61 -13.93 -29.96
N ALA D 125 -16.97 -13.52 -31.06
CA ALA D 125 -16.38 -14.45 -32.07
C ALA D 125 -15.12 -15.14 -31.57
N SER D 126 -14.16 -14.34 -31.12
CA SER D 126 -12.97 -14.87 -30.44
C SER D 126 -13.35 -15.45 -29.07
N SER D 127 -12.49 -16.31 -28.53
CA SER D 127 -12.51 -16.63 -27.10
C SER D 127 -11.46 -15.78 -26.34
N THR D 128 -10.34 -15.52 -27.01
CA THR D 128 -9.16 -14.95 -26.38
C THR D 128 -9.12 -13.40 -26.41
N SER D 129 -9.38 -12.81 -27.57
CA SER D 129 -9.07 -11.39 -27.82
C SER D 129 -10.26 -10.48 -27.64
N CYS D 130 -9.96 -9.19 -27.46
CA CYS D 130 -10.97 -8.15 -27.46
C CYS D 130 -11.19 -7.64 -28.88
N TYR D 131 -12.11 -6.72 -29.04
CA TYR D 131 -12.48 -6.25 -30.37
C TYR D 131 -11.27 -5.59 -31.02
N LEU D 132 -10.67 -4.64 -30.29
CA LEU D 132 -9.55 -3.85 -30.80
C LEU D 132 -8.50 -4.74 -31.36
N GLU D 133 -8.11 -5.73 -30.58
CA GLU D 133 -7.03 -6.58 -31.00
C GLU D 133 -7.39 -7.33 -32.26
N GLU D 134 -8.66 -7.62 -32.42
CA GLU D 134 -9.07 -8.48 -33.51
C GLU D 134 -8.91 -7.70 -34.79
N HIS D 135 -9.39 -6.47 -34.81
CA HIS D 135 -9.30 -5.69 -36.02
C HIS D 135 -7.86 -5.37 -36.38
N VAL D 136 -7.09 -4.97 -35.38
CA VAL D 136 -5.73 -4.52 -35.61
C VAL D 136 -4.91 -5.65 -36.24
N SER D 137 -4.99 -6.85 -35.70
CA SER D 137 -4.16 -7.90 -36.26
C SER D 137 -4.66 -8.31 -37.64
N LYS D 138 -5.93 -8.09 -37.90
CA LYS D 138 -6.43 -8.27 -39.24
C LYS D 138 -5.68 -7.27 -40.10
N GLU D 139 -5.78 -5.99 -39.74
CA GLU D 139 -5.21 -4.92 -40.54
C GLU D 139 -3.68 -4.98 -40.67
N ALA D 140 -2.97 -5.43 -39.62
CA ALA D 140 -1.52 -5.58 -39.66
C ALA D 140 -1.06 -6.52 -40.75
N GLU D 141 -1.69 -7.65 -40.88
CA GLU D 141 -1.21 -8.66 -41.81
C GLU D 141 -1.44 -8.25 -43.26
N VAL D 142 -2.56 -7.59 -43.53
CA VAL D 142 -2.82 -7.01 -44.85
C VAL D 142 -1.77 -5.97 -45.14
N LEU D 143 -1.59 -5.05 -44.19
CA LEU D 143 -0.57 -4.01 -44.35
C LEU D 143 0.78 -4.61 -44.65
N ILE D 144 1.14 -5.70 -43.96
CA ILE D 144 2.37 -6.40 -44.26
C ILE D 144 2.39 -6.92 -45.69
N SER D 145 1.27 -7.50 -46.10
CA SER D 145 1.11 -8.08 -47.42
C SER D 145 1.23 -7.01 -48.46
N THR D 146 0.39 -6.00 -48.30
CA THR D 146 0.48 -4.79 -49.08
C THR D 146 1.91 -4.26 -49.23
N LEU D 147 2.71 -4.33 -48.19
CA LEU D 147 4.07 -3.75 -48.28
C LEU D 147 5.06 -4.68 -48.99
N GLN D 148 4.82 -5.98 -48.98
CA GLN D 148 5.69 -6.91 -49.69
C GLN D 148 5.56 -6.65 -51.20
N GLU D 149 4.34 -6.36 -51.63
CA GLU D 149 4.05 -6.12 -53.03
C GLU D 149 4.79 -4.90 -53.49
N LEU D 150 4.65 -3.81 -52.75
CA LEU D 150 5.38 -2.60 -53.07
C LEU D 150 6.88 -2.86 -53.23
N MET D 151 7.43 -3.73 -52.38
CA MET D 151 8.87 -4.04 -52.43
C MET D 151 9.28 -4.82 -53.65
N ALA D 152 8.49 -5.82 -54.02
CA ALA D 152 8.72 -6.62 -55.23
C ALA D 152 8.73 -5.72 -56.51
N GLY D 153 7.77 -4.81 -56.60
CA GLY D 153 7.76 -3.82 -57.69
C GLY D 153 8.78 -2.70 -57.42
N PRO D 154 8.29 -1.45 -57.30
CA PRO D 154 9.15 -0.28 -57.12
C PRO D 154 10.28 -0.51 -56.15
N GLY D 155 10.06 -1.37 -55.16
CA GLY D 155 11.06 -1.68 -54.11
C GLY D 155 11.25 -0.57 -53.07
N HIS D 156 10.25 0.31 -52.95
CA HIS D 156 10.24 1.39 -51.96
C HIS D 156 8.84 2.04 -51.84
N PHE D 157 8.59 2.76 -50.74
CA PHE D 157 7.29 3.36 -50.52
C PHE D 157 7.30 4.47 -49.52
N ASN D 158 6.19 5.21 -49.57
CA ASN D 158 5.78 6.12 -48.55
C ASN D 158 4.82 5.33 -47.65
N PRO D 159 5.18 5.12 -46.38
CA PRO D 159 4.34 4.26 -45.53
C PRO D 159 2.98 4.88 -45.20
N TYR D 160 2.99 6.18 -44.92
CA TYR D 160 1.78 6.91 -44.61
C TYR D 160 0.57 6.52 -45.47
N ARG D 161 0.80 6.36 -46.76
CA ARG D 161 -0.28 6.05 -47.70
C ARG D 161 -1.02 4.82 -47.23
N TYR D 162 -0.26 3.79 -46.88
CA TYR D 162 -0.81 2.48 -46.58
C TYR D 162 -1.20 2.35 -45.11
N VAL D 163 -0.49 3.07 -44.27
CA VAL D 163 -0.76 3.06 -42.85
C VAL D 163 -2.13 3.71 -42.52
N VAL D 164 -2.35 4.93 -43.02
CA VAL D 164 -3.62 5.64 -42.85
C VAL D 164 -4.87 4.77 -43.19
N VAL D 165 -4.73 3.84 -44.11
CA VAL D 165 -5.85 2.99 -44.44
C VAL D 165 -5.98 1.91 -43.38
N SER D 166 -4.84 1.32 -43.05
CA SER D 166 -4.81 0.25 -42.05
C SER D 166 -5.40 0.75 -40.73
N VAL D 167 -4.95 1.92 -40.28
CA VAL D 167 -5.45 2.52 -39.04
C VAL D 167 -6.90 2.97 -39.15
N THR D 168 -7.24 3.60 -40.27
CA THR D 168 -8.62 4.01 -40.49
C THR D 168 -9.54 2.77 -40.47
N ASN D 169 -9.10 1.67 -41.04
CA ASN D 169 -9.88 0.46 -41.01
C ASN D 169 -10.23 -0.04 -39.64
N VAL D 170 -9.40 0.29 -38.67
CA VAL D 170 -9.62 -0.22 -37.37
C VAL D 170 -10.70 0.61 -36.74
N ILE D 171 -10.55 1.92 -36.77
CA ILE D 171 -11.54 2.81 -36.21
C ILE D 171 -12.82 2.78 -37.04
N CYS D 172 -12.71 2.40 -38.31
CA CYS D 172 -13.89 2.32 -39.14
C CYS D 172 -14.75 1.14 -38.72
N ALA D 173 -14.13 -0.02 -38.53
CA ALA D 173 -14.81 -1.19 -37.98
C ALA D 173 -15.46 -0.90 -36.63
N ILE D 174 -14.74 -0.24 -35.71
CA ILE D 174 -15.34 0.15 -34.45
C ILE D 174 -16.53 1.12 -34.63
N CYS D 175 -16.45 2.07 -35.56
CA CYS D 175 -17.55 3.04 -35.67
C CYS D 175 -18.69 2.60 -36.58
N PHE D 176 -18.38 1.85 -37.64
CA PHE D 176 -19.35 1.55 -38.67
C PHE D 176 -19.32 0.10 -39.17
N GLY D 177 -18.61 -0.79 -38.49
CA GLY D 177 -18.58 -2.19 -38.91
C GLY D 177 -18.15 -2.42 -40.36
N ARG D 178 -17.24 -1.59 -40.88
CA ARG D 178 -16.74 -1.72 -42.25
C ARG D 178 -15.23 -1.46 -42.32
N ARG D 179 -14.54 -2.33 -43.06
CA ARG D 179 -13.17 -2.07 -43.50
C ARG D 179 -13.20 -1.71 -44.99
N TYR D 180 -12.11 -1.12 -45.48
CA TYR D 180 -11.98 -0.71 -46.87
C TYR D 180 -10.66 -1.20 -47.45
N ASP D 181 -10.68 -1.62 -48.72
CA ASP D 181 -9.49 -2.08 -49.45
C ASP D 181 -8.43 -0.97 -49.53
N HIS D 182 -7.16 -1.31 -49.71
CA HIS D 182 -6.11 -0.26 -49.72
C HIS D 182 -6.21 0.78 -50.87
N ASN D 183 -6.66 0.35 -52.04
CA ASN D 183 -6.85 1.27 -53.16
C ASN D 183 -8.31 1.72 -53.34
N HIS D 184 -9.04 1.90 -52.25
CA HIS D 184 -10.45 2.31 -52.33
C HIS D 184 -10.52 3.84 -52.38
N GLN D 185 -10.93 4.39 -53.52
CA GLN D 185 -10.81 5.84 -53.76
C GLN D 185 -11.72 6.71 -52.89
N GLU D 186 -12.95 6.28 -52.65
CA GLU D 186 -13.87 7.08 -51.80
C GLU D 186 -13.12 7.42 -50.51
N LEU D 187 -12.62 6.37 -49.84
CA LEU D 187 -11.85 6.51 -48.60
C LEU D 187 -10.62 7.43 -48.70
N LEU D 188 -9.73 7.13 -49.62
CA LEU D 188 -8.52 7.94 -49.83
C LEU D 188 -8.84 9.39 -50.01
N SER D 189 -9.99 9.68 -50.62
CA SER D 189 -10.45 11.05 -50.82
C SER D 189 -10.77 11.71 -49.51
N LEU D 190 -11.15 10.87 -48.55
CA LEU D 190 -11.60 11.29 -47.24
C LEU D 190 -10.41 11.58 -46.35
N VAL D 191 -9.44 10.65 -46.31
CA VAL D 191 -8.38 10.68 -45.29
C VAL D 191 -6.97 11.07 -45.80
N ASN D 192 -6.70 10.89 -47.10
CA ASN D 192 -5.37 11.21 -47.68
C ASN D 192 -5.35 12.52 -48.47
N LEU D 193 -6.48 12.78 -49.13
CA LEU D 193 -6.59 13.86 -50.08
C LEU D 193 -6.85 15.19 -49.34
N ASN D 194 -5.79 15.99 -49.22
CA ASN D 194 -5.89 17.37 -48.68
C ASN D 194 -6.20 17.42 -47.18
N ASN D 195 -5.60 16.54 -46.40
CA ASN D 195 -5.93 16.50 -44.99
C ASN D 195 -5.33 17.68 -44.22
N ASN D 196 -5.99 18.83 -44.32
CA ASN D 196 -5.54 20.03 -43.63
C ASN D 196 -6.25 20.31 -42.29
N PHE D 197 -7.02 19.35 -41.78
CA PHE D 197 -7.69 19.53 -40.48
C PHE D 197 -6.71 20.03 -39.42
N GLY D 198 -5.70 19.23 -39.14
CA GLY D 198 -4.59 19.66 -38.31
C GLY D 198 -4.09 21.08 -38.50
N GLU D 199 -3.77 21.45 -39.74
CA GLU D 199 -3.24 22.80 -40.00
C GLU D 199 -4.22 23.84 -39.48
N VAL D 200 -5.48 23.73 -39.86
CA VAL D 200 -6.42 24.81 -39.63
C VAL D 200 -6.69 24.99 -38.15
N VAL D 201 -6.71 23.88 -37.43
CA VAL D 201 -7.31 23.81 -36.11
C VAL D 201 -6.25 23.76 -35.00
N GLY D 202 -5.00 23.72 -35.41
CA GLY D 202 -3.91 23.99 -34.47
C GLY D 202 -4.21 25.25 -33.70
N SER D 203 -3.69 25.34 -32.48
CA SER D 203 -4.00 26.47 -31.60
C SER D 203 -3.26 27.70 -32.09
N GLY D 204 -3.92 28.86 -31.99
CA GLY D 204 -3.38 30.10 -32.48
C GLY D 204 -3.71 30.41 -33.92
N ASN D 205 -4.60 29.64 -34.54
CA ASN D 205 -4.94 29.93 -35.90
C ASN D 205 -5.37 31.37 -36.01
N PRO D 206 -4.69 32.15 -36.87
CA PRO D 206 -4.94 33.58 -36.96
C PRO D 206 -6.35 33.95 -37.35
N ALA D 207 -7.01 33.07 -38.08
CA ALA D 207 -8.28 33.41 -38.68
C ALA D 207 -9.38 33.59 -37.67
N ASP D 208 -9.19 33.06 -36.48
CA ASP D 208 -10.25 33.08 -35.47
C ASP D 208 -10.23 34.39 -34.76
N PHE D 209 -9.03 34.92 -34.53
CA PHE D 209 -8.88 36.15 -33.78
C PHE D 209 -8.85 37.40 -34.67
N ILE D 210 -8.84 37.20 -35.99
CA ILE D 210 -8.71 38.30 -36.95
C ILE D 210 -9.90 38.29 -37.92
N PRO D 211 -10.90 39.13 -37.63
CA PRO D 211 -12.18 39.13 -38.34
C PRO D 211 -12.09 39.17 -39.87
N ILE D 212 -11.24 40.05 -40.39
CA ILE D 212 -11.07 40.18 -41.84
C ILE D 212 -10.85 38.82 -42.48
N LEU D 213 -9.99 38.05 -41.85
CA LEU D 213 -9.39 36.89 -42.44
C LEU D 213 -10.42 35.85 -42.85
N ARG D 214 -11.51 35.77 -42.09
CA ARG D 214 -12.58 34.83 -42.37
C ARG D 214 -13.24 35.17 -43.70
N TYR D 215 -13.66 36.43 -43.84
CA TYR D 215 -14.48 36.88 -44.98
C TYR D 215 -13.67 36.95 -46.27
N LEU D 216 -12.41 37.32 -46.13
CA LEU D 216 -11.45 37.32 -47.23
C LEU D 216 -11.34 35.90 -47.81
N PRO D 217 -11.40 35.76 -49.15
CA PRO D 217 -11.08 34.47 -49.76
C PRO D 217 -9.77 33.86 -49.24
N ASN D 218 -9.89 32.67 -48.65
CA ASN D 218 -8.76 31.98 -48.02
C ASN D 218 -8.69 30.53 -48.51
N PRO D 219 -7.73 30.20 -49.40
CA PRO D 219 -7.67 28.84 -49.95
C PRO D 219 -7.74 27.72 -48.88
N SER D 220 -6.94 27.85 -47.83
CA SER D 220 -6.87 26.81 -46.81
C SER D 220 -8.19 26.73 -46.02
N LEU D 221 -8.77 27.89 -45.72
CA LEU D 221 -10.05 27.93 -45.02
C LEU D 221 -11.19 27.32 -45.83
N ASN D 222 -11.23 27.60 -47.13
CA ASN D 222 -12.27 27.03 -47.97
C ASN D 222 -12.09 25.51 -48.14
N ALA D 223 -10.86 25.03 -48.01
CA ALA D 223 -10.60 23.60 -48.12
C ALA D 223 -11.09 22.89 -46.85
N PHE D 224 -10.97 23.59 -45.72
CA PHE D 224 -11.43 23.08 -44.44
C PHE D 224 -12.93 22.87 -44.55
N LYS D 225 -13.63 23.93 -44.94
CA LYS D 225 -15.08 24.00 -45.00
C LYS D 225 -15.75 22.90 -45.81
N ASP D 226 -15.04 22.36 -46.80
CA ASP D 226 -15.58 21.24 -47.60
C ASP D 226 -14.95 19.88 -47.19
N LEU D 227 -13.85 19.93 -46.45
CA LEU D 227 -13.32 18.72 -45.82
C LEU D 227 -14.32 18.28 -44.75
N ASN D 228 -14.60 19.18 -43.80
CA ASN D 228 -15.67 18.96 -42.83
C ASN D 228 -17.03 18.59 -43.43
N GLU D 229 -17.40 19.21 -44.55
CA GLU D 229 -18.70 18.89 -45.18
C GLU D 229 -18.66 17.54 -45.87
N LYS D 230 -17.52 17.19 -46.45
CA LYS D 230 -17.32 15.88 -47.09
C LYS D 230 -17.39 14.73 -46.06
N PHE D 231 -16.93 15.01 -44.85
CA PHE D 231 -17.04 14.08 -43.74
C PHE D 231 -18.49 13.97 -43.26
N TYR D 232 -19.07 15.12 -42.95
CA TYR D 232 -20.46 15.14 -42.48
C TYR D 232 -21.35 14.31 -43.41
N SER D 233 -21.10 14.36 -44.72
CA SER D 233 -21.88 13.56 -45.67
C SER D 233 -21.55 12.06 -45.61
N PHE D 234 -20.31 11.73 -45.29
CA PHE D 234 -19.92 10.33 -45.11
C PHE D 234 -20.72 9.73 -43.95
N MET D 235 -21.01 10.56 -42.95
CA MET D 235 -21.81 10.12 -41.82
C MET D 235 -23.27 9.93 -42.18
N GLN D 236 -23.94 10.99 -42.66
CA GLN D 236 -25.34 10.89 -43.14
C GLN D 236 -25.46 9.65 -43.99
N LYS D 237 -24.46 9.43 -44.82
CA LYS D 237 -24.43 8.23 -45.63
C LYS D 237 -24.38 7.00 -44.75
N MET D 238 -23.42 6.93 -43.85
CA MET D 238 -23.17 5.73 -43.07
C MET D 238 -24.31 5.39 -42.12
N VAL D 239 -24.81 6.41 -41.44
CA VAL D 239 -25.87 6.18 -40.47
C VAL D 239 -27.06 5.56 -41.15
N LYS D 240 -27.71 6.32 -42.04
CA LYS D 240 -28.79 5.80 -42.91
C LYS D 240 -28.69 4.30 -43.28
N GLU D 241 -27.57 3.87 -43.85
CA GLU D 241 -27.40 2.44 -44.19
C GLU D 241 -27.49 1.49 -42.98
N HIS D 242 -27.30 2.03 -41.79
CA HIS D 242 -27.40 1.26 -40.56
C HIS D 242 -28.86 1.25 -40.10
N TYR D 243 -29.43 2.46 -39.94
CA TYR D 243 -30.91 2.72 -39.79
C TYR D 243 -31.70 1.65 -40.57
N LYS D 244 -31.34 1.47 -41.85
CA LYS D 244 -32.01 0.55 -42.76
C LYS D 244 -31.78 -0.96 -42.46
N THR D 245 -30.93 -1.32 -41.49
CA THR D 245 -30.78 -2.76 -41.11
C THR D 245 -30.56 -3.02 -39.60
N PHE D 246 -30.98 -2.07 -38.78
CA PHE D 246 -30.87 -2.13 -37.31
C PHE D 246 -31.86 -3.13 -36.68
N GLU D 247 -31.34 -4.18 -36.02
CA GLU D 247 -32.15 -5.14 -35.25
C GLU D 247 -32.01 -4.82 -33.76
N LYS D 248 -33.08 -4.29 -33.17
CA LYS D 248 -33.12 -3.87 -31.75
C LYS D 248 -32.13 -4.54 -30.78
N GLY D 249 -32.05 -5.86 -30.84
CA GLY D 249 -31.21 -6.66 -29.93
C GLY D 249 -29.72 -6.66 -30.21
N HIS D 250 -29.34 -6.97 -31.46
CA HIS D 250 -27.94 -7.05 -31.90
C HIS D 250 -27.37 -5.69 -32.39
N ILE D 251 -26.63 -5.00 -31.52
CA ILE D 251 -26.03 -3.71 -31.86
C ILE D 251 -24.65 -4.01 -32.48
N ARG D 252 -24.45 -3.72 -33.76
CA ARG D 252 -23.19 -4.08 -34.48
C ARG D 252 -21.95 -3.16 -34.26
N ASP D 253 -22.15 -1.93 -33.82
CA ASP D 253 -21.06 -0.98 -33.76
C ASP D 253 -21.51 0.34 -33.08
N ILE D 254 -20.59 1.29 -32.92
CA ILE D 254 -20.89 2.52 -32.19
C ILE D 254 -22.03 3.30 -32.85
N THR D 255 -22.14 3.16 -34.16
CA THR D 255 -23.24 3.78 -34.84
C THR D 255 -24.54 3.22 -34.28
N ASP D 256 -24.75 1.91 -34.43
CA ASP D 256 -25.92 1.26 -33.82
C ASP D 256 -26.11 1.64 -32.35
N SER D 257 -25.03 1.74 -31.60
CA SER D 257 -25.11 2.10 -30.18
C SER D 257 -25.75 3.47 -30.06
N LEU D 258 -25.40 4.37 -30.97
CA LEU D 258 -25.88 5.73 -30.89
C LEU D 258 -27.28 5.84 -31.46
N ILE D 259 -27.58 5.08 -32.51
CA ILE D 259 -28.93 5.01 -33.07
C ILE D 259 -29.89 4.63 -31.95
N GLU D 260 -29.61 3.47 -31.34
CA GLU D 260 -30.43 2.93 -30.25
C GLU D 260 -30.73 3.97 -29.20
N HIS D 261 -29.72 4.74 -28.83
CA HIS D 261 -29.91 5.74 -27.81
C HIS D 261 -30.85 6.85 -28.27
N CYS D 262 -30.90 7.11 -29.58
CA CYS D 262 -31.86 8.09 -30.13
C CYS D 262 -33.31 7.67 -29.92
N GLN D 263 -33.52 6.36 -29.81
CA GLN D 263 -34.81 5.81 -29.50
C GLN D 263 -35.07 5.68 -28.00
N GLU D 264 -34.80 6.72 -27.21
CA GLU D 264 -35.13 6.71 -25.77
C GLU D 264 -35.47 8.09 -25.22
N GLN D 274 -34.33 17.09 -25.04
CA GLN D 274 -33.14 17.08 -24.20
C GLN D 274 -31.87 17.40 -25.06
N LEU D 275 -31.32 16.41 -25.75
CA LEU D 275 -30.22 16.64 -26.69
C LEU D 275 -30.57 16.04 -28.04
N SER D 276 -30.29 16.76 -29.12
CA SER D 276 -30.83 16.40 -30.42
C SER D 276 -30.28 15.09 -30.98
N ASP D 277 -30.97 14.56 -31.99
CA ASP D 277 -30.53 13.37 -32.70
C ASP D 277 -29.20 13.62 -33.39
N GLU D 278 -29.10 14.80 -34.00
CA GLU D 278 -27.85 15.26 -34.59
C GLU D 278 -26.76 15.06 -33.56
N LYS D 279 -26.92 15.73 -32.41
CA LYS D 279 -25.87 15.79 -31.40
C LYS D 279 -25.62 14.46 -30.68
N ILE D 280 -26.49 13.47 -30.90
CA ILE D 280 -26.22 12.11 -30.46
C ILE D 280 -25.39 11.42 -31.48
N ILE D 281 -25.86 11.45 -32.72
CA ILE D 281 -25.27 10.66 -33.78
C ILE D 281 -23.93 11.19 -34.24
N ASN D 282 -23.84 12.51 -34.44
CA ASN D 282 -22.62 13.12 -34.95
C ASN D 282 -21.41 13.01 -34.02
N ILE D 283 -21.58 12.19 -33.00
CA ILE D 283 -20.52 11.82 -32.09
C ILE D 283 -19.63 10.76 -32.72
N VAL D 284 -20.16 9.89 -33.58
CA VAL D 284 -19.29 8.95 -34.28
C VAL D 284 -18.23 9.67 -35.09
N LEU D 285 -18.54 10.89 -35.56
CA LEU D 285 -17.59 11.63 -36.37
C LEU D 285 -16.40 12.12 -35.54
N ASP D 286 -16.68 12.66 -34.36
CA ASP D 286 -15.61 12.97 -33.43
C ASP D 286 -14.71 11.76 -33.22
N LEU D 287 -15.30 10.61 -32.97
CA LEU D 287 -14.52 9.41 -32.76
C LEU D 287 -13.81 8.97 -34.03
N PHE D 288 -14.40 9.21 -35.18
CA PHE D 288 -13.79 8.74 -36.41
C PHE D 288 -12.60 9.60 -36.75
N GLY D 289 -12.84 10.91 -36.70
CA GLY D 289 -11.82 11.91 -36.88
C GLY D 289 -10.61 11.61 -36.04
N ALA D 290 -10.65 11.95 -34.75
CA ALA D 290 -9.54 11.68 -33.83
C ALA D 290 -8.90 10.30 -34.00
N GLY D 291 -9.72 9.31 -34.25
CA GLY D 291 -9.23 7.96 -34.26
C GLY D 291 -8.27 7.67 -35.37
N PHE D 292 -8.59 8.14 -36.57
CA PHE D 292 -7.82 7.78 -37.76
C PHE D 292 -6.59 8.70 -37.83
N ASP D 293 -6.79 9.98 -37.55
CA ASP D 293 -5.72 10.96 -37.72
C ASP D 293 -4.62 10.80 -36.70
N THR D 294 -4.96 10.88 -35.42
CA THR D 294 -3.94 10.93 -34.37
C THR D 294 -3.06 9.70 -34.41
N VAL D 295 -3.68 8.55 -34.64
CA VAL D 295 -2.99 7.30 -34.48
C VAL D 295 -2.12 7.04 -35.66
N THR D 296 -2.56 7.50 -36.83
CA THR D 296 -1.75 7.37 -38.04
C THR D 296 -0.52 8.25 -37.84
N THR D 297 -0.72 9.51 -37.48
CA THR D 297 0.40 10.39 -37.17
C THR D 297 1.38 9.73 -36.21
N ALA D 298 0.87 9.02 -35.24
CA ALA D 298 1.74 8.47 -34.22
C ALA D 298 2.53 7.29 -34.78
N ILE D 299 1.86 6.43 -35.51
CA ILE D 299 2.54 5.29 -36.13
C ILE D 299 3.54 5.75 -37.25
N SER D 300 3.26 6.88 -37.88
CA SER D 300 4.06 7.38 -38.94
C SER D 300 5.35 7.82 -38.26
N TRP D 301 5.23 8.77 -37.34
CA TRP D 301 6.42 9.21 -36.63
C TRP D 301 7.22 8.03 -36.09
N SER D 302 6.53 6.99 -35.64
CA SER D 302 7.25 5.89 -35.00
C SER D 302 8.17 5.25 -36.02
N LEU D 303 7.66 5.12 -37.25
CA LEU D 303 8.43 4.54 -38.35
C LEU D 303 9.63 5.42 -38.75
N MET D 304 9.42 6.73 -38.89
CA MET D 304 10.55 7.67 -39.00
C MET D 304 11.62 7.45 -37.91
N TYR D 305 11.21 7.59 -36.65
CA TYR D 305 12.15 7.39 -35.57
C TYR D 305 12.84 6.07 -35.69
N LEU D 306 12.12 5.02 -36.09
CA LEU D 306 12.72 3.68 -36.18
C LEU D 306 13.84 3.56 -37.20
N VAL D 307 13.63 4.27 -38.29
CA VAL D 307 14.37 4.06 -39.52
C VAL D 307 15.57 4.99 -39.50
N MET D 308 15.37 6.17 -38.91
CA MET D 308 16.46 7.04 -38.45
C MET D 308 17.22 6.57 -37.22
N ASN D 309 16.98 5.36 -36.72
CA ASN D 309 17.55 4.96 -35.41
C ASN D 309 17.67 3.49 -35.26
N PRO D 310 18.34 2.85 -36.18
CA PRO D 310 18.23 1.40 -36.30
C PRO D 310 18.62 0.64 -35.07
N ARG D 311 19.49 1.21 -34.24
CA ARG D 311 19.86 0.57 -32.97
C ARG D 311 18.58 0.30 -32.14
N VAL D 312 17.71 1.31 -32.06
CA VAL D 312 16.45 1.19 -31.37
C VAL D 312 15.58 0.04 -31.94
N GLN D 313 15.42 0.04 -33.25
CA GLN D 313 14.65 -0.97 -33.93
C GLN D 313 15.22 -2.35 -33.73
N ARG D 314 16.52 -2.45 -33.49
CA ARG D 314 17.08 -3.77 -33.26
C ARG D 314 16.90 -4.14 -31.81
N LYS D 315 16.91 -3.14 -30.93
CA LYS D 315 16.64 -3.36 -29.51
C LYS D 315 15.21 -3.90 -29.32
N ILE D 316 14.26 -3.27 -29.99
CA ILE D 316 12.88 -3.72 -29.99
C ILE D 316 12.78 -5.14 -30.50
N GLN D 317 13.43 -5.44 -31.61
CA GLN D 317 13.25 -6.76 -32.23
C GLN D 317 13.84 -7.83 -31.35
N GLU D 318 14.86 -7.46 -30.58
CA GLU D 318 15.54 -8.38 -29.66
C GLU D 318 14.71 -8.70 -28.43
N GLU D 319 14.04 -7.69 -27.90
CA GLU D 319 13.04 -7.88 -26.84
C GLU D 319 11.95 -8.84 -27.32
N LEU D 320 11.34 -8.55 -28.46
CA LEU D 320 10.32 -9.43 -28.97
C LEU D 320 10.86 -10.83 -29.11
N ASP D 321 12.07 -10.97 -29.64
CA ASP D 321 12.60 -12.31 -29.85
C ASP D 321 12.74 -12.94 -28.50
N THR D 322 13.38 -12.26 -27.55
CA THR D 322 13.56 -12.79 -26.19
C THR D 322 12.24 -13.13 -25.49
N VAL D 323 11.45 -12.10 -25.18
CA VAL D 323 10.15 -12.29 -24.48
C VAL D 323 9.12 -13.17 -25.19
N ILE D 324 8.81 -12.87 -26.45
CA ILE D 324 7.74 -13.58 -27.15
C ILE D 324 8.22 -14.88 -27.78
N GLY D 325 9.47 -14.94 -28.25
CA GLY D 325 9.91 -16.06 -29.10
C GLY D 325 9.53 -15.74 -30.54
N ARG D 326 9.65 -16.74 -31.42
CA ARG D 326 9.30 -16.60 -32.86
C ARG D 326 8.21 -17.58 -33.34
N SER D 327 7.81 -18.48 -32.46
CA SER D 327 6.86 -19.51 -32.80
C SER D 327 5.42 -19.01 -32.80
N ARG D 328 5.19 -17.80 -32.32
CA ARG D 328 3.84 -17.25 -32.37
C ARG D 328 3.93 -15.76 -32.52
N ARG D 329 2.90 -15.13 -33.09
CA ARG D 329 2.84 -13.68 -33.14
C ARG D 329 2.49 -13.08 -31.79
N PRO D 330 2.90 -11.83 -31.56
CA PRO D 330 2.56 -11.17 -30.30
C PRO D 330 1.06 -10.93 -30.15
N ARG D 331 0.60 -10.70 -28.94
CA ARG D 331 -0.83 -10.50 -28.73
C ARG D 331 -0.87 -9.33 -27.83
N LEU D 332 -2.04 -8.70 -27.74
CA LEU D 332 -2.19 -7.50 -26.90
C LEU D 332 -1.79 -7.81 -25.47
N SER D 333 -1.92 -9.08 -25.09
CA SER D 333 -1.66 -9.49 -23.71
C SER D 333 -0.18 -9.54 -23.36
N ASP D 334 0.70 -9.52 -24.36
CA ASP D 334 2.15 -9.49 -24.10
C ASP D 334 2.61 -8.11 -23.75
N ARG D 335 1.73 -7.12 -23.87
CA ARG D 335 2.15 -5.74 -23.68
C ARG D 335 2.86 -5.53 -22.34
N SER D 336 2.41 -6.18 -21.29
CA SER D 336 2.91 -5.81 -19.95
C SER D 336 4.32 -6.22 -19.74
N HIS D 337 4.78 -7.21 -20.54
CA HIS D 337 6.16 -7.72 -20.52
C HIS D 337 7.11 -7.21 -21.68
N LEU D 338 6.87 -6.03 -22.21
CA LEU D 338 7.72 -5.47 -23.27
C LEU D 338 8.09 -4.04 -22.93
N PRO D 339 8.93 -3.88 -21.91
CA PRO D 339 9.27 -2.52 -21.48
C PRO D 339 10.04 -1.72 -22.54
N TYR D 340 10.85 -2.40 -23.35
CA TYR D 340 11.57 -1.62 -24.40
C TYR D 340 10.57 -0.99 -25.37
N MET D 341 9.65 -1.82 -25.87
CA MET D 341 8.56 -1.37 -26.70
C MET D 341 7.81 -0.23 -26.12
N GLU D 342 7.50 -0.31 -24.84
CA GLU D 342 6.75 0.78 -24.17
C GLU D 342 7.60 2.05 -24.08
N ALA D 343 8.87 1.94 -23.72
CA ALA D 343 9.76 3.13 -23.75
C ALA D 343 9.92 3.74 -25.16
N PHE D 344 9.99 2.88 -26.19
CA PHE D 344 10.01 3.42 -27.56
C PHE D 344 8.78 4.28 -27.87
N ILE D 345 7.61 3.77 -27.49
CA ILE D 345 6.37 4.50 -27.77
C ILE D 345 6.31 5.78 -26.97
N LEU D 346 6.69 5.72 -25.70
CA LEU D 346 6.66 6.91 -24.85
C LEU D 346 7.63 7.90 -25.45
N GLU D 347 8.74 7.38 -25.94
CA GLU D 347 9.78 8.28 -26.36
C GLU D 347 9.36 8.96 -27.65
N THR D 348 8.65 8.22 -28.50
CA THR D 348 8.05 8.82 -29.67
C THR D 348 7.04 9.90 -29.34
N PHE D 349 6.22 9.65 -28.32
CA PHE D 349 5.22 10.63 -27.93
C PHE D 349 5.92 11.84 -27.38
N ARG D 350 6.88 11.65 -26.50
CA ARG D 350 7.51 12.82 -25.88
C ARG D 350 8.34 13.63 -26.88
N HIS D 351 9.25 12.95 -27.57
CA HIS D 351 10.19 13.60 -28.46
C HIS D 351 9.40 14.37 -29.51
N SER D 352 8.51 13.68 -30.21
CA SER D 352 7.66 14.29 -31.22
C SER D 352 6.76 15.36 -30.70
N SER D 353 6.30 15.18 -29.46
CA SER D 353 5.12 15.91 -28.92
C SER D 353 4.14 16.28 -29.99
N PHE D 354 3.67 15.29 -30.71
CA PHE D 354 2.99 15.61 -31.96
C PHE D 354 1.62 16.19 -31.78
N VAL D 355 1.20 16.37 -30.54
CA VAL D 355 0.01 17.15 -30.23
C VAL D 355 0.56 18.16 -29.27
N PRO D 356 1.11 19.22 -29.78
CA PRO D 356 1.88 20.09 -28.91
C PRO D 356 0.99 20.93 -27.98
N PHE D 357 -0.25 21.17 -28.38
CA PHE D 357 -1.21 21.80 -27.53
C PHE D 357 -2.40 20.89 -27.43
N THR D 358 -3.13 21.00 -26.32
CA THR D 358 -4.43 20.41 -26.26
C THR D 358 -5.30 21.25 -27.15
N ILE D 359 -6.44 20.70 -27.52
CA ILE D 359 -7.49 21.53 -28.09
C ILE D 359 -7.62 22.66 -27.08
N PRO D 360 -7.95 23.86 -27.55
CA PRO D 360 -8.00 24.97 -26.60
C PRO D 360 -9.11 24.86 -25.53
N HIS D 361 -8.80 25.38 -24.35
CA HIS D 361 -9.73 25.36 -23.23
C HIS D 361 -10.24 26.77 -22.95
N SER D 362 -11.36 26.82 -22.22
CA SER D 362 -11.98 28.08 -21.85
C SER D 362 -12.52 28.02 -20.43
N THR D 363 -12.36 29.14 -19.73
CA THR D 363 -12.88 29.31 -18.37
C THR D 363 -14.41 29.32 -18.32
N THR D 364 -14.98 28.58 -17.36
CA THR D 364 -16.45 28.52 -17.17
C THR D 364 -16.97 29.50 -16.11
N ARG D 365 -16.08 29.99 -15.25
CA ARG D 365 -16.37 31.08 -14.33
C ARG D 365 -15.03 31.71 -13.99
N ASP D 366 -15.05 32.94 -13.49
CA ASP D 366 -13.83 33.62 -12.96
C ASP D 366 -13.08 32.67 -11.99
N THR D 367 -11.77 32.82 -11.86
CA THR D 367 -11.00 31.88 -11.04
C THR D 367 -9.60 32.39 -10.71
N SER D 368 -8.95 31.65 -9.83
CA SER D 368 -7.60 31.91 -9.46
C SER D 368 -6.78 30.69 -9.79
N LEU D 369 -5.59 30.92 -10.31
CA LEU D 369 -4.73 29.82 -10.63
C LEU D 369 -3.34 30.19 -10.21
N LYS D 370 -2.77 29.36 -9.34
CA LYS D 370 -1.46 29.62 -8.78
C LYS D 370 -1.19 31.13 -8.67
N GLY D 371 -2.13 31.84 -8.02
CA GLY D 371 -1.98 33.26 -7.64
C GLY D 371 -2.42 34.33 -8.62
N PHE D 372 -3.04 33.93 -9.74
CA PHE D 372 -3.41 34.87 -10.80
C PHE D 372 -4.92 34.88 -11.02
N TYR D 373 -5.46 36.05 -11.35
CA TYR D 373 -6.88 36.19 -11.70
C TYR D 373 -7.09 35.91 -13.17
N ILE D 374 -8.05 35.05 -13.48
CA ILE D 374 -8.39 34.71 -14.86
C ILE D 374 -9.90 34.78 -15.02
N PRO D 375 -10.39 35.79 -15.73
CA PRO D 375 -11.84 35.95 -15.81
C PRO D 375 -12.52 34.82 -16.54
N LYS D 376 -13.83 34.72 -16.37
CA LYS D 376 -14.68 33.83 -17.16
C LYS D 376 -14.52 34.14 -18.65
N GLY D 377 -14.86 33.18 -19.53
CA GLY D 377 -14.85 33.41 -21.00
C GLY D 377 -13.46 33.48 -21.64
N ARG D 378 -12.42 33.60 -20.82
CA ARG D 378 -11.07 33.68 -21.30
C ARG D 378 -10.71 32.39 -22.01
N CYS D 379 -10.03 32.53 -23.13
CA CYS D 379 -9.58 31.41 -23.91
C CYS D 379 -8.16 31.03 -23.43
N VAL D 380 -7.90 29.73 -23.31
CA VAL D 380 -6.67 29.21 -22.70
C VAL D 380 -5.96 28.19 -23.60
N PHE D 381 -4.63 28.25 -23.65
CA PHE D 381 -3.84 27.25 -24.35
C PHE D 381 -3.00 26.46 -23.37
N VAL D 382 -2.90 25.17 -23.65
CA VAL D 382 -2.15 24.26 -22.81
C VAL D 382 -1.02 23.63 -23.64
N ASN D 383 0.21 23.85 -23.18
CA ASN D 383 1.39 23.51 -23.89
C ASN D 383 2.01 22.17 -23.49
N GLN D 384 1.49 21.09 -24.08
CA GLN D 384 2.03 19.78 -23.83
C GLN D 384 3.51 19.72 -24.24
N TRP D 385 3.82 20.32 -25.38
CA TRP D 385 5.20 20.36 -25.87
C TRP D 385 6.18 20.84 -24.80
N GLN D 386 5.79 21.89 -24.08
CA GLN D 386 6.69 22.52 -23.11
C GLN D 386 7.11 21.54 -22.02
N ILE D 387 6.13 20.77 -21.53
CA ILE D 387 6.37 19.74 -20.54
C ILE D 387 7.30 18.63 -21.04
N ASN D 388 7.08 18.17 -22.27
CA ASN D 388 7.83 17.04 -22.83
C ASN D 388 9.24 17.37 -23.20
N HIS D 389 9.51 18.67 -23.34
CA HIS D 389 10.88 19.18 -23.55
C HIS D 389 11.47 20.06 -22.41
N ASP D 390 10.75 20.25 -21.30
CA ASP D 390 11.35 20.94 -20.12
C ASP D 390 12.81 20.45 -19.80
N GLN D 391 13.75 21.39 -19.83
CA GLN D 391 15.17 21.09 -19.60
C GLN D 391 15.49 20.52 -18.18
N LYS D 392 14.63 20.87 -17.20
CA LYS D 392 14.82 20.49 -15.77
C LYS D 392 14.16 19.14 -15.39
N LEU D 393 13.11 18.76 -16.13
CA LEU D 393 12.45 17.45 -16.00
C LEU D 393 13.17 16.38 -16.79
N TRP D 394 13.86 16.80 -17.86
CA TRP D 394 14.50 15.87 -18.80
C TRP D 394 15.94 16.20 -19.00
N VAL D 395 16.65 15.21 -19.49
CA VAL D 395 18.07 15.28 -19.69
C VAL D 395 18.36 15.07 -21.18
N ASN D 396 18.70 16.15 -21.89
CA ASN D 396 18.81 16.11 -23.35
C ASN D 396 17.44 15.81 -23.94
N PRO D 397 16.48 16.72 -23.69
CA PRO D 397 15.15 16.56 -24.23
C PRO D 397 15.13 16.43 -25.76
N SER D 398 16.13 17.02 -26.44
CA SER D 398 16.22 16.98 -27.90
C SER D 398 16.64 15.63 -28.44
N GLU D 399 17.39 14.83 -27.70
CA GLU D 399 17.73 13.51 -28.17
C GLU D 399 16.51 12.60 -28.17
N PHE D 400 16.52 11.62 -29.05
CA PHE D 400 15.58 10.58 -29.01
C PHE D 400 16.32 9.44 -28.36
N LEU D 401 16.00 9.23 -27.08
CA LEU D 401 16.64 8.21 -26.24
C LEU D 401 15.59 7.43 -25.41
N PRO D 402 15.04 6.36 -25.99
CA PRO D 402 14.04 5.59 -25.25
C PRO D 402 14.50 5.19 -23.84
N GLU D 403 15.76 4.82 -23.75
CA GLU D 403 16.35 4.30 -22.52
C GLU D 403 16.18 5.25 -21.33
N ARG D 404 15.74 6.46 -21.56
CA ARG D 404 15.52 7.35 -20.47
C ARG D 404 14.36 6.92 -19.57
N PHE D 405 13.56 5.98 -20.04
CA PHE D 405 12.38 5.57 -19.33
C PHE D 405 12.61 4.23 -18.69
N LEU D 406 13.87 3.83 -18.66
CA LEU D 406 14.26 2.51 -18.16
C LEU D 406 15.03 2.58 -16.82
N THR D 407 15.03 1.45 -16.13
CA THR D 407 15.53 1.41 -14.77
C THR D 407 16.80 0.63 -14.91
N PRO D 408 17.69 0.76 -13.94
CA PRO D 408 18.87 -0.08 -13.99
C PRO D 408 18.50 -1.54 -14.19
N ASP D 409 17.49 -2.01 -13.48
CA ASP D 409 17.13 -3.42 -13.60
C ASP D 409 16.48 -3.73 -14.95
N GLY D 410 15.93 -2.72 -15.62
CA GLY D 410 15.44 -2.90 -17.03
C GLY D 410 13.94 -2.78 -17.33
N ALA D 411 13.19 -1.94 -16.63
CA ALA D 411 11.76 -1.81 -16.91
C ALA D 411 11.29 -0.37 -16.81
N ILE D 412 10.02 -0.15 -17.10
CA ILE D 412 9.50 1.19 -17.14
C ILE D 412 9.55 1.83 -15.75
N ASP D 413 10.23 2.95 -15.65
CA ASP D 413 10.15 3.79 -14.48
C ASP D 413 8.85 4.54 -14.60
N LYS D 414 7.87 4.11 -13.82
CA LYS D 414 6.53 4.68 -13.91
C LYS D 414 6.49 6.15 -13.53
N VAL D 415 7.48 6.62 -12.80
CA VAL D 415 7.45 7.99 -12.32
C VAL D 415 7.78 8.94 -13.46
N LEU D 416 8.75 8.51 -14.27
CA LEU D 416 9.22 9.31 -15.40
C LEU D 416 8.25 9.17 -16.56
N SER D 417 7.82 7.94 -16.81
CA SER D 417 6.78 7.69 -17.81
C SER D 417 5.57 8.55 -17.64
N GLU D 418 5.26 8.99 -16.43
CA GLU D 418 4.05 9.79 -16.24
C GLU D 418 4.29 11.26 -16.48
N LYS D 419 5.50 11.58 -16.87
CA LYS D 419 5.79 12.98 -17.12
C LYS D 419 5.54 13.34 -18.61
N VAL D 420 5.33 12.34 -19.46
CA VAL D 420 4.91 12.58 -20.85
C VAL D 420 3.42 12.89 -20.97
N ILE D 421 3.16 14.13 -21.34
CA ILE D 421 1.79 14.59 -21.46
C ILE D 421 1.54 14.82 -22.92
N ILE D 422 0.70 13.97 -23.49
CA ILE D 422 0.28 14.10 -24.86
C ILE D 422 -1.19 13.81 -25.01
N PHE D 423 -1.85 13.41 -23.92
CA PHE D 423 -3.25 12.99 -23.99
C PHE D 423 -4.23 13.89 -23.29
N GLY D 424 -3.78 15.10 -22.96
CA GLY D 424 -4.61 16.03 -22.21
C GLY D 424 -4.47 15.64 -20.75
N MET D 425 -5.42 16.09 -19.92
CA MET D 425 -5.33 15.77 -18.51
C MET D 425 -6.62 15.32 -17.86
N GLY D 426 -7.50 16.24 -17.49
CA GLY D 426 -8.52 15.92 -16.48
C GLY D 426 -9.95 15.77 -16.98
N LYS D 427 -10.70 16.86 -16.92
CA LYS D 427 -12.09 16.81 -17.27
C LYS D 427 -12.24 16.53 -18.73
N ARG D 428 -11.29 17.07 -19.51
CA ARG D 428 -11.43 17.15 -20.95
C ARG D 428 -10.52 16.23 -21.76
N LYS D 429 -9.79 15.37 -21.06
CA LYS D 429 -8.75 14.54 -21.64
C LYS D 429 -9.23 13.65 -22.77
N CYS D 430 -8.25 13.13 -23.49
CA CYS D 430 -8.51 12.18 -24.54
C CYS D 430 -9.28 11.03 -23.95
N ILE D 431 -10.39 10.71 -24.59
CA ILE D 431 -11.17 9.54 -24.27
C ILE D 431 -10.77 8.37 -25.15
N GLY D 432 -9.80 8.59 -26.03
CA GLY D 432 -9.31 7.51 -26.91
C GLY D 432 -8.04 6.90 -26.39
N GLU D 433 -7.47 7.57 -25.39
CA GLU D 433 -6.17 7.18 -24.87
C GLU D 433 -5.89 5.72 -24.86
N THR D 434 -6.63 4.95 -24.10
CA THR D 434 -6.20 3.55 -23.91
C THR D 434 -6.28 2.78 -25.27
N ILE D 435 -7.15 3.20 -26.17
CA ILE D 435 -7.20 2.61 -27.52
C ILE D 435 -5.92 2.94 -28.32
N ALA D 436 -5.57 4.22 -28.35
CA ALA D 436 -4.25 4.69 -28.81
C ALA D 436 -3.09 3.85 -28.34
N ARG D 437 -2.89 3.78 -27.03
CA ARG D 437 -1.72 3.09 -26.54
C ARG D 437 -1.72 1.66 -27.04
N TRP D 438 -2.90 1.09 -27.19
CA TRP D 438 -2.98 -0.34 -27.54
C TRP D 438 -2.83 -0.61 -29.02
N GLU D 439 -3.46 0.23 -29.83
CA GLU D 439 -3.32 0.20 -31.29
C GLU D 439 -1.84 0.34 -31.71
N VAL D 440 -1.24 1.43 -31.26
CA VAL D 440 0.15 1.74 -31.56
C VAL D 440 1.02 0.57 -31.17
N PHE D 441 0.93 0.14 -29.94
CA PHE D 441 1.72 -1.01 -29.48
C PHE D 441 1.59 -2.26 -30.38
N LEU D 442 0.38 -2.54 -30.82
CA LEU D 442 0.10 -3.88 -31.35
C LEU D 442 0.50 -3.97 -32.80
N PHE D 443 0.20 -2.89 -33.52
CA PHE D 443 0.72 -2.71 -34.86
C PHE D 443 2.25 -2.84 -34.82
N LEU D 444 2.93 -2.04 -34.02
CA LEU D 444 4.40 -2.14 -33.98
C LEU D 444 4.86 -3.57 -33.66
N ALA D 445 4.24 -4.20 -32.68
CA ALA D 445 4.76 -5.45 -32.21
C ALA D 445 4.67 -6.47 -33.31
N ILE D 446 3.58 -6.42 -34.08
CA ILE D 446 3.35 -7.47 -35.04
C ILE D 446 4.27 -7.27 -36.24
N LEU D 447 4.31 -6.03 -36.71
CA LEU D 447 5.16 -5.63 -37.80
C LEU D 447 6.62 -5.90 -37.50
N LEU D 448 7.12 -5.29 -36.43
CA LEU D 448 8.53 -5.39 -36.14
C LEU D 448 8.91 -6.78 -35.75
N GLN D 449 7.96 -7.66 -35.51
CA GLN D 449 8.36 -9.04 -35.32
C GLN D 449 8.72 -9.67 -36.65
N ARG D 450 8.05 -9.22 -37.71
CA ARG D 450 8.16 -9.90 -39.01
C ARG D 450 9.18 -9.26 -39.96
N VAL D 451 9.17 -7.94 -39.98
CA VAL D 451 9.92 -7.14 -40.91
C VAL D 451 10.90 -6.21 -40.24
N GLU D 452 11.85 -5.70 -41.03
CA GLU D 452 12.68 -4.55 -40.62
C GLU D 452 12.44 -3.46 -41.66
N PHE D 453 12.30 -2.24 -41.18
CA PHE D 453 12.18 -1.08 -42.01
C PHE D 453 13.54 -0.42 -42.06
N SER D 454 13.86 0.19 -43.20
CA SER D 454 15.15 0.88 -43.39
C SER D 454 14.98 1.96 -44.41
N VAL D 455 15.93 2.86 -44.31
CA VAL D 455 16.08 3.92 -45.23
C VAL D 455 17.54 3.88 -45.70
N PRO D 456 17.76 3.87 -47.02
CA PRO D 456 19.14 3.73 -47.52
C PRO D 456 19.96 4.96 -47.15
N LEU D 457 21.27 4.80 -46.92
CA LEU D 457 22.16 6.02 -46.80
C LEU D 457 22.02 6.94 -48.03
N GLY D 458 22.05 8.24 -47.82
CA GLY D 458 22.15 9.18 -48.92
C GLY D 458 20.89 9.81 -49.38
N VAL D 459 19.78 9.45 -48.76
CA VAL D 459 18.52 10.15 -49.01
C VAL D 459 18.19 11.09 -47.88
N LYS D 460 17.53 12.19 -48.22
CA LYS D 460 17.11 13.13 -47.22
C LYS D 460 15.82 12.70 -46.56
N VAL D 461 15.80 12.80 -45.24
CA VAL D 461 14.66 12.53 -44.42
C VAL D 461 14.49 13.69 -43.46
N ASP D 462 13.49 14.52 -43.70
CA ASP D 462 13.22 15.70 -42.90
C ASP D 462 12.37 15.33 -41.65
N MET D 463 13.00 15.30 -40.47
CA MET D 463 12.30 15.02 -39.20
C MET D 463 11.64 16.26 -38.56
N THR D 464 11.70 17.38 -39.25
CA THR D 464 11.20 18.61 -38.71
C THR D 464 9.68 18.46 -38.74
N PRO D 465 9.01 18.83 -37.63
CA PRO D 465 7.59 18.65 -37.63
C PRO D 465 6.85 19.88 -38.08
N ILE D 466 5.75 19.65 -38.78
CA ILE D 466 4.91 20.71 -39.29
C ILE D 466 3.75 20.95 -38.35
N TYR D 467 3.67 22.17 -37.85
CA TYR D 467 2.65 22.59 -36.87
C TYR D 467 1.22 22.31 -37.28
N GLY D 468 0.40 22.09 -36.26
CA GLY D 468 -1.03 21.80 -36.38
C GLY D 468 -1.50 21.09 -35.11
N LEU D 469 -2.80 20.89 -34.97
CA LEU D 469 -3.26 20.12 -33.84
C LEU D 469 -2.40 18.86 -33.79
N THR D 470 -2.31 18.17 -34.91
CA THR D 470 -1.40 17.05 -35.07
C THR D 470 -0.32 17.40 -36.04
N MET D 471 0.92 17.39 -35.57
CA MET D 471 2.08 17.70 -36.36
C MET D 471 2.51 16.54 -37.26
N LYS D 472 2.50 16.81 -38.54
CA LYS D 472 2.87 15.84 -39.53
C LYS D 472 4.34 16.07 -39.85
N HIS D 473 4.95 15.12 -40.56
CA HIS D 473 6.24 15.37 -41.21
C HIS D 473 6.07 15.49 -42.73
N ALA D 474 7.16 15.75 -43.43
CA ALA D 474 7.12 15.79 -44.89
C ALA D 474 7.03 14.37 -45.42
N CYS D 475 6.33 14.19 -46.54
CA CYS D 475 6.26 12.87 -47.19
C CYS D 475 7.66 12.21 -47.32
N CYS D 476 7.72 10.90 -47.19
CA CYS D 476 8.99 10.24 -47.39
C CYS D 476 8.79 8.97 -48.20
N GLU D 477 9.37 8.98 -49.39
CA GLU D 477 9.06 7.99 -50.41
C GLU D 477 10.11 6.90 -50.40
N HIS D 478 11.06 7.02 -49.50
CA HIS D 478 12.27 6.23 -49.59
C HIS D 478 12.34 5.00 -48.71
N PHE D 479 11.30 4.77 -47.91
CA PHE D 479 11.24 3.66 -46.96
C PHE D 479 11.33 2.31 -47.65
N GLN D 480 12.06 1.39 -47.06
CA GLN D 480 12.09 0.01 -47.56
C GLN D 480 11.85 -1.02 -46.45
N MET D 481 11.53 -2.23 -46.84
CA MET D 481 11.05 -3.25 -45.94
C MET D 481 11.56 -4.60 -46.39
N GLN D 482 12.18 -5.31 -45.46
CA GLN D 482 12.66 -6.64 -45.75
C GLN D 482 12.12 -7.49 -44.64
N LEU D 483 11.71 -8.71 -44.98
CA LEU D 483 11.36 -9.72 -43.99
C LEU D 483 12.58 -10.02 -43.12
N ARG D 484 12.39 -10.62 -41.95
CA ARG D 484 13.52 -11.01 -41.09
C ARG D 484 13.82 -12.51 -41.11
N SER D 485 15.02 -12.89 -40.70
CA SER D 485 15.34 -14.30 -40.38
C SER D 485 14.08 -15.07 -39.96
#